data_1YKG
#
_entry.id   1YKG
#
loop_
_entity.id
_entity.type
_entity.pdbx_description
1 polymer 'Sulfite reductase [NADPH] flavoprotein alpha-component'
2 non-polymer 'FLAVIN MONONUCLEOTIDE'
#
_entity_poly.entity_id   1
_entity_poly.type   'polypeptide(L)'
_entity_poly.pdbx_seq_one_letter_code
;ATPAPAAEMPGITIISASQTGNARRVAEALRDDLLAAKLNVKLVNAGDYKFKQIASEKLLIVVTSTQGEGEPPEEAVALH
KFLFSKKAPKLENTAFAVFSLGDTSYEFFCQSGKDFDSKLAELGGERLLDRVDADVEYQAAASEWRARVVDALKSRAPVA
APSQSVA
;
_entity_poly.pdbx_strand_id   A
#
loop_
_chem_comp.id
_chem_comp.type
_chem_comp.name
_chem_comp.formula
FMN non-polymer 'FLAVIN MONONUCLEOTIDE' 'C17 H21 N4 O9 P'
#
# COMPACT_ATOMS: atom_id res chain seq x y z
N ILE A 12 3.82 12.97 0.27
CA ILE A 12 3.24 11.64 0.48
C ILE A 12 3.52 10.81 -0.76
N THR A 13 3.86 9.54 -0.56
CA THR A 13 4.15 8.59 -1.61
C THR A 13 3.10 7.48 -1.59
N ILE A 14 2.34 7.34 -2.68
CA ILE A 14 1.31 6.32 -2.83
C ILE A 14 1.93 5.31 -3.81
N ILE A 15 1.98 4.04 -3.41
CA ILE A 15 2.52 2.96 -4.24
C ILE A 15 1.32 2.11 -4.66
N SER A 16 1.26 1.73 -5.95
CA SER A 16 0.18 0.91 -6.49
C SER A 16 0.77 -0.41 -6.97
N ALA A 17 0.17 -1.53 -6.57
CA ALA A 17 0.58 -2.84 -7.05
C ALA A 17 -0.69 -3.52 -7.56
N SER A 18 -0.78 -3.59 -8.90
CA SER A 18 -1.95 -4.10 -9.60
C SER A 18 -1.53 -5.09 -10.66
N GLN A 19 -2.26 -6.21 -10.76
CA GLN A 19 -2.04 -7.18 -11.80
C GLN A 19 -2.90 -6.72 -12.96
N THR A 20 -4.12 -6.28 -12.66
CA THR A 20 -4.95 -5.86 -13.78
C THR A 20 -5.00 -4.35 -14.01
N GLY A 21 -5.12 -3.49 -12.95
CA GLY A 21 -5.00 -2.03 -12.93
C GLY A 21 -5.96 -1.35 -11.92
N ASN A 22 -6.61 -2.15 -11.05
CA ASN A 22 -7.58 -1.63 -10.08
C ASN A 22 -6.93 -0.88 -8.92
N ALA A 23 -5.87 -1.39 -8.27
CA ALA A 23 -5.22 -0.65 -7.20
C ALA A 23 -4.70 0.68 -7.73
N ARG A 24 -4.26 0.68 -8.99
CA ARG A 24 -3.76 1.88 -9.61
C ARG A 24 -4.84 2.95 -9.67
N ARG A 25 -6.06 2.56 -10.07
CA ARG A 25 -7.17 3.49 -10.16
C ARG A 25 -7.51 4.08 -8.81
N VAL A 26 -7.54 3.26 -7.75
CA VAL A 26 -7.83 3.70 -6.40
C VAL A 26 -6.73 4.65 -5.96
N ALA A 27 -5.48 4.31 -6.25
CA ALA A 27 -4.34 5.14 -5.90
C ALA A 27 -4.46 6.52 -6.54
N GLU A 28 -4.93 6.56 -7.80
CA GLU A 28 -5.14 7.78 -8.53
C GLU A 28 -6.23 8.63 -7.86
N ALA A 29 -7.30 8.00 -7.38
CA ALA A 29 -8.36 8.71 -6.67
C ALA A 29 -7.80 9.25 -5.36
N LEU A 30 -7.01 8.44 -4.67
CA LEU A 30 -6.43 8.77 -3.38
C LEU A 30 -5.42 9.89 -3.50
N ARG A 31 -4.49 9.73 -4.44
CA ARG A 31 -3.45 10.75 -4.59
C ARG A 31 -4.12 12.09 -4.85
N ASP A 32 -5.20 12.06 -5.65
CA ASP A 32 -5.96 13.25 -5.98
C ASP A 32 -6.64 13.84 -4.77
N ASP A 33 -7.10 13.01 -3.82
CA ASP A 33 -7.76 13.51 -2.63
C ASP A 33 -6.73 14.28 -1.82
N LEU A 34 -5.48 13.79 -1.83
CA LEU A 34 -4.37 14.36 -1.10
C LEU A 34 -3.84 15.59 -1.85
N LEU A 35 -3.82 15.55 -3.19
CA LEU A 35 -3.51 16.75 -3.96
C LEU A 35 -4.60 17.75 -3.56
N ALA A 36 -5.84 17.28 -3.45
CA ALA A 36 -6.94 18.14 -3.06
C ALA A 36 -6.78 18.71 -1.63
N ALA A 37 -6.16 17.97 -0.70
CA ALA A 37 -6.02 18.33 0.72
C ALA A 37 -4.67 18.91 1.18
N LYS A 38 -3.68 18.77 0.31
CA LYS A 38 -2.33 19.13 0.71
C LYS A 38 -1.41 19.71 -0.37
N LEU A 39 -1.11 18.75 -1.25
CA LEU A 39 -0.43 18.94 -2.54
C LEU A 39 0.75 18.10 -3.04
N ASN A 40 1.88 17.93 -2.33
CA ASN A 40 3.03 17.17 -2.82
C ASN A 40 2.78 15.68 -2.66
N VAL A 41 2.14 15.09 -3.68
CA VAL A 41 1.85 13.66 -3.68
C VAL A 41 2.57 13.06 -4.89
N LYS A 42 3.21 11.90 -4.66
CA LYS A 42 3.92 11.17 -5.69
C LYS A 42 3.26 9.79 -5.84
N LEU A 43 2.75 9.48 -7.03
CA LEU A 43 2.11 8.21 -7.33
C LEU A 43 3.08 7.40 -8.17
N VAL A 44 3.45 6.20 -7.73
CA VAL A 44 4.34 5.32 -8.48
C VAL A 44 3.85 3.87 -8.45
N ASN A 45 4.17 3.13 -9.52
CA ASN A 45 3.87 1.71 -9.60
C ASN A 45 5.02 0.96 -8.94
N ALA A 46 4.72 -0.14 -8.25
CA ALA A 46 5.75 -0.94 -7.59
C ALA A 46 6.88 -1.34 -8.55
N GLY A 47 6.60 -1.49 -9.85
CA GLY A 47 7.60 -1.87 -10.84
C GLY A 47 8.54 -0.73 -11.17
N ASP A 48 8.12 0.53 -10.97
CA ASP A 48 8.86 1.73 -11.24
C ASP A 48 8.85 2.52 -9.94
N TYR A 49 9.49 2.04 -8.89
CA TYR A 49 9.73 2.79 -7.69
C TYR A 49 11.10 2.31 -7.27
N LYS A 50 12.04 3.24 -7.05
CA LYS A 50 13.38 2.90 -6.64
C LYS A 50 13.27 2.58 -5.15
N PHE A 51 12.60 1.47 -4.86
CA PHE A 51 12.27 1.10 -3.50
C PHE A 51 13.43 1.00 -2.50
N LYS A 52 14.67 1.23 -2.93
CA LYS A 52 15.83 1.22 -2.04
C LYS A 52 15.77 2.44 -1.11
N GLN A 53 14.98 3.45 -1.51
CA GLN A 53 14.81 4.68 -0.75
C GLN A 53 13.49 4.71 -0.02
N ILE A 54 12.70 3.63 -0.06
CA ILE A 54 11.43 3.57 0.66
C ILE A 54 11.60 4.10 2.09
N ALA A 55 12.79 3.94 2.69
CA ALA A 55 13.21 4.45 3.99
C ALA A 55 13.06 5.98 4.13
N SER A 56 13.33 6.68 3.03
CA SER A 56 13.34 8.12 2.98
C SER A 56 11.93 8.73 3.06
N GLU A 57 10.90 7.87 3.06
CA GLU A 57 9.52 8.31 3.10
C GLU A 57 9.06 8.61 4.52
N LYS A 58 8.38 9.75 4.68
CA LYS A 58 7.81 10.16 5.96
C LYS A 58 6.38 9.60 6.02
N LEU A 59 5.67 9.66 4.88
CA LEU A 59 4.29 9.25 4.77
C LEU A 59 4.24 8.45 3.48
N LEU A 60 3.90 7.18 3.65
CA LEU A 60 3.87 6.22 2.56
C LEU A 60 2.56 5.43 2.55
N ILE A 61 1.96 5.26 1.37
CA ILE A 61 0.78 4.43 1.21
C ILE A 61 1.01 3.32 0.19
N VAL A 62 0.58 2.10 0.51
CA VAL A 62 0.71 0.99 -0.43
C VAL A 62 -0.67 0.43 -0.78
N VAL A 63 -0.93 0.25 -2.08
CA VAL A 63 -2.14 -0.40 -2.56
C VAL A 63 -1.64 -1.64 -3.29
N THR A 64 -2.02 -2.84 -2.85
CA THR A 64 -1.51 -4.09 -3.39
C THR A 64 -2.64 -5.13 -3.46
N SER A 65 -2.64 -5.85 -4.57
CA SER A 65 -3.58 -6.92 -4.84
C SER A 65 -2.93 -8.23 -4.43
N THR A 66 -3.70 -9.33 -4.42
CA THR A 66 -3.21 -10.67 -4.09
C THR A 66 -3.37 -11.50 -5.34
N GLN A 67 -2.36 -12.27 -5.71
CA GLN A 67 -2.31 -13.08 -6.92
C GLN A 67 -2.25 -14.59 -6.66
N GLY A 68 -2.40 -15.32 -7.76
CA GLY A 68 -2.38 -16.78 -7.78
C GLY A 68 -1.54 -17.40 -6.66
N GLU A 69 -2.16 -18.27 -5.87
CA GLU A 69 -1.52 -18.94 -4.73
C GLU A 69 -1.14 -17.97 -3.61
N GLY A 70 -1.79 -16.80 -3.56
CA GLY A 70 -1.57 -15.80 -2.53
C GLY A 70 -0.27 -15.01 -2.68
N GLU A 71 0.26 -15.00 -3.91
CA GLU A 71 1.53 -14.34 -4.19
C GLU A 71 1.30 -12.82 -4.38
N PRO A 72 2.29 -11.97 -4.08
CA PRO A 72 2.14 -10.53 -4.24
C PRO A 72 2.08 -10.16 -5.73
N PRO A 73 1.63 -8.94 -6.09
CA PRO A 73 1.56 -8.50 -7.47
C PRO A 73 2.99 -8.52 -8.01
N GLU A 74 3.09 -8.87 -9.30
CA GLU A 74 4.35 -9.07 -9.98
C GLU A 74 5.25 -7.86 -9.81
N GLU A 75 4.73 -6.67 -10.08
CA GLU A 75 5.54 -5.47 -10.00
C GLU A 75 6.09 -5.18 -8.61
N ALA A 76 5.55 -5.86 -7.59
CA ALA A 76 5.93 -5.68 -6.20
C ALA A 76 6.69 -6.90 -5.65
N VAL A 77 7.00 -7.90 -6.49
CA VAL A 77 7.69 -9.11 -6.04
C VAL A 77 9.07 -8.78 -5.50
N ALA A 78 9.87 -7.99 -6.23
CA ALA A 78 11.23 -7.65 -5.81
C ALA A 78 11.13 -6.84 -4.53
N LEU A 79 10.17 -5.91 -4.50
CA LEU A 79 9.88 -5.07 -3.37
C LEU A 79 9.47 -5.95 -2.20
N HIS A 80 8.49 -6.84 -2.38
CA HIS A 80 8.07 -7.65 -1.25
C HIS A 80 9.21 -8.55 -0.82
N LYS A 81 9.96 -9.15 -1.77
CA LYS A 81 11.08 -9.98 -1.44
C LYS A 81 12.13 -9.16 -0.72
N PHE A 82 12.39 -7.93 -1.18
CA PHE A 82 13.36 -7.02 -0.61
C PHE A 82 12.92 -6.71 0.82
N LEU A 83 11.67 -6.29 0.94
CA LEU A 83 11.08 -5.97 2.22
C LEU A 83 11.12 -7.22 3.13
N PHE A 84 11.11 -8.41 2.52
CA PHE A 84 11.19 -9.68 3.26
C PHE A 84 12.64 -10.18 3.39
N SER A 85 13.63 -9.44 2.86
CA SER A 85 15.01 -9.88 2.91
C SER A 85 15.72 -9.46 4.20
N LYS A 86 16.81 -10.18 4.51
CA LYS A 86 17.66 -9.88 5.66
C LYS A 86 18.32 -8.50 5.49
N LYS A 87 18.18 -7.90 4.30
CA LYS A 87 18.75 -6.60 3.98
C LYS A 87 17.70 -5.48 4.05
N ALA A 88 16.46 -5.81 4.38
CA ALA A 88 15.37 -4.85 4.45
C ALA A 88 15.67 -3.83 5.57
N PRO A 89 15.58 -2.52 5.30
CA PRO A 89 15.88 -1.50 6.27
C PRO A 89 14.76 -1.31 7.29
N LYS A 90 15.10 -0.76 8.45
CA LYS A 90 14.11 -0.45 9.46
C LYS A 90 13.41 0.83 9.02
N LEU A 91 12.09 0.92 9.25
CA LEU A 91 11.30 2.09 8.91
C LEU A 91 11.58 3.16 9.97
N GLU A 92 12.85 3.59 10.04
CA GLU A 92 13.37 4.52 11.01
C GLU A 92 12.45 5.72 11.26
N ASN A 93 11.81 6.22 10.19
CA ASN A 93 10.91 7.35 10.28
C ASN A 93 9.85 7.28 9.18
N THR A 94 9.28 6.09 9.00
CA THR A 94 8.26 5.87 7.97
C THR A 94 6.94 5.35 8.57
N ALA A 95 5.83 6.00 8.20
CA ALA A 95 4.52 5.54 8.67
C ALA A 95 3.75 5.03 7.47
N PHE A 96 2.85 4.07 7.69
CA PHE A 96 2.15 3.46 6.58
C PHE A 96 0.70 3.07 6.75
N ALA A 97 0.03 2.83 5.62
CA ALA A 97 -1.33 2.34 5.56
C ALA A 97 -1.42 1.49 4.29
N VAL A 98 -2.06 0.34 4.41
CA VAL A 98 -2.21 -0.57 3.27
C VAL A 98 -3.68 -0.87 2.97
N PHE A 99 -4.00 -0.87 1.67
CA PHE A 99 -5.33 -1.17 1.13
C PHE A 99 -5.11 -2.33 0.18
N SER A 100 -5.91 -3.39 0.32
CA SER A 100 -5.74 -4.54 -0.55
C SER A 100 -7.00 -4.99 -1.27
N LEU A 101 -6.80 -5.40 -2.53
CA LEU A 101 -7.86 -5.89 -3.38
C LEU A 101 -7.77 -7.41 -3.35
N GLY A 102 -8.86 -8.11 -3.00
CA GLY A 102 -8.84 -9.56 -2.95
C GLY A 102 -10.22 -10.15 -3.23
N ASP A 103 -10.32 -11.47 -3.12
CA ASP A 103 -11.55 -12.20 -3.35
C ASP A 103 -11.68 -13.36 -2.36
N THR A 104 -12.74 -13.31 -1.58
CA THR A 104 -13.06 -14.30 -0.56
C THR A 104 -13.16 -15.71 -1.13
N SER A 105 -13.45 -15.87 -2.43
CA SER A 105 -13.59 -17.18 -3.04
C SER A 105 -12.26 -17.94 -3.04
N TYR A 106 -11.13 -17.22 -3.03
CA TYR A 106 -9.80 -17.84 -3.04
C TYR A 106 -9.41 -18.12 -1.59
N GLU A 107 -8.55 -19.13 -1.41
CA GLU A 107 -8.06 -19.53 -0.10
C GLU A 107 -7.25 -18.44 0.60
N PHE A 108 -6.32 -17.86 -0.15
CA PHE A 108 -5.42 -16.81 0.30
C PHE A 108 -6.07 -15.47 0.06
N PHE A 109 -7.21 -15.24 0.71
CA PHE A 109 -7.94 -13.99 0.52
C PHE A 109 -7.10 -12.85 1.09
N CYS A 110 -6.75 -11.90 0.21
CA CYS A 110 -6.03 -10.69 0.58
C CYS A 110 -4.65 -10.94 1.24
N GLN A 111 -3.99 -12.05 0.89
CA GLN A 111 -2.69 -12.37 1.48
C GLN A 111 -1.60 -11.33 1.28
N SER A 112 -1.55 -10.64 0.13
CA SER A 112 -0.49 -9.67 -0.12
C SER A 112 -0.53 -8.52 0.89
N GLY A 113 -1.76 -8.09 1.19
CA GLY A 113 -1.96 -7.03 2.15
C GLY A 113 -1.47 -7.47 3.51
N LYS A 114 -1.85 -8.70 3.90
CA LYS A 114 -1.41 -9.27 5.17
C LYS A 114 0.11 -9.29 5.22
N ASP A 115 0.78 -9.65 4.11
CA ASP A 115 2.24 -9.71 4.02
C ASP A 115 2.89 -8.33 4.18
N PHE A 116 2.47 -7.37 3.37
CA PHE A 116 3.04 -6.03 3.46
C PHE A 116 2.73 -5.42 4.84
N ASP A 117 1.50 -5.57 5.31
CA ASP A 117 1.11 -5.03 6.60
C ASP A 117 1.95 -5.59 7.75
N SER A 118 2.27 -6.88 7.66
CA SER A 118 3.01 -7.54 8.71
C SER A 118 4.47 -7.14 8.72
N LYS A 119 5.16 -7.38 7.60
CA LYS A 119 6.58 -7.15 7.49
C LYS A 119 6.94 -5.71 7.89
N LEU A 120 6.16 -4.72 7.43
CA LEU A 120 6.42 -3.32 7.78
C LEU A 120 6.39 -3.13 9.27
N ALA A 121 5.36 -3.66 9.94
CA ALA A 121 5.18 -3.52 11.36
C ALA A 121 6.31 -4.28 12.05
N GLU A 122 6.66 -5.48 11.57
CA GLU A 122 7.76 -6.25 12.12
C GLU A 122 9.07 -5.47 12.05
N LEU A 123 9.28 -4.74 10.94
CA LEU A 123 10.48 -3.92 10.77
C LEU A 123 10.44 -2.68 11.65
N GLY A 124 9.28 -2.35 12.21
CA GLY A 124 9.11 -1.22 13.12
C GLY A 124 8.35 -0.04 12.52
N GLY A 125 7.75 -0.17 11.33
CA GLY A 125 6.99 0.90 10.70
C GLY A 125 5.77 1.23 11.55
N GLU A 126 5.27 2.47 11.48
CA GLU A 126 4.12 2.89 12.26
C GLU A 126 2.86 2.86 11.39
N ARG A 127 1.88 2.05 11.79
CA ARG A 127 0.65 1.95 11.05
C ARG A 127 -0.25 3.18 11.29
N LEU A 128 -0.50 3.94 10.22
CA LEU A 128 -1.33 5.12 10.25
C LEU A 128 -2.78 4.70 10.39
N LEU A 129 -3.13 3.61 9.70
CA LEU A 129 -4.48 3.12 9.67
C LEU A 129 -4.41 1.60 9.63
N ASP A 130 -5.40 0.93 10.22
CA ASP A 130 -5.48 -0.51 10.20
C ASP A 130 -5.59 -0.92 8.72
N ARG A 131 -4.92 -2.01 8.34
CA ARG A 131 -4.95 -2.51 6.99
C ARG A 131 -6.39 -2.78 6.57
N VAL A 132 -6.73 -2.43 5.33
CA VAL A 132 -8.05 -2.64 4.79
C VAL A 132 -7.93 -3.72 3.73
N ASP A 133 -8.73 -4.76 3.89
CA ASP A 133 -8.80 -5.89 2.99
C ASP A 133 -10.11 -5.68 2.25
N ALA A 134 -10.07 -5.77 0.93
CA ALA A 134 -11.25 -5.52 0.12
C ALA A 134 -11.58 -6.72 -0.73
N ASP A 135 -12.87 -7.05 -0.83
CA ASP A 135 -13.38 -8.17 -1.59
C ASP A 135 -13.58 -7.69 -3.03
N VAL A 136 -14.14 -8.57 -3.86
CA VAL A 136 -14.40 -8.27 -5.25
C VAL A 136 -15.21 -6.97 -5.47
N GLU A 137 -16.19 -6.64 -4.60
CA GLU A 137 -16.98 -5.42 -4.81
C GLU A 137 -16.06 -4.20 -4.77
N TYR A 138 -14.97 -4.28 -4.00
CA TYR A 138 -13.87 -3.34 -3.89
C TYR A 138 -14.16 -1.84 -3.90
N GLN A 139 -14.97 -1.39 -4.83
CA GLN A 139 -15.22 0.05 -4.99
C GLN A 139 -15.69 0.76 -3.73
N ALA A 140 -16.41 0.27 -2.68
CA ALA A 140 -16.82 1.07 -1.54
C ALA A 140 -15.69 1.12 -0.52
N ALA A 141 -14.89 0.05 -0.43
CA ALA A 141 -13.78 -0.05 0.48
C ALA A 141 -12.71 0.97 0.13
N ALA A 142 -12.37 1.06 -1.16
CA ALA A 142 -11.38 2.02 -1.61
C ALA A 142 -11.81 3.43 -1.26
N SER A 143 -13.09 3.73 -1.47
CA SER A 143 -13.69 5.02 -1.17
C SER A 143 -13.71 5.27 0.34
N GLU A 144 -14.27 4.38 1.18
CA GLU A 144 -14.29 4.59 2.62
C GLU A 144 -12.84 4.69 3.12
N TRP A 145 -11.97 3.80 2.63
CA TRP A 145 -10.56 3.83 3.00
C TRP A 145 -9.96 5.15 2.56
N ARG A 146 -10.24 5.58 1.32
CA ARG A 146 -9.76 6.84 0.82
C ARG A 146 -10.12 7.99 1.75
N ALA A 147 -11.41 8.09 2.11
CA ALA A 147 -11.91 9.14 3.00
C ALA A 147 -11.20 9.16 4.36
N ARG A 148 -10.70 8.01 4.85
CA ARG A 148 -10.10 7.92 6.17
C ARG A 148 -8.64 8.29 6.16
N VAL A 149 -7.88 7.88 5.13
CA VAL A 149 -6.48 8.24 5.10
C VAL A 149 -6.41 9.76 5.00
N VAL A 150 -7.29 10.39 4.24
CA VAL A 150 -7.31 11.83 4.11
C VAL A 150 -7.46 12.45 5.50
N ASP A 151 -8.51 12.04 6.24
CA ASP A 151 -8.77 12.49 7.60
C ASP A 151 -7.57 12.20 8.51
N ALA A 152 -6.96 11.01 8.37
CA ALA A 152 -5.82 10.62 9.19
C ALA A 152 -4.57 11.41 8.85
N LEU A 153 -4.24 11.51 7.57
CA LEU A 153 -3.04 12.20 7.11
C LEU A 153 -3.13 13.67 7.49
N LYS A 154 -4.32 14.26 7.35
CA LYS A 154 -4.53 15.65 7.76
C LYS A 154 -4.19 15.76 9.25
N SER A 155 -4.47 14.70 10.00
CA SER A 155 -4.24 14.63 11.44
C SER A 155 -2.92 13.97 11.82
N ARG A 156 -2.12 13.47 10.86
CA ARG A 156 -0.88 12.74 11.17
C ARG A 156 0.32 13.25 10.36
N ALA A 157 0.29 14.51 9.95
CA ALA A 157 1.39 15.14 9.22
C ALA A 157 1.86 16.35 10.04
N1 FMN B . -7.36 -12.16 -4.60
C2 FMN B . -7.30 -12.77 -3.39
O2 FMN B . -7.74 -12.24 -2.38
N3 FMN B . -6.70 -13.99 -3.27
C4 FMN B . -6.17 -14.75 -4.30
O4 FMN B . -5.67 -15.85 -4.03
C4A FMN B . -6.24 -14.14 -5.61
N5 FMN B . -5.73 -14.75 -6.76
C5A FMN B . -5.83 -14.12 -7.95
C6 FMN B . -5.36 -14.84 -9.07
C7 FMN B . -5.37 -14.26 -10.35
C7M FMN B . -4.86 -15.06 -11.52
C8 FMN B . -5.88 -12.96 -10.52
C8M FMN B . -5.92 -12.29 -11.88
C9 FMN B . -6.39 -12.25 -9.41
C9A FMN B . -6.38 -12.80 -8.10
N10 FMN B . -6.84 -12.11 -7.00
C10 FMN B . -6.85 -12.78 -5.74
C1' FMN B . -7.17 -10.65 -7.01
C2' FMN B . -8.67 -10.45 -7.18
O2' FMN B . -9.33 -10.90 -6.01
C3' FMN B . -9.11 -8.98 -7.33
O3' FMN B . -8.88 -8.35 -6.10
C4' FMN B . -8.49 -8.19 -8.52
O4' FMN B . -9.50 -7.39 -9.11
C5' FMN B . -7.33 -7.24 -8.16
O5' FMN B . -7.02 -6.40 -9.27
P FMN B . -5.66 -5.48 -9.28
O1P FMN B . -4.60 -6.51 -9.32
O2P FMN B . -5.78 -4.68 -10.50
O3P FMN B . -5.76 -4.71 -8.02
HN3 FMN B . -6.52 -14.34 -2.33
H6 FMN B . -4.98 -15.83 -8.93
HM71 FMN B . -3.96 -14.59 -11.92
HM72 FMN B . -4.61 -16.08 -11.23
HM73 FMN B . -5.62 -15.10 -12.30
HM81 FMN B . -5.19 -12.71 -12.56
HM82 FMN B . -5.70 -11.22 -11.77
HM83 FMN B . -6.91 -12.40 -12.31
H9 FMN B . -6.83 -11.28 -9.60
H1'1 FMN B . -6.85 -10.17 -6.09
H1'2 FMN B . -6.64 -10.14 -7.80
H2' FMN B . -9.02 -11.04 -8.04
HO2' FMN B . -8.70 -11.42 -5.49
H3' FMN B . -10.19 -9.04 -7.43
HO3' FMN B . -9.21 -8.95 -5.42
H4' FMN B . -8.16 -8.93 -9.26
HO4' FMN B . -9.05 -6.73 -9.64
H5'1 FMN B . -7.60 -6.60 -7.33
H5'2 FMN B . -6.46 -7.84 -7.88
N ILE A 12 3.67 12.61 0.81
CA ILE A 12 2.95 11.35 0.90
C ILE A 12 3.27 10.53 -0.36
N THR A 13 3.72 9.29 -0.19
CA THR A 13 4.07 8.41 -1.29
C THR A 13 2.99 7.33 -1.37
N ILE A 14 2.30 7.23 -2.52
CA ILE A 14 1.25 6.23 -2.75
C ILE A 14 1.84 5.20 -3.71
N ILE A 15 1.81 3.92 -3.33
CA ILE A 15 2.28 2.82 -4.17
C ILE A 15 1.04 2.00 -4.57
N SER A 16 0.94 1.65 -5.85
CA SER A 16 -0.18 0.88 -6.38
C SER A 16 0.37 -0.43 -6.90
N ALA A 17 -0.21 -1.56 -6.50
CA ALA A 17 0.19 -2.86 -7.00
C ALA A 17 -1.08 -3.58 -7.47
N SER A 18 -1.23 -3.64 -8.79
CA SER A 18 -2.41 -4.19 -9.44
C SER A 18 -2.03 -5.19 -10.50
N GLN A 19 -2.77 -6.31 -10.57
CA GLN A 19 -2.59 -7.28 -11.62
C GLN A 19 -3.44 -6.73 -12.77
N THR A 20 -4.62 -6.22 -12.44
CA THR A 20 -5.43 -5.75 -13.54
C THR A 20 -5.34 -4.24 -13.81
N GLY A 21 -5.39 -3.37 -12.75
CA GLY A 21 -5.18 -1.92 -12.74
C GLY A 21 -6.11 -1.23 -11.70
N ASN A 22 -6.73 -2.01 -10.80
CA ASN A 22 -7.67 -1.43 -9.82
C ASN A 22 -6.96 -0.72 -8.67
N ALA A 23 -5.86 -1.24 -8.09
CA ALA A 23 -5.16 -0.49 -7.05
C ALA A 23 -4.68 0.84 -7.61
N ARG A 24 -4.37 0.87 -8.91
CA ARG A 24 -3.94 2.09 -9.56
C ARG A 24 -5.07 3.13 -9.53
N ARG A 25 -6.30 2.71 -9.86
CA ARG A 25 -7.48 3.56 -9.88
C ARG A 25 -7.77 4.19 -8.52
N VAL A 26 -7.73 3.41 -7.43
CA VAL A 26 -7.97 3.97 -6.11
C VAL A 26 -6.83 4.94 -5.76
N ALA A 27 -5.60 4.59 -6.13
CA ALA A 27 -4.44 5.42 -5.85
C ALA A 27 -4.54 6.80 -6.48
N GLU A 28 -5.01 6.85 -7.73
CA GLU A 28 -5.15 8.12 -8.43
C GLU A 28 -6.25 8.99 -7.79
N ALA A 29 -7.34 8.36 -7.33
CA ALA A 29 -8.43 9.06 -6.67
C ALA A 29 -7.91 9.64 -5.35
N LEU A 30 -7.09 8.84 -4.67
CA LEU A 30 -6.49 9.19 -3.40
C LEU A 30 -5.50 10.33 -3.58
N ARG A 31 -4.61 10.19 -4.57
CA ARG A 31 -3.63 11.24 -4.80
C ARG A 31 -4.36 12.50 -5.22
N ASP A 32 -5.44 12.34 -5.98
CA ASP A 32 -6.25 13.47 -6.41
C ASP A 32 -6.93 14.10 -5.21
N ASP A 33 -7.42 13.29 -4.26
CA ASP A 33 -8.08 13.80 -3.08
C ASP A 33 -7.08 14.60 -2.24
N LEU A 34 -5.83 14.13 -2.21
CA LEU A 34 -4.76 14.75 -1.44
C LEU A 34 -4.29 15.99 -2.18
N LEU A 35 -4.18 15.91 -3.51
CA LEU A 35 -3.86 17.07 -4.32
C LEU A 35 -5.01 18.07 -4.14
N ALA A 36 -6.26 17.59 -4.13
CA ALA A 36 -7.41 18.46 -3.90
C ALA A 36 -7.32 19.11 -2.51
N ALA A 37 -6.69 18.44 -1.54
CA ALA A 37 -6.48 18.97 -0.19
C ALA A 37 -5.23 19.85 -0.14
N LYS A 38 -4.58 20.05 -1.28
CA LYS A 38 -3.39 20.88 -1.40
C LYS A 38 -2.19 20.24 -0.69
N LEU A 39 -2.15 18.91 -0.74
CA LEU A 39 -1.09 18.14 -0.11
C LEU A 39 -0.14 17.65 -1.19
N ASN A 40 1.14 17.56 -0.83
CA ASN A 40 2.21 17.13 -1.74
C ASN A 40 2.26 15.61 -1.72
N VAL A 41 1.73 15.01 -2.78
CA VAL A 41 1.65 13.57 -2.90
C VAL A 41 2.38 13.05 -4.15
N LYS A 42 3.08 11.93 -3.97
CA LYS A 42 3.85 11.26 -5.02
C LYS A 42 3.21 9.89 -5.26
N LEU A 43 2.97 9.51 -6.52
CA LEU A 43 2.41 8.21 -6.89
C LEU A 43 3.40 7.46 -7.78
N VAL A 44 3.85 6.27 -7.36
CA VAL A 44 4.75 5.43 -8.15
C VAL A 44 4.29 3.99 -8.14
N ASN A 45 4.56 3.29 -9.24
CA ASN A 45 4.25 1.86 -9.35
C ASN A 45 5.40 1.09 -8.75
N ALA A 46 5.11 -0.02 -8.06
CA ALA A 46 6.14 -0.84 -7.46
C ALA A 46 7.14 -1.37 -8.48
N GLY A 47 6.79 -1.41 -9.77
CA GLY A 47 7.68 -1.89 -10.83
C GLY A 47 8.66 -0.79 -11.23
N ASP A 48 8.25 0.48 -11.07
CA ASP A 48 9.07 1.64 -11.40
C ASP A 48 9.82 2.06 -10.13
N TYR A 49 9.43 1.53 -8.98
CA TYR A 49 10.07 1.92 -7.74
C TYR A 49 11.41 1.17 -7.60
N LYS A 50 12.48 1.97 -7.55
CA LYS A 50 13.82 1.42 -7.28
C LYS A 50 13.69 0.88 -5.85
N PHE A 51 13.32 1.84 -5.01
CA PHE A 51 12.94 1.66 -3.62
C PHE A 51 14.09 1.31 -2.66
N LYS A 52 15.33 1.25 -3.15
CA LYS A 52 16.49 1.09 -2.25
C LYS A 52 16.59 2.31 -1.31
N GLN A 53 15.85 3.37 -1.67
CA GLN A 53 15.76 4.61 -0.94
C GLN A 53 14.45 4.74 -0.16
N ILE A 54 13.52 3.79 -0.28
CA ILE A 54 12.20 3.85 0.37
C ILE A 54 12.31 4.35 1.82
N ALA A 55 13.45 4.12 2.46
CA ALA A 55 13.80 4.60 3.79
C ALA A 55 13.61 6.11 3.92
N SER A 56 13.77 6.79 2.80
CA SER A 56 13.72 8.24 2.67
C SER A 56 12.30 8.79 2.76
N GLU A 57 11.30 7.90 2.80
CA GLU A 57 9.90 8.26 2.86
C GLU A 57 9.44 8.47 4.31
N LYS A 58 8.55 9.46 4.52
CA LYS A 58 8.01 9.79 5.83
C LYS A 58 6.58 9.24 5.95
N LEU A 59 5.82 9.27 4.86
CA LEU A 59 4.42 8.86 4.83
C LEU A 59 4.31 8.04 3.56
N LEU A 60 3.95 6.77 3.74
CA LEU A 60 3.92 5.79 2.67
C LEU A 60 2.58 5.07 2.55
N ILE A 61 1.91 5.12 1.40
CA ILE A 61 0.65 4.43 1.20
C ILE A 61 0.88 3.32 0.18
N VAL A 62 0.46 2.10 0.50
CA VAL A 62 0.60 1.00 -0.43
C VAL A 62 -0.76 0.32 -0.65
N VAL A 63 -1.04 0.07 -1.92
CA VAL A 63 -2.23 -0.65 -2.33
C VAL A 63 -1.76 -1.87 -3.12
N THR A 64 -2.14 -3.08 -2.69
CA THR A 64 -1.64 -4.32 -3.26
C THR A 64 -2.74 -5.37 -3.43
N SER A 65 -2.68 -6.07 -4.56
CA SER A 65 -3.57 -7.16 -4.93
C SER A 65 -2.85 -8.47 -4.58
N THR A 66 -3.57 -9.59 -4.55
CA THR A 66 -3.00 -10.91 -4.25
C THR A 66 -3.17 -11.75 -5.50
N GLN A 67 -2.09 -12.43 -5.91
CA GLN A 67 -2.06 -13.25 -7.11
C GLN A 67 -2.58 -14.66 -6.88
N GLY A 68 -2.82 -15.37 -7.99
CA GLY A 68 -3.28 -16.75 -7.97
C GLY A 68 -2.54 -17.54 -6.90
N GLU A 69 -3.25 -18.42 -6.19
CA GLU A 69 -2.74 -19.19 -5.08
C GLU A 69 -2.50 -18.31 -3.87
N GLY A 70 -1.55 -17.39 -3.85
CA GLY A 70 -1.24 -16.59 -2.64
C GLY A 70 0.05 -15.72 -2.78
N GLU A 71 0.60 -15.63 -4.00
CA GLU A 71 1.82 -14.87 -4.23
C GLU A 71 1.52 -13.37 -4.30
N PRO A 72 2.46 -12.52 -3.84
CA PRO A 72 2.31 -11.06 -3.85
C PRO A 72 2.33 -10.52 -5.29
N PRO A 73 1.94 -9.25 -5.50
CA PRO A 73 1.95 -8.63 -6.81
C PRO A 73 3.35 -8.76 -7.39
N GLU A 74 3.42 -9.12 -8.67
CA GLU A 74 4.68 -9.33 -9.38
C GLU A 74 5.55 -8.09 -9.24
N GLU A 75 4.98 -6.91 -9.50
CA GLU A 75 5.71 -5.67 -9.43
C GLU A 75 6.32 -5.34 -8.07
N ALA A 76 5.81 -5.99 -7.03
CA ALA A 76 6.21 -5.76 -5.65
C ALA A 76 7.01 -6.94 -5.09
N VAL A 77 7.35 -7.94 -5.92
CA VAL A 77 8.09 -9.11 -5.46
C VAL A 77 9.45 -8.70 -4.92
N ALA A 78 10.21 -7.89 -5.67
CA ALA A 78 11.54 -7.47 -5.26
C ALA A 78 11.45 -6.67 -3.96
N LEU A 79 10.47 -5.78 -3.89
CA LEU A 79 10.20 -4.97 -2.71
C LEU A 79 9.83 -5.89 -1.56
N HIS A 80 8.88 -6.80 -1.77
CA HIS A 80 8.49 -7.68 -0.68
C HIS A 80 9.67 -8.56 -0.27
N LYS A 81 10.40 -9.14 -1.23
CA LYS A 81 11.56 -9.97 -0.96
C LYS A 81 12.61 -9.13 -0.24
N PHE A 82 12.83 -7.90 -0.70
CA PHE A 82 13.80 -6.98 -0.12
C PHE A 82 13.41 -6.73 1.33
N LEU A 83 12.15 -6.37 1.54
CA LEU A 83 11.66 -6.13 2.87
C LEU A 83 11.76 -7.41 3.71
N PHE A 84 11.73 -8.58 3.06
CA PHE A 84 11.87 -9.88 3.71
C PHE A 84 13.35 -10.27 3.85
N SER A 85 14.28 -9.50 3.27
CA SER A 85 15.70 -9.82 3.33
C SER A 85 16.29 -9.30 4.63
N LYS A 86 17.28 -10.01 5.18
CA LYS A 86 17.95 -9.56 6.41
C LYS A 86 18.50 -8.14 6.24
N LYS A 87 18.95 -7.81 5.03
CA LYS A 87 19.48 -6.48 4.75
C LYS A 87 18.44 -5.36 4.69
N ALA A 88 17.15 -5.65 4.94
CA ALA A 88 16.09 -4.65 4.90
C ALA A 88 16.40 -3.55 5.93
N PRO A 89 16.27 -2.26 5.59
CA PRO A 89 16.56 -1.16 6.48
C PRO A 89 15.48 -0.94 7.53
N LYS A 90 15.87 -0.38 8.68
CA LYS A 90 14.91 -0.07 9.74
C LYS A 90 14.18 1.21 9.36
N LEU A 91 12.88 1.26 9.65
CA LEU A 91 12.00 2.37 9.32
C LEU A 91 12.02 3.42 10.41
N GLU A 92 13.20 3.97 10.67
CA GLU A 92 13.42 4.98 11.68
C GLU A 92 12.43 6.14 11.63
N ASN A 93 11.91 6.47 10.44
CA ASN A 93 10.96 7.56 10.28
C ASN A 93 9.97 7.30 9.13
N THR A 94 9.59 6.04 8.89
CA THR A 94 8.64 5.71 7.84
C THR A 94 7.33 5.16 8.42
N ALA A 95 6.21 5.81 8.07
CA ALA A 95 4.88 5.39 8.52
C ALA A 95 4.10 4.87 7.34
N PHE A 96 3.20 3.91 7.57
CA PHE A 96 2.49 3.31 6.46
C PHE A 96 1.05 2.84 6.64
N ALA A 97 0.37 2.56 5.52
CA ALA A 97 -0.99 2.02 5.51
C ALA A 97 -1.16 1.15 4.26
N VAL A 98 -1.83 0.01 4.42
CA VAL A 98 -2.05 -0.97 3.35
C VAL A 98 -3.54 -1.13 3.00
N PHE A 99 -3.88 -1.16 1.71
CA PHE A 99 -5.23 -1.43 1.22
C PHE A 99 -5.10 -2.59 0.23
N SER A 100 -5.93 -3.63 0.37
CA SER A 100 -5.82 -4.78 -0.52
C SER A 100 -7.09 -5.18 -1.28
N LEU A 101 -6.90 -5.51 -2.56
CA LEU A 101 -7.97 -5.94 -3.46
C LEU A 101 -7.92 -7.47 -3.57
N GLY A 102 -9.01 -8.18 -3.30
CA GLY A 102 -9.04 -9.62 -3.42
C GLY A 102 -10.43 -10.21 -3.64
N ASP A 103 -10.54 -11.52 -3.47
CA ASP A 103 -11.80 -12.24 -3.57
C ASP A 103 -11.87 -13.34 -2.52
N THR A 104 -12.85 -13.25 -1.64
CA THR A 104 -13.02 -14.19 -0.55
C THR A 104 -13.20 -15.62 -1.04
N SER A 105 -13.62 -15.83 -2.29
CA SER A 105 -13.80 -17.16 -2.83
C SER A 105 -12.46 -17.90 -2.90
N TYR A 106 -11.35 -17.15 -2.94
CA TYR A 106 -10.01 -17.72 -2.98
C TYR A 106 -9.57 -18.03 -1.56
N GLU A 107 -8.72 -19.04 -1.39
CA GLU A 107 -8.22 -19.46 -0.08
C GLU A 107 -7.41 -18.38 0.62
N PHE A 108 -6.50 -17.77 -0.15
CA PHE A 108 -5.60 -16.74 0.31
C PHE A 108 -6.17 -15.37 -0.04
N PHE A 109 -7.27 -15.04 0.63
CA PHE A 109 -7.95 -13.78 0.42
C PHE A 109 -7.08 -12.63 0.96
N CYS A 110 -6.71 -11.70 0.08
CA CYS A 110 -5.89 -10.54 0.41
C CYS A 110 -4.56 -10.89 1.11
N GLN A 111 -3.96 -12.04 0.80
CA GLN A 111 -2.70 -12.46 1.45
C GLN A 111 -1.55 -11.46 1.28
N SER A 112 -1.49 -10.81 0.13
CA SER A 112 -0.41 -9.86 -0.13
C SER A 112 -0.44 -8.72 0.87
N GLY A 113 -1.67 -8.33 1.20
CA GLY A 113 -1.89 -7.31 2.19
C GLY A 113 -1.38 -7.78 3.54
N LYS A 114 -1.76 -9.00 3.93
CA LYS A 114 -1.33 -9.59 5.18
C LYS A 114 0.21 -9.63 5.20
N ASP A 115 0.86 -10.00 4.08
CA ASP A 115 2.31 -10.07 3.98
C ASP A 115 2.96 -8.70 4.08
N PHE A 116 2.50 -7.75 3.27
CA PHE A 116 3.03 -6.41 3.30
C PHE A 116 2.78 -5.79 4.67
N ASP A 117 1.58 -5.98 5.20
CA ASP A 117 1.24 -5.43 6.51
C ASP A 117 2.13 -6.01 7.61
N SER A 118 2.51 -7.29 7.48
CA SER A 118 3.31 -7.96 8.50
C SER A 118 4.79 -7.59 8.48
N LYS A 119 5.46 -7.86 7.35
CA LYS A 119 6.90 -7.66 7.24
C LYS A 119 7.26 -6.20 7.49
N LEU A 120 6.46 -5.27 6.97
CA LEU A 120 6.64 -3.83 7.13
C LEU A 120 6.59 -3.47 8.60
N ALA A 121 5.60 -3.99 9.30
CA ALA A 121 5.41 -3.77 10.72
C ALA A 121 6.56 -4.49 11.44
N GLU A 122 6.91 -5.69 10.97
CA GLU A 122 8.02 -6.43 11.56
C GLU A 122 9.32 -5.62 11.40
N LEU A 123 9.45 -4.89 10.29
CA LEU A 123 10.61 -4.04 10.05
C LEU A 123 10.62 -2.82 10.97
N GLY A 124 9.48 -2.52 11.59
CA GLY A 124 9.35 -1.41 12.53
C GLY A 124 8.57 -0.23 12.00
N GLY A 125 7.90 -0.34 10.85
CA GLY A 125 7.12 0.76 10.29
C GLY A 125 5.99 1.15 11.23
N GLU A 126 5.51 2.40 11.17
CA GLU A 126 4.41 2.88 12.00
C GLU A 126 3.12 2.77 11.18
N ARG A 127 2.19 1.92 11.63
CA ARG A 127 0.94 1.73 10.94
C ARG A 127 0.00 2.93 11.16
N LEU A 128 -0.29 3.67 10.08
CA LEU A 128 -1.16 4.83 10.08
C LEU A 128 -2.62 4.40 10.17
N LEU A 129 -2.99 3.35 9.43
CA LEU A 129 -4.35 2.87 9.32
C LEU A 129 -4.30 1.34 9.33
N ASP A 130 -5.26 0.67 9.98
CA ASP A 130 -5.31 -0.79 9.98
C ASP A 130 -5.46 -1.22 8.52
N ARG A 131 -4.80 -2.31 8.13
CA ARG A 131 -4.85 -2.79 6.77
C ARG A 131 -6.30 -3.06 6.38
N VAL A 132 -6.67 -2.72 5.14
CA VAL A 132 -8.02 -2.92 4.64
C VAL A 132 -7.95 -3.97 3.56
N ASP A 133 -8.78 -5.00 3.71
CA ASP A 133 -8.92 -6.08 2.75
C ASP A 133 -10.22 -5.78 2.04
N ALA A 134 -10.21 -5.82 0.72
CA ALA A 134 -11.40 -5.54 -0.07
C ALA A 134 -11.68 -6.70 -0.98
N ASP A 135 -12.97 -6.98 -1.16
CA ASP A 135 -13.43 -8.04 -2.03
C ASP A 135 -13.53 -7.47 -3.45
N VAL A 136 -14.03 -8.28 -4.38
CA VAL A 136 -14.14 -7.87 -5.78
C VAL A 136 -14.97 -6.58 -5.93
N GLU A 137 -15.99 -6.41 -5.08
CA GLU A 137 -16.87 -5.27 -4.90
C GLU A 137 -16.12 -4.23 -4.05
N TYR A 138 -14.88 -3.99 -4.45
CA TYR A 138 -13.99 -3.15 -3.68
C TYR A 138 -14.37 -1.66 -3.66
N GLN A 139 -15.22 -1.26 -4.59
CA GLN A 139 -15.57 0.14 -4.79
C GLN A 139 -15.97 0.86 -3.50
N ALA A 140 -16.66 0.38 -2.44
CA ALA A 140 -16.98 1.21 -1.27
C ALA A 140 -15.79 1.30 -0.32
N ALA A 141 -14.95 0.26 -0.32
CA ALA A 141 -13.77 0.17 0.51
C ALA A 141 -12.76 1.25 0.13
N ALA A 142 -12.45 1.37 -1.15
CA ALA A 142 -11.49 2.38 -1.61
C ALA A 142 -11.90 3.78 -1.17
N SER A 143 -13.18 4.12 -1.33
CA SER A 143 -13.71 5.42 -0.96
C SER A 143 -13.64 5.60 0.55
N GLU A 144 -14.18 4.69 1.38
CA GLU A 144 -14.16 4.82 2.83
C GLU A 144 -12.69 4.91 3.28
N TRP A 145 -11.85 4.02 2.73
CA TRP A 145 -10.43 4.01 3.02
C TRP A 145 -9.80 5.33 2.59
N ARG A 146 -10.11 5.78 1.38
CA ARG A 146 -9.63 7.06 0.89
C ARG A 146 -10.04 8.16 1.85
N ALA A 147 -11.32 8.22 2.21
CA ALA A 147 -11.86 9.19 3.15
C ALA A 147 -11.15 9.16 4.49
N ARG A 148 -10.59 8.02 4.91
CA ARG A 148 -9.88 7.89 6.17
C ARG A 148 -8.47 8.39 6.00
N VAL A 149 -7.84 8.02 4.89
CA VAL A 149 -6.49 8.45 4.62
C VAL A 149 -6.49 9.95 4.50
N VAL A 150 -7.42 10.56 3.77
CA VAL A 150 -7.52 11.99 3.66
C VAL A 150 -7.58 12.61 5.06
N ASP A 151 -8.58 12.19 5.86
CA ASP A 151 -8.77 12.66 7.22
C ASP A 151 -7.55 12.38 8.11
N ALA A 152 -6.95 11.19 8.00
CA ALA A 152 -5.83 10.80 8.84
C ALA A 152 -4.58 11.57 8.50
N LEU A 153 -4.28 11.66 7.20
CA LEU A 153 -3.09 12.32 6.72
C LEU A 153 -3.18 13.83 6.98
N LYS A 154 -4.39 14.40 6.84
CA LYS A 154 -4.57 15.80 7.21
C LYS A 154 -4.30 15.92 8.71
N SER A 155 -4.73 14.91 9.47
CA SER A 155 -4.49 14.84 10.90
C SER A 155 -3.06 14.40 11.22
N ARG A 156 -2.23 14.11 10.20
CA ARG A 156 -0.85 13.71 10.37
C ARG A 156 0.10 14.60 9.56
N ALA A 157 -0.39 15.76 9.13
CA ALA A 157 0.40 16.74 8.39
C ALA A 157 0.54 17.99 9.28
N1 FMN B . -8.00 -12.64 -4.75
C2 FMN B . -7.41 -12.92 -3.56
O2 FMN B . -7.71 -12.32 -2.54
N3 FMN B . -6.45 -13.91 -3.50
C4 FMN B . -5.95 -14.62 -4.58
O4 FMN B . -5.08 -15.47 -4.37
C4A FMN B . -6.51 -14.26 -5.87
N5 FMN B . -6.03 -14.79 -7.08
C5A FMN B . -6.54 -14.35 -8.26
C6 FMN B . -5.92 -14.82 -9.43
C7 FMN B . -6.34 -14.39 -10.70
C7M FMN B . -5.60 -14.85 -11.94
C8 FMN B . -7.45 -13.52 -10.80
C8M FMN B . -7.95 -13.05 -12.16
C9 FMN B . -8.06 -13.02 -9.64
C9A FMN B . -7.62 -13.41 -8.34
N10 FMN B . -8.16 -12.87 -7.18
C10 FMN B . -7.60 -13.26 -5.93
C1' FMN B . -9.18 -11.79 -7.13
C2' FMN B . -8.51 -10.41 -7.07
O2' FMN B . -7.29 -10.50 -6.35
C3' FMN B . -8.22 -9.85 -8.47
O3' FMN B . -9.37 -9.94 -9.27
C4' FMN B . -7.89 -8.36 -8.52
O4' FMN B . -9.08 -7.64 -8.24
C5' FMN B . -6.76 -7.90 -7.58
O5' FMN B . -6.56 -6.50 -7.59
P FMN B . -6.33 -5.66 -8.94
O1P FMN B . -5.81 -4.36 -8.46
O2P FMN B . -5.37 -6.47 -9.71
O3P FMN B . -7.72 -5.62 -9.48
HN3 FMN B . -6.06 -14.13 -2.59
H6 FMN B . -5.09 -15.50 -9.37
HM71 FMN B . -5.37 -14.00 -12.58
HM72 FMN B . -6.23 -15.55 -12.50
HM73 FMN B . -4.67 -15.35 -11.67
HM81 FMN B . -7.43 -12.15 -12.45
HM82 FMN B . -7.81 -13.81 -12.92
HM83 FMN B . -9.02 -12.83 -12.09
H9 FMN B . -8.85 -12.32 -9.76
H1'1 FMN B . -9.77 -11.89 -6.23
H1'2 FMN B . -9.91 -11.88 -7.94
H2' FMN B . -9.18 -9.73 -6.55
HO2' FMN B . -7.43 -11.11 -5.60
H3' FMN B . -7.40 -10.41 -8.90
HO3' FMN B . -9.87 -9.13 -9.09
H4' FMN B . -7.60 -8.17 -9.56
HO4' FMN B . -8.88 -6.71 -8.39
H5'1 FMN B . -5.84 -8.42 -7.85
H5'2 FMN B . -7.01 -8.14 -6.54
N ILE A 12 3.65 12.60 0.71
CA ILE A 12 3.07 11.27 0.85
C ILE A 12 3.45 10.44 -0.37
N THR A 13 3.84 9.18 -0.16
CA THR A 13 4.18 8.26 -1.24
C THR A 13 3.10 7.19 -1.29
N ILE A 14 2.39 7.09 -2.41
CA ILE A 14 1.34 6.10 -2.63
C ILE A 14 1.94 5.13 -3.66
N ILE A 15 2.02 3.84 -3.30
CA ILE A 15 2.53 2.80 -4.18
C ILE A 15 1.33 1.96 -4.59
N SER A 16 1.20 1.63 -5.88
CA SER A 16 0.09 0.85 -6.39
C SER A 16 0.63 -0.41 -7.04
N ALA A 17 0.02 -1.55 -6.72
CA ALA A 17 0.40 -2.81 -7.32
C ALA A 17 -0.86 -3.49 -7.86
N SER A 18 -0.99 -3.50 -9.18
CA SER A 18 -2.17 -4.02 -9.87
C SER A 18 -1.77 -5.00 -10.95
N GLN A 19 -2.49 -6.13 -11.03
CA GLN A 19 -2.28 -7.12 -12.05
C GLN A 19 -3.17 -6.69 -13.21
N THR A 20 -4.39 -6.25 -12.90
CA THR A 20 -5.25 -5.88 -14.01
C THR A 20 -5.26 -4.37 -14.28
N GLY A 21 -5.36 -3.50 -13.23
CA GLY A 21 -5.22 -2.04 -13.24
C GLY A 21 -6.18 -1.38 -12.22
N ASN A 22 -6.82 -2.18 -11.35
CA ASN A 22 -7.80 -1.66 -10.41
C ASN A 22 -7.15 -0.95 -9.22
N ALA A 23 -6.07 -1.48 -8.63
CA ALA A 23 -5.39 -0.79 -7.54
C ALA A 23 -4.84 0.55 -8.03
N ARG A 24 -4.48 0.60 -9.32
CA ARG A 24 -4.00 1.83 -9.93
C ARG A 24 -5.08 2.90 -9.86
N ARG A 25 -6.32 2.52 -10.20
CA ARG A 25 -7.43 3.44 -10.17
C ARG A 25 -7.70 4.00 -8.78
N VAL A 26 -7.61 3.17 -7.72
CA VAL A 26 -7.82 3.63 -6.35
C VAL A 26 -6.71 4.62 -5.99
N ALA A 27 -5.47 4.29 -6.34
CA ALA A 27 -4.34 5.14 -6.04
C ALA A 27 -4.53 6.54 -6.62
N GLU A 28 -5.06 6.60 -7.84
CA GLU A 28 -5.35 7.85 -8.52
C GLU A 28 -6.37 8.68 -7.76
N ALA A 29 -7.39 8.03 -7.19
CA ALA A 29 -8.42 8.70 -6.41
C ALA A 29 -7.82 9.24 -5.11
N LEU A 30 -6.97 8.44 -4.47
CA LEU A 30 -6.34 8.79 -3.20
C LEU A 30 -5.36 9.96 -3.39
N ARG A 31 -4.47 9.84 -4.36
CA ARG A 31 -3.49 10.89 -4.59
C ARG A 31 -4.24 12.17 -5.01
N ASP A 32 -5.31 12.00 -5.78
CA ASP A 32 -6.12 13.14 -6.22
C ASP A 32 -6.83 13.76 -5.04
N ASP A 33 -7.36 12.97 -4.11
CA ASP A 33 -8.07 13.52 -2.96
C ASP A 33 -7.08 14.30 -2.10
N LEU A 34 -5.83 13.83 -2.05
CA LEU A 34 -4.76 14.45 -1.29
C LEU A 34 -4.29 15.70 -2.04
N LEU A 35 -4.18 15.61 -3.37
CA LEU A 35 -3.86 16.75 -4.21
C LEU A 35 -4.98 17.76 -4.01
N ALA A 36 -6.24 17.28 -4.03
CA ALA A 36 -7.38 18.15 -3.79
C ALA A 36 -7.30 18.80 -2.40
N ALA A 37 -6.67 18.11 -1.43
CA ALA A 37 -6.48 18.63 -0.08
C ALA A 37 -5.21 19.50 0.00
N LYS A 38 -4.55 19.69 -1.14
CA LYS A 38 -3.35 20.50 -1.27
C LYS A 38 -2.14 19.86 -0.59
N LEU A 39 -2.04 18.53 -0.73
CA LEU A 39 -0.95 17.76 -0.15
C LEU A 39 0.00 17.28 -1.24
N ASN A 40 1.28 17.16 -0.88
CA ASN A 40 2.35 16.76 -1.79
C ASN A 40 2.39 15.23 -1.90
N VAL A 41 1.88 14.70 -3.01
CA VAL A 41 1.81 13.26 -3.23
C VAL A 41 2.66 12.77 -4.40
N LYS A 42 3.35 11.65 -4.15
CA LYS A 42 4.19 10.97 -5.13
C LYS A 42 3.50 9.62 -5.42
N LEU A 43 3.14 9.36 -6.68
CA LEU A 43 2.49 8.11 -7.09
C LEU A 43 3.48 7.34 -7.96
N VAL A 44 3.88 6.14 -7.54
CA VAL A 44 4.75 5.26 -8.32
C VAL A 44 4.25 3.83 -8.31
N ASN A 45 4.51 3.13 -9.42
CA ASN A 45 4.20 1.72 -9.53
C ASN A 45 5.36 0.95 -8.93
N ALA A 46 5.09 -0.17 -8.24
CA ALA A 46 6.14 -0.97 -7.63
C ALA A 46 7.21 -1.40 -8.64
N GLY A 47 6.88 -1.57 -9.94
CA GLY A 47 7.82 -1.97 -10.96
C GLY A 47 8.76 -0.83 -11.36
N ASP A 48 8.34 0.42 -11.22
CA ASP A 48 9.14 1.60 -11.55
C ASP A 48 9.87 2.03 -10.28
N TYR A 49 9.49 1.49 -9.13
CA TYR A 49 10.09 1.91 -7.88
C TYR A 49 11.43 1.18 -7.69
N LYS A 50 12.49 1.99 -7.60
CA LYS A 50 13.82 1.47 -7.29
C LYS A 50 13.67 0.97 -5.84
N PHE A 51 13.26 1.96 -5.02
CA PHE A 51 12.86 1.80 -3.62
C PHE A 51 14.02 1.57 -2.64
N LYS A 52 15.26 1.67 -3.11
CA LYS A 52 16.42 1.57 -2.21
C LYS A 52 16.47 2.78 -1.26
N GLN A 53 15.68 3.81 -1.62
CA GLN A 53 15.55 5.04 -0.86
C GLN A 53 14.23 5.16 -0.15
N ILE A 54 13.33 4.18 -0.29
CA ILE A 54 12.01 4.21 0.34
C ILE A 54 12.08 4.71 1.80
N ALA A 55 13.23 4.47 2.46
CA ALA A 55 13.54 4.91 3.81
C ALA A 55 13.39 6.43 3.98
N SER A 56 13.58 7.14 2.87
CA SER A 56 13.58 8.59 2.81
C SER A 56 12.17 9.19 3.00
N GLU A 57 11.17 8.31 3.10
CA GLU A 57 9.77 8.69 3.24
C GLU A 57 9.29 8.74 4.69
N LYS A 58 8.30 9.60 4.92
CA LYS A 58 7.69 9.79 6.24
C LYS A 58 6.25 9.24 6.26
N LEU A 59 5.54 9.28 5.13
CA LEU A 59 4.16 8.84 5.03
C LEU A 59 4.12 8.03 3.73
N LEU A 60 3.81 6.75 3.88
CA LEU A 60 3.86 5.78 2.79
C LEU A 60 2.55 5.02 2.65
N ILE A 61 1.95 4.96 1.45
CA ILE A 61 0.75 4.17 1.23
C ILE A 61 0.97 3.06 0.20
N VAL A 62 0.52 1.84 0.51
CA VAL A 62 0.63 0.71 -0.42
C VAL A 62 -0.76 0.20 -0.82
N VAL A 63 -1.02 0.09 -2.12
CA VAL A 63 -2.24 -0.53 -2.64
C VAL A 63 -1.72 -1.75 -3.36
N THR A 64 -2.10 -2.95 -2.93
CA THR A 64 -1.55 -4.17 -3.48
C THR A 64 -2.62 -5.24 -3.67
N SER A 65 -2.56 -5.92 -4.82
CA SER A 65 -3.44 -7.01 -5.17
C SER A 65 -2.71 -8.30 -4.78
N THR A 66 -3.44 -9.42 -4.74
CA THR A 66 -2.88 -10.71 -4.38
C THR A 66 -2.91 -11.53 -5.67
N GLN A 67 -1.80 -12.19 -6.01
CA GLN A 67 -1.62 -12.96 -7.23
C GLN A 67 -1.42 -14.46 -7.03
N GLY A 68 -1.51 -15.20 -8.14
CA GLY A 68 -1.33 -16.65 -8.12
C GLY A 68 -1.98 -17.29 -6.89
N GLU A 69 -1.29 -18.22 -6.19
CA GLU A 69 -1.74 -18.76 -4.92
C GLU A 69 -1.28 -17.85 -3.78
N GLY A 70 -1.91 -16.68 -3.66
CA GLY A 70 -1.62 -15.76 -2.55
C GLY A 70 -0.26 -15.02 -2.61
N GLU A 71 0.34 -15.03 -3.79
CA GLU A 71 1.66 -14.47 -4.00
C GLU A 71 1.57 -12.94 -4.12
N PRO A 72 2.63 -12.21 -3.72
CA PRO A 72 2.64 -10.76 -3.80
C PRO A 72 2.52 -10.30 -5.26
N PRO A 73 2.11 -9.03 -5.49
CA PRO A 73 1.99 -8.48 -6.83
C PRO A 73 3.30 -8.70 -7.56
N GLU A 74 3.21 -8.98 -8.87
CA GLU A 74 4.39 -9.18 -9.70
C GLU A 74 5.28 -7.96 -9.55
N GLU A 75 4.71 -6.77 -9.72
CA GLU A 75 5.45 -5.53 -9.62
C GLU A 75 6.17 -5.29 -8.29
N ALA A 76 5.70 -5.98 -7.25
CA ALA A 76 6.16 -5.80 -5.88
C ALA A 76 6.96 -7.00 -5.36
N VAL A 77 7.29 -7.97 -6.20
CA VAL A 77 8.02 -9.15 -5.76
C VAL A 77 9.39 -8.76 -5.20
N ALA A 78 10.13 -7.92 -5.92
CA ALA A 78 11.45 -7.48 -5.49
C ALA A 78 11.34 -6.71 -4.18
N LEU A 79 10.36 -5.80 -4.11
CA LEU A 79 10.08 -5.00 -2.94
C LEU A 79 9.68 -5.91 -1.79
N HIS A 80 8.73 -6.82 -2.00
CA HIS A 80 8.32 -7.68 -0.91
C HIS A 80 9.48 -8.58 -0.50
N LYS A 81 10.22 -9.12 -1.47
CA LYS A 81 11.37 -9.95 -1.24
C LYS A 81 12.41 -9.15 -0.48
N PHE A 82 12.62 -7.89 -0.89
CA PHE A 82 13.56 -6.98 -0.27
C PHE A 82 13.14 -6.78 1.19
N LEU A 83 11.87 -6.46 1.39
CA LEU A 83 11.35 -6.27 2.71
C LEU A 83 11.53 -7.56 3.54
N PHE A 84 11.50 -8.72 2.86
CA PHE A 84 11.66 -10.02 3.49
C PHE A 84 13.14 -10.43 3.60
N SER A 85 14.07 -9.64 3.04
CA SER A 85 15.48 -9.96 3.05
C SER A 85 16.14 -9.54 4.37
N LYS A 86 17.39 -9.95 4.56
CA LYS A 86 18.16 -9.55 5.73
C LYS A 86 18.75 -8.14 5.53
N LYS A 87 18.50 -7.52 4.37
CA LYS A 87 19.05 -6.19 4.07
C LYS A 87 18.01 -5.07 4.12
N ALA A 88 16.76 -5.39 4.46
CA ALA A 88 15.69 -4.41 4.55
C ALA A 88 16.02 -3.40 5.68
N PRO A 89 15.93 -2.09 5.42
CA PRO A 89 16.24 -1.08 6.41
C PRO A 89 15.13 -0.95 7.47
N LYS A 90 15.49 -0.43 8.64
CA LYS A 90 14.52 -0.19 9.69
C LYS A 90 13.74 1.08 9.35
N LEU A 91 12.44 1.08 9.67
CA LEU A 91 11.54 2.20 9.43
C LEU A 91 11.45 3.00 10.73
N GLU A 92 12.60 3.33 11.31
CA GLU A 92 12.73 4.05 12.55
C GLU A 92 11.72 5.18 12.71
N ASN A 93 11.48 5.87 11.61
CA ASN A 93 10.54 6.99 11.56
C ASN A 93 10.03 7.09 10.12
N THR A 94 9.26 6.09 9.68
CA THR A 94 8.61 6.04 8.39
C THR A 94 7.22 5.51 8.80
N ALA A 95 6.13 6.15 8.39
CA ALA A 95 4.79 5.64 8.75
C ALA A 95 4.05 5.14 7.54
N PHE A 96 3.15 4.17 7.74
CA PHE A 96 2.46 3.57 6.62
C PHE A 96 1.01 3.13 6.79
N ALA A 97 0.35 2.86 5.68
CA ALA A 97 -1.00 2.31 5.64
C ALA A 97 -1.13 1.47 4.36
N VAL A 98 -1.78 0.32 4.48
CA VAL A 98 -1.97 -0.59 3.34
C VAL A 98 -3.44 -0.91 3.09
N PHE A 99 -3.81 -0.93 1.81
CA PHE A 99 -5.15 -1.26 1.33
C PHE A 99 -4.98 -2.41 0.34
N SER A 100 -5.76 -3.48 0.48
CA SER A 100 -5.61 -4.62 -0.42
C SER A 100 -6.88 -5.02 -1.17
N LEU A 101 -6.71 -5.35 -2.44
CA LEU A 101 -7.80 -5.77 -3.31
C LEU A 101 -7.72 -7.26 -3.53
N GLY A 102 -8.82 -7.99 -3.29
CA GLY A 102 -8.83 -9.42 -3.47
C GLY A 102 -10.23 -9.98 -3.75
N ASP A 103 -10.34 -11.30 -3.64
CA ASP A 103 -11.60 -12.02 -3.84
C ASP A 103 -11.73 -13.16 -2.84
N THR A 104 -12.76 -13.08 -2.00
CA THR A 104 -13.03 -14.05 -0.94
C THR A 104 -13.14 -15.46 -1.50
N SER A 105 -13.52 -15.63 -2.77
CA SER A 105 -13.62 -16.95 -3.37
C SER A 105 -12.28 -17.69 -3.33
N TYR A 106 -11.16 -16.95 -3.27
CA TYR A 106 -9.83 -17.53 -3.23
C TYR A 106 -9.46 -17.83 -1.78
N GLU A 107 -8.60 -18.83 -1.59
CA GLU A 107 -8.14 -19.24 -0.27
C GLU A 107 -7.30 -18.20 0.44
N PHE A 108 -6.36 -17.61 -0.31
CA PHE A 108 -5.43 -16.63 0.17
C PHE A 108 -6.04 -15.24 -0.07
N PHE A 109 -7.17 -14.98 0.59
CA PHE A 109 -7.86 -13.71 0.39
C PHE A 109 -7.00 -12.55 0.88
N CYS A 110 -6.71 -11.59 -0.02
CA CYS A 110 -5.91 -10.40 0.27
C CYS A 110 -4.57 -10.73 0.94
N GLN A 111 -3.95 -11.87 0.63
CA GLN A 111 -2.71 -12.26 1.29
C GLN A 111 -1.58 -11.24 1.13
N SER A 112 -1.53 -10.55 -0.01
CA SER A 112 -0.48 -9.58 -0.23
C SER A 112 -0.55 -8.45 0.79
N GLY A 113 -1.78 -8.10 1.13
CA GLY A 113 -2.05 -7.10 2.14
C GLY A 113 -1.53 -7.58 3.49
N LYS A 114 -1.90 -8.81 3.87
CA LYS A 114 -1.44 -9.40 5.13
C LYS A 114 0.09 -9.39 5.14
N ASP A 115 0.74 -9.73 4.02
CA ASP A 115 2.20 -9.78 3.92
C ASP A 115 2.83 -8.40 4.04
N PHE A 116 2.38 -7.43 3.25
CA PHE A 116 2.92 -6.09 3.31
C PHE A 116 2.69 -5.50 4.70
N ASP A 117 1.48 -5.72 5.23
CA ASP A 117 1.15 -5.23 6.57
C ASP A 117 2.04 -5.85 7.64
N SER A 118 2.39 -7.13 7.48
CA SER A 118 3.17 -7.83 8.48
C SER A 118 4.65 -7.47 8.47
N LYS A 119 5.31 -7.72 7.34
CA LYS A 119 6.75 -7.51 7.24
C LYS A 119 7.13 -6.08 7.57
N LEU A 120 6.35 -5.11 7.08
CA LEU A 120 6.55 -3.70 7.30
C LEU A 120 6.51 -3.39 8.79
N ALA A 121 5.51 -3.93 9.46
CA ALA A 121 5.33 -3.75 10.88
C ALA A 121 6.44 -4.52 11.60
N GLU A 122 6.79 -5.72 11.12
CA GLU A 122 7.89 -6.48 11.70
C GLU A 122 9.19 -5.69 11.55
N LEU A 123 9.34 -4.98 10.43
CA LEU A 123 10.51 -4.15 10.19
C LEU A 123 10.48 -2.87 11.03
N GLY A 124 9.41 -2.63 11.78
CA GLY A 124 9.31 -1.46 12.65
C GLY A 124 8.50 -0.28 12.11
N GLY A 125 7.85 -0.40 10.94
CA GLY A 125 7.07 0.70 10.39
C GLY A 125 5.93 1.07 11.35
N GLU A 126 5.47 2.33 11.32
CA GLU A 126 4.38 2.78 12.17
C GLU A 126 3.09 2.67 11.36
N ARG A 127 2.17 1.81 11.78
CA ARG A 127 0.92 1.67 11.09
C ARG A 127 0.03 2.87 11.40
N LEU A 128 -0.17 3.70 10.39
CA LEU A 128 -0.97 4.91 10.48
C LEU A 128 -2.43 4.51 10.55
N LEU A 129 -2.79 3.46 9.81
CA LEU A 129 -4.14 2.98 9.70
C LEU A 129 -4.07 1.45 9.64
N ASP A 130 -5.04 0.76 10.24
CA ASP A 130 -5.10 -0.69 10.20
C ASP A 130 -5.24 -1.10 8.73
N ARG A 131 -4.59 -2.20 8.33
CA ARG A 131 -4.65 -2.68 6.97
C ARG A 131 -6.08 -2.98 6.58
N VAL A 132 -6.44 -2.65 5.33
CA VAL A 132 -7.77 -2.86 4.81
C VAL A 132 -7.70 -3.89 3.69
N ASP A 133 -8.52 -4.92 3.81
CA ASP A 133 -8.67 -5.99 2.85
C ASP A 133 -10.00 -5.69 2.15
N ALA A 134 -9.99 -5.71 0.82
CA ALA A 134 -11.17 -5.39 0.04
C ALA A 134 -11.50 -6.51 -0.92
N ASP A 135 -12.79 -6.75 -1.13
CA ASP A 135 -13.28 -7.77 -2.04
C ASP A 135 -13.36 -7.17 -3.45
N VAL A 136 -13.87 -7.96 -4.38
CA VAL A 136 -14.00 -7.57 -5.78
C VAL A 136 -14.84 -6.28 -5.93
N GLU A 137 -15.87 -6.11 -5.09
CA GLU A 137 -16.76 -4.95 -4.94
C GLU A 137 -15.99 -3.92 -4.08
N TYR A 138 -14.75 -3.68 -4.47
CA TYR A 138 -13.84 -2.85 -3.69
C TYR A 138 -14.19 -1.35 -3.65
N GLN A 139 -15.03 -0.92 -4.59
CA GLN A 139 -15.36 0.49 -4.74
C GLN A 139 -15.80 1.17 -3.45
N ALA A 140 -16.50 0.65 -2.41
CA ALA A 140 -16.88 1.41 -1.23
C ALA A 140 -15.74 1.43 -0.23
N ALA A 141 -14.93 0.36 -0.21
CA ALA A 141 -13.81 0.22 0.70
C ALA A 141 -12.72 1.20 0.36
N ALA A 142 -12.31 1.26 -0.91
CA ALA A 142 -11.28 2.18 -1.33
C ALA A 142 -11.71 3.61 -0.99
N SER A 143 -13.00 3.91 -1.20
CA SER A 143 -13.58 5.20 -0.89
C SER A 143 -13.63 5.43 0.61
N GLU A 144 -14.20 4.53 1.43
CA GLU A 144 -14.24 4.74 2.88
C GLU A 144 -12.79 4.83 3.37
N TRP A 145 -11.92 3.96 2.87
CA TRP A 145 -10.52 3.98 3.24
C TRP A 145 -9.89 5.30 2.81
N ARG A 146 -10.18 5.76 1.58
CA ARG A 146 -9.69 7.03 1.10
C ARG A 146 -10.10 8.15 2.06
N ALA A 147 -11.39 8.20 2.43
CA ALA A 147 -11.92 9.19 3.36
C ALA A 147 -11.21 9.21 4.71
N ARG A 148 -10.67 8.08 5.18
CA ARG A 148 -9.97 8.01 6.45
C ARG A 148 -8.58 8.56 6.26
N VAL A 149 -7.96 8.23 5.13
CA VAL A 149 -6.63 8.67 4.82
C VAL A 149 -6.60 10.17 4.71
N VAL A 150 -7.52 10.81 3.98
CA VAL A 150 -7.53 12.26 3.90
C VAL A 150 -7.66 12.85 5.31
N ASP A 151 -8.69 12.42 6.08
CA ASP A 151 -8.93 12.89 7.43
C ASP A 151 -7.73 12.62 8.35
N ALA A 152 -7.14 11.43 8.26
CA ALA A 152 -6.02 11.07 9.13
C ALA A 152 -4.79 11.87 8.77
N LEU A 153 -4.54 12.02 7.47
CA LEU A 153 -3.39 12.72 6.96
C LEU A 153 -3.53 14.21 7.25
N LYS A 154 -4.73 14.76 7.11
CA LYS A 154 -4.97 16.15 7.48
C LYS A 154 -4.65 16.30 8.97
N SER A 155 -4.88 15.23 9.74
CA SER A 155 -4.61 15.20 11.17
C SER A 155 -3.19 14.73 11.50
N ARG A 156 -2.37 14.36 10.50
CA ARG A 156 -0.99 13.93 10.71
C ARG A 156 0.00 14.78 9.89
N ALA A 157 -0.45 15.95 9.45
CA ALA A 157 0.36 16.91 8.72
C ALA A 157 0.66 18.05 9.72
N1 FMN B . -7.23 -12.11 -4.82
C2 FMN B . -7.25 -12.64 -3.58
O2 FMN B . -7.82 -12.10 -2.64
N3 FMN B . -6.61 -13.83 -3.33
C4 FMN B . -5.94 -14.60 -4.24
O4 FMN B . -5.42 -15.66 -3.87
C4A FMN B . -5.88 -14.05 -5.58
N5 FMN B . -5.22 -14.71 -6.62
C5A FMN B . -5.24 -14.17 -7.87
C6 FMN B . -4.63 -14.93 -8.87
C7 FMN B . -4.57 -14.47 -10.19
C7M FMN B . -3.89 -15.31 -11.25
C8 FMN B . -5.17 -13.24 -10.51
C8M FMN B . -5.17 -12.73 -11.94
C9 FMN B . -5.80 -12.47 -9.51
C9A FMN B . -5.86 -12.91 -8.17
N10 FMN B . -6.47 -12.17 -7.16
C10 FMN B . -6.54 -12.75 -5.86
C1' FMN B . -6.99 -10.78 -7.33
C2' FMN B . -8.48 -10.82 -7.67
O2' FMN B . -9.19 -11.28 -6.53
C3' FMN B . -9.10 -9.46 -7.99
O3' FMN B . -9.18 -8.75 -6.77
C4' FMN B . -8.41 -8.60 -9.09
O4' FMN B . -9.41 -7.97 -9.86
C5' FMN B . -7.48 -7.49 -8.57
O5' FMN B . -7.05 -6.64 -9.64
P FMN B . -5.88 -5.55 -9.42
O1P FMN B . -4.67 -6.41 -9.37
O2P FMN B . -6.23 -4.87 -8.15
O3P FMN B . -5.96 -4.71 -10.63
HN3 FMN B . -6.51 -14.11 -2.36
H6 FMN B . -4.20 -15.88 -8.61
HM71 FMN B . -3.57 -16.26 -10.83
HM72 FMN B . -3.02 -14.77 -11.62
HM73 FMN B . -4.58 -15.50 -12.07
HM81 FMN B . -4.15 -12.72 -12.33
HM82 FMN B . -5.59 -11.73 -12.02
HM83 FMN B . -5.78 -13.41 -12.57
H9 FMN B . -6.28 -11.55 -9.81
H1'1 FMN B . -6.82 -10.19 -6.43
H1'2 FMN B . -6.43 -10.27 -8.11
H2' FMN B . -8.62 -11.52 -8.50
HO2' FMN B . -8.55 -11.65 -5.89
H3' FMN B . -10.12 -9.69 -8.27
HO3' FMN B . -9.51 -9.41 -6.14
H4' FMN B . -7.86 -9.26 -9.76
HO4' FMN B . -8.98 -7.25 -10.34
H5'1 FMN B . -6.61 -7.95 -8.09
H5'2 FMN B . -8.00 -6.88 -7.85
N ILE A 12 3.74 12.72 1.00
CA ILE A 12 3.07 11.43 1.08
C ILE A 12 3.48 10.61 -0.15
N THR A 13 3.87 9.35 0.06
CA THR A 13 4.23 8.46 -1.01
C THR A 13 3.18 7.35 -1.08
N ILE A 14 2.48 7.24 -2.22
CA ILE A 14 1.47 6.23 -2.46
C ILE A 14 2.12 5.25 -3.45
N ILE A 15 2.21 3.98 -3.06
CA ILE A 15 2.76 2.93 -3.92
C ILE A 15 1.56 2.11 -4.38
N SER A 16 1.48 1.80 -5.67
CA SER A 16 0.38 1.03 -6.24
C SER A 16 0.95 -0.27 -6.77
N ALA A 17 0.37 -1.40 -6.38
CA ALA A 17 0.77 -2.69 -6.90
C ALA A 17 -0.50 -3.35 -7.41
N SER A 18 -0.65 -3.36 -8.72
CA SER A 18 -1.83 -3.88 -9.35
C SER A 18 -1.43 -4.82 -10.45
N GLN A 19 -2.14 -5.95 -10.56
CA GLN A 19 -1.87 -6.91 -11.61
C GLN A 19 -2.76 -6.50 -12.78
N THR A 20 -3.99 -6.07 -12.47
CA THR A 20 -4.82 -5.69 -13.60
C THR A 20 -4.87 -4.18 -13.84
N GLY A 21 -4.98 -3.31 -12.78
CA GLY A 21 -4.85 -1.85 -12.76
C GLY A 21 -5.86 -1.19 -11.79
N ASN A 22 -6.51 -1.97 -10.93
CA ASN A 22 -7.53 -1.43 -10.01
C ASN A 22 -6.91 -0.68 -8.82
N ALA A 23 -5.85 -1.17 -8.18
CA ALA A 23 -5.24 -0.42 -7.08
C ALA A 23 -4.68 0.91 -7.61
N ARG A 24 -4.22 0.89 -8.86
CA ARG A 24 -3.68 2.06 -9.52
C ARG A 24 -4.76 3.13 -9.62
N ARG A 25 -5.98 2.74 -10.01
CA ARG A 25 -7.09 3.66 -10.13
C ARG A 25 -7.45 4.26 -8.78
N VAL A 26 -7.43 3.45 -7.71
CA VAL A 26 -7.73 3.90 -6.36
C VAL A 26 -6.64 4.89 -5.93
N ALA A 27 -5.38 4.58 -6.25
CA ALA A 27 -4.27 5.44 -5.90
C ALA A 27 -4.43 6.84 -6.51
N GLU A 28 -4.92 6.89 -7.75
CA GLU A 28 -5.13 8.13 -8.45
C GLU A 28 -6.20 8.98 -7.78
N ALA A 29 -7.30 8.34 -7.32
CA ALA A 29 -8.38 9.04 -6.63
C ALA A 29 -7.84 9.64 -5.34
N LEU A 30 -7.00 8.85 -4.65
CA LEU A 30 -6.39 9.27 -3.39
C LEU A 30 -5.54 10.51 -3.64
N ARG A 31 -4.71 10.46 -4.67
CA ARG A 31 -3.88 11.62 -4.99
C ARG A 31 -4.78 12.85 -5.20
N ASP A 32 -5.81 12.69 -6.04
CA ASP A 32 -6.70 13.79 -6.37
C ASP A 32 -7.33 14.42 -5.14
N ASP A 33 -7.78 13.61 -4.18
CA ASP A 33 -8.39 14.17 -2.98
C ASP A 33 -7.37 15.01 -2.23
N LEU A 34 -6.11 14.58 -2.28
CA LEU A 34 -5.00 15.20 -1.57
C LEU A 34 -4.45 16.38 -2.34
N LEU A 35 -4.35 16.28 -3.67
CA LEU A 35 -3.99 17.45 -4.49
C LEU A 35 -5.13 18.44 -4.28
N ALA A 36 -6.38 17.96 -4.27
CA ALA A 36 -7.52 18.83 -4.01
C ALA A 36 -7.40 19.49 -2.62
N ALA A 37 -6.74 18.81 -1.67
CA ALA A 37 -6.49 19.33 -0.32
C ALA A 37 -5.20 20.15 -0.23
N LYS A 38 -4.49 20.26 -1.35
CA LYS A 38 -3.23 21.00 -1.47
C LYS A 38 -2.06 20.31 -0.75
N LEU A 39 -2.02 18.98 -0.83
CA LEU A 39 -0.97 18.17 -0.21
C LEU A 39 -0.01 17.60 -1.25
N ASN A 40 1.25 17.40 -0.86
CA ASN A 40 2.30 16.85 -1.72
C ASN A 40 2.21 15.33 -1.73
N VAL A 41 1.64 14.77 -2.79
CA VAL A 41 1.47 13.35 -2.96
C VAL A 41 2.26 12.84 -4.16
N LYS A 42 2.97 11.73 -3.95
CA LYS A 42 3.77 11.08 -4.99
C LYS A 42 3.21 9.67 -5.20
N LEU A 43 2.79 9.35 -6.43
CA LEU A 43 2.24 8.05 -6.79
C LEU A 43 3.22 7.32 -7.68
N VAL A 44 3.67 6.12 -7.26
CA VAL A 44 4.57 5.30 -8.05
C VAL A 44 4.09 3.86 -8.10
N ASN A 45 4.41 3.19 -9.20
CA ASN A 45 4.13 1.77 -9.37
C ASN A 45 5.28 0.99 -8.76
N ALA A 46 4.98 -0.14 -8.11
CA ALA A 46 6.00 -0.99 -7.51
C ALA A 46 7.13 -1.33 -8.49
N GLY A 47 6.81 -1.48 -9.78
CA GLY A 47 7.79 -1.80 -10.81
C GLY A 47 8.73 -0.66 -11.13
N ASP A 48 8.29 0.60 -10.92
CA ASP A 48 9.06 1.81 -11.19
C ASP A 48 9.72 2.30 -9.89
N TYR A 49 9.29 1.79 -8.73
CA TYR A 49 9.84 2.32 -7.49
C TYR A 49 11.23 1.76 -7.19
N LYS A 50 12.05 2.62 -6.61
CA LYS A 50 13.40 2.30 -6.18
C LYS A 50 13.30 2.02 -4.69
N PHE A 51 12.72 0.88 -4.36
CA PHE A 51 12.47 0.56 -2.95
C PHE A 51 13.66 0.59 -1.99
N LYS A 52 14.88 0.89 -2.46
CA LYS A 52 16.06 1.00 -1.62
C LYS A 52 15.98 2.24 -0.71
N GLN A 53 15.17 3.22 -1.11
CA GLN A 53 14.99 4.48 -0.43
C GLN A 53 13.69 4.56 0.34
N ILE A 54 12.84 3.53 0.28
CA ILE A 54 11.56 3.52 0.98
C ILE A 54 11.69 4.08 2.41
N ALA A 55 12.87 3.95 3.02
CA ALA A 55 13.23 4.49 4.33
C ALA A 55 13.02 6.00 4.44
N SER A 56 13.20 6.68 3.31
CA SER A 56 13.14 8.13 3.20
C SER A 56 11.71 8.67 3.32
N GLU A 57 10.73 7.78 3.34
CA GLU A 57 9.33 8.14 3.38
C GLU A 57 8.85 8.38 4.81
N LYS A 58 8.07 9.45 4.98
CA LYS A 58 7.47 9.80 6.26
C LYS A 58 6.05 9.20 6.31
N LEU A 59 5.37 9.15 5.17
CA LEU A 59 4.02 8.61 5.06
C LEU A 59 4.05 7.79 3.77
N LEU A 60 3.86 6.49 3.96
CA LEU A 60 3.95 5.48 2.91
C LEU A 60 2.61 4.77 2.74
N ILE A 61 1.93 4.87 1.60
CA ILE A 61 0.65 4.21 1.37
C ILE A 61 0.84 3.09 0.35
N VAL A 62 0.39 1.87 0.67
CA VAL A 62 0.49 0.76 -0.30
C VAL A 62 -0.90 0.23 -0.63
N VAL A 63 -1.17 0.10 -1.92
CA VAL A 63 -2.38 -0.51 -2.42
C VAL A 63 -1.92 -1.70 -3.26
N THR A 64 -2.25 -2.92 -2.83
CA THR A 64 -1.74 -4.16 -3.42
C THR A 64 -2.86 -5.20 -3.57
N SER A 65 -2.85 -5.92 -4.68
CA SER A 65 -3.76 -7.04 -4.90
C SER A 65 -3.05 -8.32 -4.47
N THR A 66 -3.76 -9.45 -4.38
CA THR A 66 -3.19 -10.74 -4.04
C THR A 66 -3.25 -11.58 -5.30
N GLN A 67 -2.17 -12.28 -5.66
CA GLN A 67 -2.05 -13.07 -6.87
C GLN A 67 -1.74 -14.55 -6.68
N GLY A 68 -1.87 -15.29 -7.78
CA GLY A 68 -1.63 -16.73 -7.79
C GLY A 68 -2.15 -17.40 -6.50
N GLU A 69 -1.39 -18.29 -5.85
CA GLU A 69 -1.73 -18.82 -4.54
C GLU A 69 -1.22 -17.86 -3.44
N GLY A 70 -1.80 -16.66 -3.37
CA GLY A 70 -1.46 -15.70 -2.34
C GLY A 70 -0.15 -14.90 -2.49
N GLU A 71 0.45 -14.93 -3.69
CA GLU A 71 1.71 -14.25 -3.98
C GLU A 71 1.40 -12.77 -4.28
N PRO A 72 2.23 -11.80 -3.88
CA PRO A 72 1.95 -10.38 -4.16
C PRO A 72 1.85 -10.07 -5.66
N PRO A 73 1.39 -8.86 -6.04
CA PRO A 73 1.33 -8.42 -7.44
C PRO A 73 2.76 -8.56 -7.91
N GLU A 74 2.93 -8.97 -9.17
CA GLU A 74 4.25 -9.43 -9.54
C GLU A 74 5.30 -8.38 -9.27
N GLU A 75 5.47 -7.29 -9.98
CA GLU A 75 6.30 -6.10 -9.99
C GLU A 75 6.53 -5.54 -8.56
N ALA A 76 5.94 -6.18 -7.53
CA ALA A 76 6.14 -5.85 -6.11
C ALA A 76 6.87 -7.03 -5.43
N VAL A 77 7.24 -8.05 -6.20
CA VAL A 77 7.91 -9.23 -5.65
C VAL A 77 9.30 -8.84 -5.14
N ALA A 78 10.04 -8.01 -5.88
CA ALA A 78 11.37 -7.59 -5.47
C ALA A 78 11.26 -6.79 -4.19
N LEU A 79 10.25 -5.90 -4.15
CA LEU A 79 9.91 -5.07 -3.00
C LEU A 79 9.52 -5.99 -1.85
N HIS A 80 8.58 -6.92 -2.06
CA HIS A 80 8.18 -7.78 -0.97
C HIS A 80 9.37 -8.65 -0.51
N LYS A 81 10.13 -9.21 -1.46
CA LYS A 81 11.30 -10.00 -1.18
C LYS A 81 12.32 -9.17 -0.41
N PHE A 82 12.51 -7.91 -0.85
CA PHE A 82 13.43 -7.00 -0.21
C PHE A 82 12.98 -6.81 1.25
N LEU A 83 11.68 -6.57 1.43
CA LEU A 83 11.08 -6.41 2.73
C LEU A 83 11.22 -7.67 3.59
N PHE A 84 11.22 -8.85 2.95
CA PHE A 84 11.32 -10.15 3.60
C PHE A 84 12.72 -10.70 3.36
N SER A 85 13.65 -10.26 4.20
CA SER A 85 15.04 -10.66 4.13
C SER A 85 15.83 -10.12 5.32
N LYS A 86 17.13 -10.42 5.33
CA LYS A 86 18.04 -10.03 6.39
C LYS A 86 18.66 -8.65 6.11
N LYS A 87 18.47 -8.10 4.91
CA LYS A 87 19.03 -6.80 4.52
C LYS A 87 17.99 -5.68 4.60
N ALA A 88 16.73 -6.00 4.93
CA ALA A 88 15.68 -5.01 5.03
C ALA A 88 16.03 -4.05 6.17
N PRO A 89 16.02 -2.72 5.95
CA PRO A 89 16.37 -1.75 6.97
C PRO A 89 15.29 -1.57 8.03
N LYS A 90 15.68 -1.04 9.19
CA LYS A 90 14.73 -0.75 10.26
C LYS A 90 14.02 0.55 9.91
N LEU A 91 12.71 0.63 10.16
CA LEU A 91 11.92 1.82 9.85
C LEU A 91 11.85 2.72 11.09
N GLU A 92 12.79 3.66 11.19
CA GLU A 92 12.91 4.56 12.31
C GLU A 92 11.86 5.68 12.33
N ASN A 93 11.42 6.17 11.16
CA ASN A 93 10.45 7.27 11.09
C ASN A 93 9.54 7.15 9.87
N THR A 94 9.12 5.93 9.55
CA THR A 94 8.21 5.66 8.43
C THR A 94 6.87 5.12 8.94
N ALA A 95 5.77 5.76 8.54
CA ALA A 95 4.43 5.31 8.90
C ALA A 95 3.72 4.80 7.67
N PHE A 96 2.81 3.83 7.85
CA PHE A 96 2.14 3.25 6.70
C PHE A 96 0.70 2.76 6.84
N ALA A 97 0.05 2.49 5.71
CA ALA A 97 -1.30 1.93 5.66
C ALA A 97 -1.44 1.09 4.39
N VAL A 98 -2.08 -0.07 4.52
CA VAL A 98 -2.28 -1.00 3.41
C VAL A 98 -3.76 -1.17 3.04
N PHE A 99 -4.08 -1.13 1.74
CA PHE A 99 -5.42 -1.39 1.20
C PHE A 99 -5.24 -2.57 0.26
N SER A 100 -6.01 -3.64 0.48
CA SER A 100 -5.85 -4.85 -0.33
C SER A 100 -7.08 -5.18 -1.16
N LEU A 101 -6.87 -5.44 -2.46
CA LEU A 101 -7.93 -5.82 -3.38
C LEU A 101 -7.90 -7.35 -3.41
N GLY A 102 -8.99 -8.05 -3.09
CA GLY A 102 -8.99 -9.50 -3.11
C GLY A 102 -10.35 -10.08 -3.44
N ASP A 103 -10.42 -11.41 -3.37
CA ASP A 103 -11.62 -12.17 -3.64
C ASP A 103 -11.75 -13.32 -2.66
N THR A 104 -12.80 -13.27 -1.84
CA THR A 104 -13.08 -14.25 -0.80
C THR A 104 -13.20 -15.67 -1.35
N SER A 105 -13.52 -15.84 -2.64
CA SER A 105 -13.64 -17.17 -3.23
C SER A 105 -12.31 -17.92 -3.14
N TYR A 106 -11.18 -17.19 -3.06
CA TYR A 106 -9.87 -17.79 -2.98
C TYR A 106 -9.50 -18.05 -1.52
N GLU A 107 -8.61 -19.04 -1.32
CA GLU A 107 -8.14 -19.42 0.00
C GLU A 107 -7.31 -18.34 0.68
N PHE A 108 -6.38 -17.79 -0.10
CA PHE A 108 -5.43 -16.78 0.33
C PHE A 108 -6.09 -15.42 0.15
N PHE A 109 -7.23 -15.22 0.82
CA PHE A 109 -7.96 -13.98 0.66
C PHE A 109 -7.11 -12.82 1.19
N CYS A 110 -6.79 -11.88 0.30
CA CYS A 110 -6.00 -10.70 0.62
C CYS A 110 -4.64 -11.02 1.26
N GLN A 111 -4.00 -12.15 0.92
CA GLN A 111 -2.71 -12.53 1.50
C GLN A 111 -1.60 -11.49 1.32
N SER A 112 -1.54 -10.83 0.16
CA SER A 112 -0.47 -9.88 -0.11
C SER A 112 -0.48 -8.75 0.89
N GLY A 113 -1.71 -8.34 1.20
CA GLY A 113 -1.93 -7.29 2.16
C GLY A 113 -1.48 -7.78 3.52
N LYS A 114 -1.86 -9.00 3.89
CA LYS A 114 -1.45 -9.60 5.15
C LYS A 114 0.08 -9.66 5.17
N ASP A 115 0.73 -10.02 4.05
CA ASP A 115 2.19 -10.09 3.95
C ASP A 115 2.82 -8.71 3.99
N PHE A 116 2.36 -7.78 3.15
CA PHE A 116 2.91 -6.44 3.17
C PHE A 116 2.67 -5.81 4.54
N ASP A 117 1.48 -6.03 5.10
CA ASP A 117 1.17 -5.49 6.41
C ASP A 117 2.07 -6.08 7.51
N SER A 118 2.43 -7.36 7.36
CA SER A 118 3.24 -8.03 8.37
C SER A 118 4.71 -7.66 8.32
N LYS A 119 5.35 -7.91 7.19
CA LYS A 119 6.78 -7.69 7.03
C LYS A 119 7.14 -6.22 7.25
N LEU A 120 6.33 -5.29 6.74
CA LEU A 120 6.52 -3.86 6.92
C LEU A 120 6.53 -3.51 8.40
N ALA A 121 5.57 -4.05 9.12
CA ALA A 121 5.45 -3.84 10.55
C ALA A 121 6.63 -4.51 11.24
N GLU A 122 7.03 -5.68 10.75
CA GLU A 122 8.17 -6.40 11.29
C GLU A 122 9.45 -5.56 11.18
N LEU A 123 9.57 -4.76 10.11
CA LEU A 123 10.72 -3.86 9.96
C LEU A 123 10.68 -2.70 10.95
N GLY A 124 9.54 -2.50 11.62
CA GLY A 124 9.35 -1.46 12.63
C GLY A 124 8.50 -0.29 12.13
N GLY A 125 7.81 -0.42 10.99
CA GLY A 125 6.99 0.66 10.47
C GLY A 125 5.83 0.94 11.43
N GLU A 126 5.30 2.18 11.41
CA GLU A 126 4.19 2.53 12.27
C GLU A 126 2.90 2.45 11.45
N ARG A 127 1.98 1.59 11.89
CA ARG A 127 0.73 1.43 11.19
C ARG A 127 -0.17 2.64 11.44
N LEU A 128 -0.39 3.42 10.39
CA LEU A 128 -1.23 4.60 10.41
C LEU A 128 -2.68 4.15 10.46
N LEU A 129 -3.00 3.09 9.71
CA LEU A 129 -4.33 2.54 9.62
C LEU A 129 -4.21 1.03 9.58
N ASP A 130 -5.19 0.34 10.17
CA ASP A 130 -5.24 -1.11 10.15
C ASP A 130 -5.37 -1.51 8.67
N ARG A 131 -4.69 -2.59 8.27
CA ARG A 131 -4.74 -3.03 6.89
C ARG A 131 -6.18 -3.34 6.50
N VAL A 132 -6.56 -2.97 5.29
CA VAL A 132 -7.92 -3.17 4.79
C VAL A 132 -7.85 -4.23 3.72
N ASP A 133 -8.66 -5.27 3.91
CA ASP A 133 -8.82 -6.40 3.02
C ASP A 133 -10.15 -6.10 2.33
N ALA A 134 -10.13 -6.09 1.00
CA ALA A 134 -11.33 -5.79 0.24
C ALA A 134 -11.71 -6.96 -0.64
N ASP A 135 -13.00 -7.26 -0.71
CA ASP A 135 -13.52 -8.37 -1.51
C ASP A 135 -13.73 -7.84 -2.92
N VAL A 136 -14.26 -8.69 -3.78
CA VAL A 136 -14.50 -8.36 -5.16
C VAL A 136 -15.30 -7.06 -5.36
N GLU A 137 -16.26 -6.72 -4.46
CA GLU A 137 -17.03 -5.49 -4.66
C GLU A 137 -16.10 -4.25 -4.58
N TYR A 138 -14.99 -4.36 -3.82
CA TYR A 138 -13.90 -3.41 -3.63
C TYR A 138 -14.19 -1.90 -3.63
N GLN A 139 -15.01 -1.48 -4.58
CA GLN A 139 -15.28 -0.06 -4.76
C GLN A 139 -15.76 0.64 -3.50
N ALA A 140 -16.41 0.11 -2.42
CA ALA A 140 -16.80 0.88 -1.25
C ALA A 140 -15.63 0.94 -0.26
N ALA A 141 -14.79 -0.09 -0.27
CA ALA A 141 -13.64 -0.19 0.60
C ALA A 141 -12.57 0.84 0.23
N ALA A 142 -12.22 0.94 -1.05
CA ALA A 142 -11.21 1.89 -1.49
C ALA A 142 -11.63 3.33 -1.15
N SER A 143 -12.89 3.67 -1.41
CA SER A 143 -13.42 5.00 -1.15
C SER A 143 -13.47 5.27 0.35
N GLU A 144 -14.06 4.38 1.17
CA GLU A 144 -14.11 4.62 2.62
C GLU A 144 -12.68 4.70 3.14
N TRP A 145 -11.80 3.82 2.66
CA TRP A 145 -10.40 3.81 3.04
C TRP A 145 -9.75 5.13 2.65
N ARG A 146 -9.99 5.57 1.42
CA ARG A 146 -9.46 6.82 0.95
C ARG A 146 -9.88 7.96 1.87
N ALA A 147 -11.17 8.00 2.26
CA ALA A 147 -11.69 9.00 3.17
C ALA A 147 -11.00 8.99 4.54
N ARG A 148 -10.50 7.84 5.01
CA ARG A 148 -9.86 7.75 6.31
C ARG A 148 -8.46 8.31 6.18
N VAL A 149 -7.81 7.98 5.07
CA VAL A 149 -6.47 8.46 4.80
C VAL A 149 -6.48 9.97 4.76
N VAL A 150 -7.42 10.59 4.04
CA VAL A 150 -7.51 12.03 3.97
C VAL A 150 -7.53 12.65 5.36
N ASP A 151 -8.50 12.24 6.19
CA ASP A 151 -8.63 12.78 7.54
C ASP A 151 -7.32 12.74 8.35
N ALA A 152 -6.57 11.66 8.17
CA ALA A 152 -5.32 11.47 8.92
C ALA A 152 -4.14 12.35 8.52
N LEU A 153 -3.84 12.43 7.22
CA LEU A 153 -2.69 13.17 6.71
C LEU A 153 -2.99 14.64 6.52
N LYS A 154 -4.29 14.93 6.51
CA LYS A 154 -4.78 16.30 6.44
C LYS A 154 -4.05 17.11 7.52
N SER A 155 -3.74 16.44 8.63
CA SER A 155 -2.99 17.05 9.72
C SER A 155 -1.69 17.65 9.19
N ARG A 156 -1.09 17.00 8.17
CA ARG A 156 0.16 17.42 7.54
C ARG A 156 1.20 17.54 8.64
N ALA A 157 1.19 16.51 9.49
CA ALA A 157 1.94 16.44 10.71
C ALA A 157 2.85 15.21 10.76
N1 FMN B . -7.40 -12.22 -4.56
C2 FMN B . -7.41 -12.75 -3.31
O2 FMN B . -7.91 -12.17 -2.35
N3 FMN B . -6.82 -13.97 -3.08
C4 FMN B . -6.21 -14.79 -4.01
O4 FMN B . -5.73 -15.86 -3.64
C4A FMN B . -6.16 -14.23 -5.35
N5 FMN B . -5.50 -14.90 -6.38
C5A FMN B . -5.46 -14.33 -7.61
C6 FMN B . -4.76 -15.06 -8.60
C7 FMN B . -4.61 -14.53 -9.89
C7M FMN B . -3.82 -15.32 -10.92
C8 FMN B . -5.17 -13.28 -10.20
C8M FMN B . -5.01 -12.70 -11.59
C9 FMN B . -5.87 -12.55 -9.22
C9A FMN B . -6.03 -13.04 -7.90
N10 FMN B . -6.63 -12.30 -6.90
C10 FMN B . -6.77 -12.90 -5.61
C1' FMN B . -6.89 -10.84 -6.99
C2' FMN B . -8.35 -10.55 -7.34
O2' FMN B . -9.16 -10.92 -6.24
C3' FMN B . -8.61 -9.05 -7.57
O3' FMN B . -8.67 -8.43 -6.30
C4' FMN B . -7.59 -8.31 -8.45
O4' FMN B . -7.29 -9.06 -9.60
C5' FMN B . -8.11 -6.93 -8.90
O5' FMN B . -7.20 -6.26 -9.79
P FMN B . -5.85 -5.54 -9.30
O1P FMN B . -5.61 -4.50 -10.32
O2P FMN B . -6.19 -5.02 -7.96
O3P FMN B . -4.83 -6.62 -9.31
HN3 FMN B . -6.69 -14.25 -2.12
H6 FMN B . -4.27 -15.99 -8.33
HM71 FMN B . -4.40 -15.37 -11.85
HM72 FMN B . -2.87 -14.81 -11.12
HM73 FMN B . -3.63 -16.32 -10.58
HM81 FMN B . -5.38 -11.67 -11.63
HM82 FMN B . -5.57 -13.29 -12.31
HM83 FMN B . -3.96 -12.68 -11.87
H9 FMN B . -6.30 -11.61 -9.50
H1'1 FMN B . -6.65 -10.34 -6.05
H1'2 FMN B . -6.23 -10.41 -7.72
H2' FMN B . -8.61 -11.13 -8.23
HO2' FMN B . -8.61 -11.45 -5.63
H3' FMN B . -9.61 -8.97 -8.00
HO3' FMN B . -9.11 -9.08 -5.74
H4' FMN B . -6.68 -8.19 -7.86
HO4' FMN B . -6.86 -8.46 -10.23
H5'1 FMN B . -9.03 -7.10 -9.45
H5'2 FMN B . -8.33 -6.31 -8.04
N ILE A 12 3.57 12.66 0.74
CA ILE A 12 2.88 11.39 0.84
C ILE A 12 3.22 10.57 -0.39
N THR A 13 3.65 9.33 -0.21
CA THR A 13 4.00 8.44 -1.29
C THR A 13 2.94 7.34 -1.34
N ILE A 14 2.24 7.21 -2.48
CA ILE A 14 1.22 6.19 -2.68
C ILE A 14 1.82 5.19 -3.68
N ILE A 15 1.83 3.90 -3.30
CA ILE A 15 2.32 2.83 -4.17
C ILE A 15 1.08 2.05 -4.61
N SER A 16 0.99 1.71 -5.89
CA SER A 16 -0.13 0.97 -6.44
C SER A 16 0.42 -0.36 -6.93
N ALA A 17 -0.16 -1.48 -6.49
CA ALA A 17 0.24 -2.79 -6.96
C ALA A 17 -1.06 -3.48 -7.40
N SER A 18 -1.22 -3.54 -8.71
CA SER A 18 -2.45 -4.03 -9.31
C SER A 18 -2.15 -5.01 -10.44
N GLN A 19 -2.93 -6.08 -10.54
CA GLN A 19 -2.79 -7.05 -11.62
C GLN A 19 -3.65 -6.53 -12.75
N THR A 20 -4.85 -6.07 -12.43
CA THR A 20 -5.69 -5.67 -13.55
C THR A 20 -5.54 -4.19 -13.90
N GLY A 21 -5.56 -3.28 -12.87
CA GLY A 21 -5.34 -1.84 -12.91
C GLY A 21 -6.31 -1.13 -11.93
N ASN A 22 -7.00 -1.89 -11.07
CA ASN A 22 -7.97 -1.30 -10.16
C ASN A 22 -7.30 -0.64 -8.95
N ALA A 23 -6.22 -1.18 -8.36
CA ALA A 23 -5.55 -0.46 -7.27
C ALA A 23 -4.99 0.85 -7.82
N ARG A 24 -4.61 0.83 -9.09
CA ARG A 24 -4.09 2.01 -9.76
C ARG A 24 -5.16 3.10 -9.77
N ARG A 25 -6.39 2.73 -10.15
CA ARG A 25 -7.53 3.62 -10.19
C ARG A 25 -7.80 4.19 -8.81
N VAL A 26 -7.75 3.35 -7.75
CA VAL A 26 -7.95 3.78 -6.39
C VAL A 26 -6.82 4.74 -6.01
N ALA A 27 -5.58 4.36 -6.38
CA ALA A 27 -4.43 5.18 -6.10
C ALA A 27 -4.57 6.55 -6.74
N GLU A 28 -5.06 6.59 -7.98
CA GLU A 28 -5.29 7.80 -8.72
C GLU A 28 -6.34 8.69 -8.04
N ALA A 29 -7.43 8.07 -7.56
CA ALA A 29 -8.47 8.80 -6.86
C ALA A 29 -7.90 9.38 -5.56
N LEU A 30 -7.06 8.59 -4.89
CA LEU A 30 -6.46 9.04 -3.65
C LEU A 30 -5.56 10.26 -3.88
N ARG A 31 -4.72 10.19 -4.90
CA ARG A 31 -3.81 11.33 -5.14
C ARG A 31 -4.62 12.61 -5.42
N ASP A 32 -5.79 12.47 -6.05
CA ASP A 32 -6.64 13.60 -6.40
C ASP A 32 -7.25 14.27 -5.19
N ASP A 33 -7.83 13.52 -4.26
CA ASP A 33 -8.44 14.18 -3.10
C ASP A 33 -7.36 14.89 -2.26
N LEU A 34 -6.12 14.38 -2.27
CA LEU A 34 -5.01 14.94 -1.52
C LEU A 34 -4.51 16.18 -2.26
N LEU A 35 -4.38 16.08 -3.59
CA LEU A 35 -4.01 17.23 -4.42
C LEU A 35 -5.12 18.25 -4.25
N ALA A 36 -6.39 17.81 -4.26
CA ALA A 36 -7.51 18.71 -4.02
C ALA A 36 -7.41 19.37 -2.64
N ALA A 37 -6.81 18.66 -1.67
CA ALA A 37 -6.58 19.17 -0.32
C ALA A 37 -5.28 19.98 -0.21
N LYS A 38 -4.58 20.11 -1.33
CA LYS A 38 -3.34 20.86 -1.41
C LYS A 38 -2.18 20.17 -0.66
N LEU A 39 -2.20 18.84 -0.66
CA LEU A 39 -1.19 18.04 0.01
C LEU A 39 -0.22 17.54 -1.05
N ASN A 40 1.07 17.41 -0.67
CA ASN A 40 2.13 16.96 -1.56
C ASN A 40 2.09 15.44 -1.64
N VAL A 41 1.53 14.91 -2.74
CA VAL A 41 1.39 13.49 -2.94
C VAL A 41 2.14 13.01 -4.18
N LYS A 42 2.85 11.89 -4.01
CA LYS A 42 3.60 11.26 -5.09
C LYS A 42 3.03 9.86 -5.29
N LEU A 43 2.77 9.49 -6.55
CA LEU A 43 2.21 8.19 -6.91
C LEU A 43 3.21 7.45 -7.79
N VAL A 44 3.67 6.27 -7.37
CA VAL A 44 4.59 5.45 -8.15
C VAL A 44 4.13 4.02 -8.19
N ASN A 45 4.44 3.35 -9.30
CA ASN A 45 4.17 1.94 -9.46
C ASN A 45 5.35 1.22 -8.83
N ALA A 46 5.09 0.11 -8.12
CA ALA A 46 6.17 -0.66 -7.50
C ALA A 46 7.26 -1.05 -8.49
N GLY A 47 6.94 -1.17 -9.78
CA GLY A 47 7.89 -1.52 -10.82
C GLY A 47 8.85 -0.39 -11.19
N ASP A 48 8.45 0.88 -10.97
CA ASP A 48 9.25 2.07 -11.26
C ASP A 48 9.88 2.57 -9.96
N TYR A 49 9.40 2.09 -8.82
CA TYR A 49 9.90 2.60 -7.55
C TYR A 49 11.34 2.13 -7.32
N LYS A 50 12.27 3.07 -7.19
CA LYS A 50 13.65 2.78 -6.85
C LYS A 50 13.61 2.49 -5.34
N PHE A 51 12.98 1.37 -5.03
CA PHE A 51 12.68 0.99 -3.66
C PHE A 51 13.88 0.85 -2.72
N LYS A 52 15.13 0.94 -3.19
CA LYS A 52 16.29 0.84 -2.31
C LYS A 52 16.35 2.01 -1.32
N GLN A 53 15.57 3.06 -1.63
CA GLN A 53 15.47 4.24 -0.78
C GLN A 53 14.13 4.34 -0.09
N ILE A 54 13.22 3.36 -0.26
CA ILE A 54 11.90 3.38 0.38
C ILE A 54 12.03 3.86 1.84
N ALA A 55 13.18 3.62 2.45
CA ALA A 55 13.59 4.07 3.77
C ALA A 55 13.74 5.59 3.89
N SER A 56 13.39 6.39 2.87
CA SER A 56 13.56 7.85 2.90
C SER A 56 12.19 8.56 3.06
N GLU A 57 11.13 7.74 3.10
CA GLU A 57 9.76 8.21 3.17
C GLU A 57 9.32 8.49 4.61
N LYS A 58 8.45 9.50 4.77
CA LYS A 58 7.90 9.86 6.07
C LYS A 58 6.47 9.30 6.17
N LEU A 59 5.73 9.33 5.05
CA LEU A 59 4.34 8.90 4.99
C LEU A 59 4.27 8.08 3.71
N LEU A 60 3.95 6.81 3.87
CA LEU A 60 3.95 5.83 2.79
C LEU A 60 2.61 5.11 2.69
N ILE A 61 1.96 5.14 1.53
CA ILE A 61 0.70 4.44 1.29
C ILE A 61 0.90 3.35 0.25
N VAL A 62 0.37 2.17 0.51
CA VAL A 62 0.46 1.08 -0.45
C VAL A 62 -0.90 0.42 -0.67
N VAL A 63 -1.14 0.13 -1.95
CA VAL A 63 -2.33 -0.59 -2.39
C VAL A 63 -1.82 -1.82 -3.15
N THR A 64 -2.17 -3.04 -2.71
CA THR A 64 -1.68 -4.27 -3.31
C THR A 64 -2.78 -5.31 -3.38
N SER A 65 -2.80 -6.04 -4.47
CA SER A 65 -3.73 -7.14 -4.66
C SER A 65 -3.01 -8.44 -4.30
N THR A 66 -3.74 -9.56 -4.22
CA THR A 66 -3.18 -10.88 -3.88
C THR A 66 -3.31 -11.76 -5.13
N GLN A 67 -2.24 -12.48 -5.51
CA GLN A 67 -2.14 -13.27 -6.74
C GLN A 67 -1.88 -14.78 -6.63
N GLY A 68 -2.03 -15.44 -7.78
CA GLY A 68 -1.80 -16.88 -7.97
C GLY A 68 -2.20 -17.75 -6.77
N GLU A 69 -1.27 -17.84 -5.81
CA GLU A 69 -1.44 -18.59 -4.57
C GLU A 69 -0.98 -17.73 -3.41
N GLY A 70 -1.62 -16.56 -3.27
CA GLY A 70 -1.32 -15.65 -2.19
C GLY A 70 -0.04 -14.83 -2.42
N GLU A 71 0.51 -14.90 -3.64
CA GLU A 71 1.76 -14.24 -3.96
C GLU A 71 1.50 -12.77 -4.29
N PRO A 72 2.40 -11.85 -3.92
CA PRO A 72 2.21 -10.44 -4.15
C PRO A 72 2.22 -10.09 -5.65
N PRO A 73 1.65 -8.93 -6.05
CA PRO A 73 1.63 -8.50 -7.42
C PRO A 73 3.08 -8.36 -7.88
N GLU A 74 3.28 -8.72 -9.15
CA GLU A 74 4.60 -8.81 -9.78
C GLU A 74 5.44 -7.57 -9.53
N GLU A 75 4.86 -6.39 -9.72
CA GLU A 75 5.57 -5.15 -9.57
C GLU A 75 6.28 -4.92 -8.24
N ALA A 76 5.80 -5.60 -7.19
CA ALA A 76 6.29 -5.43 -5.83
C ALA A 76 7.04 -6.65 -5.29
N VAL A 77 7.33 -7.65 -6.13
CA VAL A 77 8.01 -8.86 -5.68
C VAL A 77 9.39 -8.53 -5.11
N ALA A 78 10.19 -7.73 -5.83
CA ALA A 78 11.53 -7.38 -5.39
C ALA A 78 11.52 -6.63 -4.07
N LEU A 79 10.60 -5.67 -3.93
CA LEU A 79 10.52 -4.89 -2.70
C LEU A 79 10.09 -5.82 -1.57
N HIS A 80 9.16 -6.75 -1.80
CA HIS A 80 8.77 -7.65 -0.73
C HIS A 80 9.96 -8.53 -0.32
N LYS A 81 10.69 -9.08 -1.30
CA LYS A 81 11.85 -9.93 -1.07
C LYS A 81 12.97 -9.16 -0.36
N PHE A 82 13.24 -7.94 -0.84
CA PHE A 82 14.28 -7.06 -0.32
C PHE A 82 14.05 -6.83 1.17
N LEU A 83 12.83 -6.42 1.48
CA LEU A 83 12.44 -6.16 2.85
C LEU A 83 12.67 -7.41 3.75
N PHE A 84 12.87 -8.58 3.16
CA PHE A 84 13.17 -9.80 3.91
C PHE A 84 14.69 -10.03 4.14
N SER A 85 15.61 -9.20 3.60
CA SER A 85 17.07 -9.40 3.70
C SER A 85 17.74 -8.85 4.99
N LYS A 86 19.07 -8.67 4.96
CA LYS A 86 19.88 -8.13 6.07
C LYS A 86 19.94 -6.60 5.97
N LYS A 87 20.18 -6.13 4.75
CA LYS A 87 20.04 -4.72 4.36
C LYS A 87 18.65 -5.00 3.80
N ALA A 88 17.58 -4.37 4.32
CA ALA A 88 16.17 -4.63 4.09
C ALA A 88 15.56 -3.61 5.09
N PRO A 89 15.53 -2.33 4.70
CA PRO A 89 15.28 -1.22 5.59
C PRO A 89 14.22 -1.27 6.68
N LYS A 90 14.64 -0.81 7.85
CA LYS A 90 13.77 -0.61 8.99
C LYS A 90 13.08 0.71 8.71
N LEU A 91 11.79 0.80 9.04
CA LEU A 91 10.98 1.98 8.81
C LEU A 91 11.25 2.97 9.96
N GLU A 92 12.54 3.21 10.24
CA GLU A 92 13.02 4.02 11.34
C GLU A 92 12.24 5.33 11.54
N ASN A 93 11.92 6.00 10.44
CA ASN A 93 11.17 7.25 10.46
C ASN A 93 10.08 7.20 9.40
N THR A 94 9.55 6.00 9.18
CA THR A 94 8.54 5.76 8.17
C THR A 94 7.24 5.18 8.75
N ALA A 95 6.11 5.78 8.39
CA ALA A 95 4.81 5.24 8.79
C ALA A 95 4.15 4.67 7.56
N PHE A 96 3.28 3.68 7.76
CA PHE A 96 2.66 3.03 6.63
C PHE A 96 1.21 2.61 6.80
N ALA A 97 0.57 2.33 5.66
CA ALA A 97 -0.79 1.83 5.62
C ALA A 97 -0.92 0.98 4.35
N VAL A 98 -1.59 -0.16 4.48
CA VAL A 98 -1.81 -1.05 3.34
C VAL A 98 -3.30 -1.33 3.13
N PHE A 99 -3.71 -1.28 1.86
CA PHE A 99 -5.09 -1.53 1.42
C PHE A 99 -5.00 -2.68 0.45
N SER A 100 -5.84 -3.70 0.61
CA SER A 100 -5.77 -4.86 -0.27
C SER A 100 -7.07 -5.20 -1.02
N LEU A 101 -6.89 -5.55 -2.29
CA LEU A 101 -8.01 -5.92 -3.17
C LEU A 101 -7.97 -7.41 -3.44
N GLY A 102 -9.10 -8.11 -3.25
CA GLY A 102 -9.17 -9.53 -3.50
C GLY A 102 -10.58 -10.02 -3.84
N ASP A 103 -10.71 -11.34 -3.79
CA ASP A 103 -11.96 -12.04 -4.06
C ASP A 103 -12.08 -13.19 -3.08
N THR A 104 -13.10 -13.13 -2.22
CA THR A 104 -13.31 -14.14 -1.21
C THR A 104 -13.47 -15.54 -1.80
N SER A 105 -13.85 -15.66 -3.07
CA SER A 105 -14.03 -16.97 -3.71
C SER A 105 -12.69 -17.73 -3.77
N TYR A 106 -11.57 -17.00 -3.79
CA TYR A 106 -10.25 -17.61 -3.84
C TYR A 106 -9.83 -17.94 -2.41
N GLU A 107 -9.00 -18.95 -2.26
CA GLU A 107 -8.53 -19.42 -0.95
C GLU A 107 -7.69 -18.40 -0.20
N PHE A 108 -6.74 -17.83 -0.94
CA PHE A 108 -5.80 -16.86 -0.42
C PHE A 108 -6.41 -15.48 -0.64
N PHE A 109 -7.52 -15.21 0.05
CA PHE A 109 -8.25 -13.96 -0.13
C PHE A 109 -7.34 -12.73 -0.02
N CYS A 110 -6.47 -12.63 1.01
CA CYS A 110 -5.60 -11.47 1.14
C CYS A 110 -4.23 -11.81 1.74
N GLN A 111 -3.61 -12.93 1.34
CA GLN A 111 -2.30 -13.31 1.88
C GLN A 111 -1.19 -12.30 1.61
N SER A 112 -1.19 -11.67 0.43
CA SER A 112 -0.11 -10.74 0.10
C SER A 112 -0.18 -9.53 1.02
N GLY A 113 -1.39 -9.03 1.24
CA GLY A 113 -1.58 -7.91 2.12
C GLY A 113 -1.04 -8.26 3.51
N LYS A 114 -1.39 -9.46 3.99
CA LYS A 114 -0.90 -9.95 5.27
C LYS A 114 0.63 -9.90 5.27
N ASP A 115 1.28 -10.26 4.14
CA ASP A 115 2.74 -10.27 4.01
C ASP A 115 3.35 -8.89 4.08
N PHE A 116 2.88 -7.93 3.28
CA PHE A 116 3.44 -6.58 3.36
C PHE A 116 3.11 -5.98 4.73
N ASP A 117 1.85 -6.14 5.19
CA ASP A 117 1.41 -5.62 6.47
C ASP A 117 2.24 -6.20 7.62
N SER A 118 2.54 -7.49 7.55
CA SER A 118 3.28 -8.13 8.62
C SER A 118 4.74 -7.74 8.60
N LYS A 119 5.40 -7.94 7.46
CA LYS A 119 6.80 -7.63 7.29
C LYS A 119 7.08 -6.20 7.73
N LEU A 120 6.24 -5.25 7.31
CA LEU A 120 6.40 -3.84 7.63
C LEU A 120 6.38 -3.57 9.12
N ALA A 121 5.36 -4.08 9.79
CA ALA A 121 5.19 -3.91 11.22
C ALA A 121 6.32 -4.69 11.89
N GLU A 122 6.63 -5.89 11.39
CA GLU A 122 7.72 -6.69 11.91
C GLU A 122 9.05 -5.93 11.76
N LEU A 123 9.20 -5.19 10.66
CA LEU A 123 10.39 -4.37 10.45
C LEU A 123 10.43 -3.16 11.39
N GLY A 124 9.30 -2.86 12.04
CA GLY A 124 9.18 -1.78 12.99
C GLY A 124 8.40 -0.57 12.46
N GLY A 125 7.74 -0.69 11.31
CA GLY A 125 6.98 0.42 10.73
C GLY A 125 5.80 0.77 11.62
N GLU A 126 5.34 2.02 11.55
CA GLU A 126 4.20 2.47 12.31
C GLU A 126 2.95 2.32 11.46
N ARG A 127 2.03 1.46 11.88
CA ARG A 127 0.80 1.25 11.15
C ARG A 127 -0.07 2.50 11.35
N LEU A 128 -0.21 3.30 10.30
CA LEU A 128 -0.96 4.55 10.30
C LEU A 128 -2.44 4.26 10.31
N LEU A 129 -2.86 3.26 9.52
CA LEU A 129 -4.24 2.88 9.35
C LEU A 129 -4.25 1.36 9.41
N ASP A 130 -5.22 0.74 10.10
CA ASP A 130 -5.28 -0.72 10.13
C ASP A 130 -5.46 -1.15 8.68
N ARG A 131 -4.82 -2.25 8.30
CA ARG A 131 -4.86 -2.73 6.94
C ARG A 131 -6.30 -3.08 6.55
N VAL A 132 -6.66 -2.79 5.31
CA VAL A 132 -8.01 -3.03 4.80
C VAL A 132 -7.96 -4.07 3.69
N ASP A 133 -8.83 -5.08 3.80
CA ASP A 133 -9.01 -6.12 2.81
C ASP A 133 -10.31 -5.74 2.11
N ALA A 134 -10.31 -5.76 0.79
CA ALA A 134 -11.46 -5.40 -0.01
C ALA A 134 -11.80 -6.54 -0.96
N ASP A 135 -13.10 -6.81 -1.13
CA ASP A 135 -13.61 -7.86 -1.99
C ASP A 135 -13.77 -7.29 -3.41
N VAL A 136 -14.32 -8.10 -4.30
CA VAL A 136 -14.51 -7.71 -5.70
C VAL A 136 -15.32 -6.40 -5.81
N GLU A 137 -16.34 -6.20 -4.97
CA GLU A 137 -17.20 -5.03 -4.81
C GLU A 137 -16.42 -4.02 -3.95
N TYR A 138 -15.18 -3.81 -4.34
CA TYR A 138 -14.26 -2.99 -3.55
C TYR A 138 -14.58 -1.49 -3.53
N GLN A 139 -15.41 -1.05 -4.47
CA GLN A 139 -15.68 0.37 -4.66
C GLN A 139 -16.08 1.09 -3.38
N ALA A 140 -16.74 0.62 -2.31
CA ALA A 140 -17.05 1.43 -1.13
C ALA A 140 -15.86 1.45 -0.18
N ALA A 141 -15.05 0.40 -0.22
CA ALA A 141 -13.87 0.28 0.61
C ALA A 141 -12.81 1.30 0.22
N ALA A 142 -12.46 1.38 -1.07
CA ALA A 142 -11.43 2.30 -1.54
C ALA A 142 -11.80 3.76 -1.27
N SER A 143 -13.04 4.15 -1.56
CA SER A 143 -13.52 5.51 -1.34
C SER A 143 -13.55 5.80 0.16
N GLU A 144 -14.15 4.93 0.99
CA GLU A 144 -14.19 5.14 2.44
C GLU A 144 -12.72 5.23 2.93
N TRP A 145 -11.88 4.35 2.40
CA TRP A 145 -10.47 4.33 2.74
C TRP A 145 -9.79 5.63 2.29
N ARG A 146 -10.02 6.07 1.04
CA ARG A 146 -9.44 7.28 0.55
C ARG A 146 -9.83 8.45 1.47
N ALA A 147 -11.12 8.54 1.83
CA ALA A 147 -11.63 9.56 2.73
C ALA A 147 -10.98 9.50 4.12
N ARG A 148 -10.51 8.33 4.56
CA ARG A 148 -9.90 8.13 5.86
C ARG A 148 -8.47 8.59 5.82
N VAL A 149 -7.80 8.22 4.73
CA VAL A 149 -6.43 8.62 4.52
C VAL A 149 -6.41 10.14 4.48
N VAL A 150 -7.36 10.80 3.80
CA VAL A 150 -7.41 12.25 3.79
C VAL A 150 -7.42 12.81 5.21
N ASP A 151 -8.40 12.38 6.02
CA ASP A 151 -8.58 12.83 7.39
C ASP A 151 -7.41 12.45 8.30
N ALA A 152 -6.88 11.23 8.19
CA ALA A 152 -5.80 10.78 9.07
C ALA A 152 -4.52 11.54 8.79
N LEU A 153 -4.23 11.70 7.50
CA LEU A 153 -3.03 12.38 7.05
C LEU A 153 -3.10 13.86 7.45
N LYS A 154 -4.29 14.45 7.35
CA LYS A 154 -4.46 15.82 7.81
C LYS A 154 -4.20 15.83 9.33
N SER A 155 -4.70 14.80 10.01
CA SER A 155 -4.51 14.65 11.44
C SER A 155 -3.08 14.23 11.80
N ARG A 156 -2.24 13.90 10.81
CA ARG A 156 -0.85 13.51 11.05
C ARG A 156 0.12 14.49 10.39
N ALA A 157 -0.40 15.62 9.89
CA ALA A 157 0.40 16.68 9.30
C ALA A 157 0.72 17.67 10.43
N1 FMN B . -8.12 -12.96 -5.61
C2 FMN B . -7.81 -13.15 -4.30
O2 FMN B . -8.50 -12.71 -3.39
N3 FMN B . -6.72 -13.90 -3.97
C4 FMN B . -5.88 -14.57 -4.84
O4 FMN B . -4.97 -15.26 -4.38
C4A FMN B . -6.18 -14.36 -6.23
N5 FMN B . -5.40 -14.95 -7.24
C5A FMN B . -5.70 -14.69 -8.53
C6 FMN B . -4.88 -15.32 -9.48
C7 FMN B . -5.12 -15.12 -10.86
C7M FMN B . -4.17 -15.76 -11.85
C8 FMN B . -6.20 -14.31 -11.26
C8M FMN B . -6.68 -14.20 -12.68
C9 FMN B . -6.94 -13.61 -10.31
C9A FMN B . -6.78 -13.84 -8.93
N10 FMN B . -7.62 -13.28 -7.99
C10 FMN B . -7.34 -13.53 -6.62
C1' FMN B . -8.75 -12.36 -8.31
C2' FMN B . -8.35 -10.90 -8.00
O2' FMN B . -8.75 -10.57 -6.70
C3' FMN B . -6.85 -10.61 -8.21
O3' FMN B . -6.46 -10.81 -9.55
C4' FMN B . -6.48 -9.19 -7.79
O4' FMN B . -5.11 -9.01 -8.11
C5' FMN B . -7.23 -8.07 -8.48
O5' FMN B . -6.70 -6.85 -8.00
P FMN B . -6.73 -5.51 -8.87
O1P FMN B . -8.04 -5.62 -9.57
O2P FMN B . -5.55 -5.64 -9.75
O3P FMN B . -6.65 -4.43 -7.87
HN3 FMN B . -6.51 -13.99 -2.98
H6 FMN B . -4.11 -15.99 -9.16
HM71 FMN B . -3.31 -16.19 -11.33
HM72 FMN B . -3.81 -15.01 -12.56
HM73 FMN B . -4.68 -16.57 -12.38
HM81 FMN B . -6.65 -13.14 -12.96
HM82 FMN B . -7.73 -14.51 -12.69
HM83 FMN B . -6.11 -14.81 -13.36
H9 FMN B . -7.66 -12.90 -10.70
H1'1 FMN B . -9.07 -12.42 -9.35
H1'2 FMN B . -9.63 -12.65 -7.76
H2' FMN B . -8.90 -10.27 -8.71
HO2' FMN B . -8.54 -11.34 -6.13
H3' FMN B . -6.25 -11.27 -7.56
HO3' FMN B . -5.56 -11.17 -9.54
H4' FMN B . -6.62 -9.12 -6.72
HO4' FMN B . -4.92 -9.62 -8.83
H5'1 FMN B . -7.09 -8.15 -9.56
H5'2 FMN B . -8.30 -8.10 -8.25
N ILE A 12 3.76 13.14 0.92
CA ILE A 12 3.21 11.79 1.04
C ILE A 12 3.65 10.96 -0.17
N THR A 13 3.90 9.66 0.07
CA THR A 13 4.29 8.70 -0.95
C THR A 13 3.23 7.59 -1.01
N ILE A 14 2.60 7.39 -2.18
CA ILE A 14 1.62 6.32 -2.39
C ILE A 14 2.21 5.35 -3.43
N ILE A 15 2.26 4.06 -3.09
CA ILE A 15 2.73 3.04 -4.01
C ILE A 15 1.52 2.23 -4.46
N SER A 16 1.44 1.90 -5.75
CA SER A 16 0.35 1.13 -6.30
C SER A 16 0.94 -0.16 -6.86
N ALA A 17 0.39 -1.31 -6.46
CA ALA A 17 0.79 -2.60 -6.97
C ALA A 17 -0.47 -3.25 -7.50
N SER A 18 -0.59 -3.21 -8.82
CA SER A 18 -1.79 -3.64 -9.52
C SER A 18 -1.40 -4.59 -10.63
N GLN A 19 -2.13 -5.68 -10.77
CA GLN A 19 -1.90 -6.67 -11.80
C GLN A 19 -2.87 -6.36 -12.93
N THR A 20 -4.13 -6.10 -12.58
CA THR A 20 -5.06 -5.87 -13.66
C THR A 20 -5.20 -4.38 -13.98
N GLY A 21 -5.29 -3.47 -12.96
CA GLY A 21 -5.23 -2.01 -13.05
C GLY A 21 -6.20 -1.33 -12.05
N ASN A 22 -6.85 -2.12 -11.19
CA ASN A 22 -7.82 -1.62 -10.23
C ASN A 22 -7.14 -0.89 -9.06
N ALA A 23 -6.03 -1.40 -8.49
CA ALA A 23 -5.33 -0.67 -7.44
C ALA A 23 -4.84 0.67 -7.98
N ARG A 24 -4.49 0.69 -9.26
CA ARG A 24 -4.03 1.90 -9.89
C ARG A 24 -5.12 2.98 -9.85
N ARG A 25 -6.36 2.58 -10.17
CA ARG A 25 -7.51 3.46 -10.20
C ARG A 25 -7.86 4.04 -8.84
N VAL A 26 -7.91 3.24 -7.78
CA VAL A 26 -8.22 3.76 -6.45
C VAL A 26 -7.10 4.70 -6.03
N ALA A 27 -5.85 4.37 -6.39
CA ALA A 27 -4.72 5.22 -6.07
C ALA A 27 -4.89 6.61 -6.68
N GLU A 28 -5.43 6.66 -7.90
CA GLU A 28 -5.70 7.92 -8.59
C GLU A 28 -6.72 8.74 -7.80
N ALA A 29 -7.71 8.07 -7.20
CA ALA A 29 -8.70 8.73 -6.38
C ALA A 29 -8.05 9.27 -5.10
N LEU A 30 -7.18 8.47 -4.49
CA LEU A 30 -6.48 8.80 -3.26
C LEU A 30 -5.54 9.99 -3.48
N ARG A 31 -4.66 9.88 -4.47
CA ARG A 31 -3.69 10.95 -4.72
C ARG A 31 -4.42 12.26 -5.02
N ASP A 32 -5.54 12.16 -5.76
CA ASP A 32 -6.34 13.32 -6.08
C ASP A 32 -6.94 13.93 -4.84
N ASP A 33 -7.36 13.11 -3.87
CA ASP A 33 -7.95 13.64 -2.66
C ASP A 33 -6.90 14.44 -1.89
N LEU A 34 -5.64 13.99 -1.93
CA LEU A 34 -4.55 14.65 -1.23
C LEU A 34 -4.20 15.93 -1.96
N LEU A 35 -4.10 15.86 -3.29
CA LEU A 35 -3.84 17.04 -4.11
C LEU A 35 -5.01 18.00 -3.89
N ALA A 36 -6.25 17.48 -3.85
CA ALA A 36 -7.42 18.32 -3.58
C ALA A 36 -7.30 18.96 -2.19
N ALA A 37 -6.65 18.28 -1.24
CA ALA A 37 -6.42 18.79 0.10
C ALA A 37 -5.17 19.68 0.16
N LYS A 38 -4.54 19.89 -0.99
CA LYS A 38 -3.35 20.73 -1.12
C LYS A 38 -2.12 20.11 -0.44
N LEU A 39 -2.04 18.78 -0.52
CA LEU A 39 -0.94 18.03 0.07
C LEU A 39 0.01 17.56 -1.02
N ASN A 40 1.30 17.46 -0.68
CA ASN A 40 2.33 17.03 -1.64
C ASN A 40 2.35 15.51 -1.66
N VAL A 41 1.82 14.95 -2.75
CA VAL A 41 1.73 13.51 -2.92
C VAL A 41 2.54 13.04 -4.12
N LYS A 42 3.28 11.95 -3.90
CA LYS A 42 4.13 11.32 -4.91
C LYS A 42 3.57 9.92 -5.12
N LEU A 43 3.27 9.55 -6.37
CA LEU A 43 2.73 8.25 -6.72
C LEU A 43 3.72 7.51 -7.61
N VAL A 44 4.16 6.31 -7.19
CA VAL A 44 5.07 5.48 -7.98
C VAL A 44 4.55 4.05 -8.03
N ASN A 45 4.78 3.39 -9.16
CA ASN A 45 4.39 2.00 -9.32
C ASN A 45 5.49 1.14 -8.73
N ALA A 46 5.14 0.02 -8.10
CA ALA A 46 6.11 -0.88 -7.51
C ALA A 46 7.10 -1.42 -8.55
N GLY A 47 6.73 -1.47 -9.84
CA GLY A 47 7.60 -1.97 -10.91
C GLY A 47 8.58 -0.87 -11.31
N ASP A 48 8.17 0.40 -11.17
CA ASP A 48 9.00 1.56 -11.50
C ASP A 48 9.76 1.98 -10.23
N TYR A 49 9.40 1.42 -9.08
CA TYR A 49 10.05 1.83 -7.85
C TYR A 49 11.38 1.09 -7.66
N LYS A 50 12.44 1.89 -7.55
CA LYS A 50 13.77 1.36 -7.24
C LYS A 50 13.62 0.88 -5.78
N PHE A 51 13.21 1.86 -4.98
CA PHE A 51 12.82 1.69 -3.57
C PHE A 51 13.97 1.44 -2.60
N LYS A 52 15.21 1.53 -3.07
CA LYS A 52 16.38 1.41 -2.19
C LYS A 52 16.42 2.60 -1.22
N GLN A 53 15.63 3.64 -1.55
CA GLN A 53 15.47 4.82 -0.72
C GLN A 53 14.16 4.82 0.05
N ILE A 54 13.34 3.76 0.00
CA ILE A 54 12.06 3.70 0.71
C ILE A 54 12.19 4.27 2.13
N ALA A 55 13.37 4.15 2.74
CA ALA A 55 13.73 4.70 4.03
C ALA A 55 13.47 6.22 4.15
N SER A 56 13.56 6.89 3.01
CA SER A 56 13.42 8.34 2.91
C SER A 56 11.99 8.84 3.10
N GLU A 57 11.03 7.89 3.19
CA GLU A 57 9.61 8.21 3.33
C GLU A 57 9.18 8.39 4.78
N LYS A 58 8.24 9.31 4.98
CA LYS A 58 7.63 9.57 6.28
C LYS A 58 6.21 9.00 6.31
N LEU A 59 5.51 9.02 5.17
CA LEU A 59 4.12 8.61 5.08
C LEU A 59 4.04 7.79 3.78
N LEU A 60 3.70 6.51 3.94
CA LEU A 60 3.71 5.55 2.83
C LEU A 60 2.38 4.82 2.66
N ILE A 61 1.76 4.83 1.48
CA ILE A 61 0.53 4.10 1.23
C ILE A 61 0.76 2.99 0.20
N VAL A 62 0.37 1.76 0.52
CA VAL A 62 0.52 0.66 -0.44
C VAL A 62 -0.85 0.11 -0.84
N VAL A 63 -1.08 -0.04 -2.15
CA VAL A 63 -2.27 -0.67 -2.67
C VAL A 63 -1.77 -1.91 -3.42
N THR A 64 -2.14 -3.12 -2.97
CA THR A 64 -1.63 -4.37 -3.54
C THR A 64 -2.74 -5.41 -3.68
N SER A 65 -2.75 -6.11 -4.81
CA SER A 65 -3.66 -7.24 -5.02
C SER A 65 -2.93 -8.52 -4.59
N THR A 66 -3.64 -9.65 -4.51
CA THR A 66 -3.05 -10.95 -4.18
C THR A 66 -3.24 -11.82 -5.42
N GLN A 67 -2.20 -12.58 -5.79
CA GLN A 67 -2.14 -13.44 -6.96
C GLN A 67 -2.13 -14.94 -6.66
N GLY A 68 -2.27 -15.68 -7.76
CA GLY A 68 -2.29 -17.14 -7.75
C GLY A 68 -1.37 -17.75 -6.67
N GLU A 69 -1.96 -18.64 -5.86
CA GLU A 69 -1.25 -19.31 -4.77
C GLU A 69 -0.82 -18.35 -3.66
N GLY A 70 -1.47 -17.18 -3.57
CA GLY A 70 -1.22 -16.19 -2.53
C GLY A 70 0.05 -15.37 -2.73
N GLU A 71 0.55 -15.35 -3.97
CA GLU A 71 1.77 -14.64 -4.30
C GLU A 71 1.46 -13.15 -4.45
N PRO A 72 2.34 -12.22 -4.02
CA PRO A 72 2.09 -10.79 -4.17
C PRO A 72 2.14 -10.38 -5.65
N PRO A 73 1.70 -9.17 -6.02
CA PRO A 73 1.70 -8.70 -7.39
C PRO A 73 3.13 -8.75 -7.91
N GLU A 74 3.25 -9.12 -9.18
CA GLU A 74 4.50 -9.32 -9.89
C GLU A 74 5.38 -8.10 -9.72
N GLU A 75 4.83 -6.92 -9.98
CA GLU A 75 5.58 -5.69 -9.91
C GLU A 75 6.10 -5.33 -8.52
N ALA A 76 5.58 -6.01 -7.48
CA ALA A 76 5.95 -5.80 -6.09
C ALA A 76 6.74 -6.99 -5.53
N VAL A 77 7.08 -7.99 -6.36
CA VAL A 77 7.81 -9.16 -5.88
C VAL A 77 9.18 -8.79 -5.34
N ALA A 78 9.96 -7.99 -6.08
CA ALA A 78 11.30 -7.59 -5.66
C ALA A 78 11.21 -6.81 -4.37
N LEU A 79 10.23 -5.91 -4.31
CA LEU A 79 9.92 -5.09 -3.16
C LEU A 79 9.57 -6.00 -1.99
N HIS A 80 8.62 -6.91 -2.17
CA HIS A 80 8.25 -7.75 -1.04
C HIS A 80 9.42 -8.64 -0.63
N LYS A 81 10.15 -9.21 -1.60
CA LYS A 81 11.29 -10.05 -1.31
C LYS A 81 12.34 -9.23 -0.57
N PHE A 82 12.58 -7.99 -1.02
CA PHE A 82 13.56 -7.09 -0.43
C PHE A 82 13.20 -6.86 1.03
N LEU A 83 11.96 -6.46 1.26
CA LEU A 83 11.48 -6.21 2.59
C LEU A 83 11.57 -7.48 3.45
N PHE A 84 11.55 -8.65 2.81
CA PHE A 84 11.68 -9.93 3.48
C PHE A 84 13.15 -10.39 3.59
N SER A 85 14.09 -9.62 3.03
CA SER A 85 15.50 -9.97 3.04
C SER A 85 16.23 -9.42 4.26
N LYS A 86 17.32 -10.07 4.65
CA LYS A 86 18.15 -9.64 5.77
C LYS A 86 18.84 -8.29 5.51
N LYS A 87 18.70 -7.74 4.30
CA LYS A 87 19.27 -6.45 3.94
C LYS A 87 18.23 -5.33 4.03
N ALA A 88 16.97 -5.66 4.37
CA ALA A 88 15.89 -4.70 4.46
C ALA A 88 16.22 -3.65 5.54
N PRO A 89 16.07 -2.36 5.26
CA PRO A 89 16.38 -1.30 6.21
C PRO A 89 15.31 -1.15 7.28
N LYS A 90 15.70 -0.63 8.44
CA LYS A 90 14.76 -0.36 9.52
C LYS A 90 13.95 0.86 9.13
N LEU A 91 12.63 0.84 9.40
CA LEU A 91 11.71 1.91 9.07
C LEU A 91 11.70 2.95 10.18
N GLU A 92 12.89 3.28 10.68
CA GLU A 92 13.08 4.18 11.80
C GLU A 92 12.30 5.50 11.68
N ASN A 93 11.99 5.93 10.46
CA ASN A 93 11.25 7.17 10.22
C ASN A 93 10.15 6.98 9.17
N THR A 94 9.64 5.75 9.02
CA THR A 94 8.61 5.46 8.01
C THR A 94 7.30 4.93 8.60
N ALA A 95 6.18 5.59 8.23
CA ALA A 95 4.84 5.18 8.66
C ALA A 95 4.09 4.68 7.45
N PHE A 96 3.18 3.71 7.64
CA PHE A 96 2.48 3.13 6.51
C PHE A 96 1.01 2.72 6.64
N ALA A 97 0.34 2.48 5.51
CA ALA A 97 -1.05 2.01 5.47
C ALA A 97 -1.23 1.16 4.21
N VAL A 98 -1.93 0.02 4.34
CA VAL A 98 -2.15 -0.91 3.24
C VAL A 98 -3.64 -1.09 2.88
N PHE A 99 -3.96 -1.07 1.58
CA PHE A 99 -5.30 -1.35 1.05
C PHE A 99 -5.13 -2.51 0.08
N SER A 100 -5.91 -3.59 0.25
CA SER A 100 -5.76 -4.73 -0.63
C SER A 100 -7.01 -5.13 -1.42
N LEU A 101 -6.83 -5.45 -2.70
CA LEU A 101 -7.91 -5.88 -3.58
C LEU A 101 -7.84 -7.40 -3.61
N GLY A 102 -8.90 -8.12 -3.25
CA GLY A 102 -8.88 -9.56 -3.27
C GLY A 102 -10.24 -10.19 -3.43
N ASP A 103 -10.30 -11.52 -3.29
CA ASP A 103 -11.53 -12.27 -3.40
C ASP A 103 -11.56 -13.40 -2.38
N THR A 104 -12.54 -13.33 -1.48
CA THR A 104 -12.74 -14.29 -0.41
C THR A 104 -12.87 -15.71 -0.93
N SER A 105 -13.28 -15.90 -2.18
CA SER A 105 -13.42 -17.23 -2.76
C SER A 105 -12.07 -17.94 -2.85
N TYR A 106 -10.97 -17.18 -2.89
CA TYR A 106 -9.63 -17.73 -2.95
C TYR A 106 -9.15 -17.99 -1.53
N GLU A 107 -8.27 -18.98 -1.38
CA GLU A 107 -7.72 -19.40 -0.09
C GLU A 107 -6.92 -18.32 0.62
N PHE A 108 -6.00 -17.71 -0.12
CA PHE A 108 -5.09 -16.70 0.37
C PHE A 108 -5.74 -15.33 0.15
N PHE A 109 -6.85 -15.09 0.82
CA PHE A 109 -7.58 -13.84 0.65
C PHE A 109 -6.73 -12.68 1.15
N CYS A 110 -6.46 -11.71 0.26
CA CYS A 110 -5.68 -10.51 0.57
C CYS A 110 -4.35 -10.81 1.26
N GLN A 111 -3.72 -11.95 0.91
CA GLN A 111 -2.45 -12.36 1.50
C GLN A 111 -1.34 -11.32 1.32
N SER A 112 -1.33 -10.65 0.17
CA SER A 112 -0.30 -9.67 -0.11
C SER A 112 -0.37 -8.52 0.89
N GLY A 113 -1.61 -8.14 1.19
CA GLY A 113 -1.87 -7.11 2.15
C GLY A 113 -1.39 -7.59 3.51
N LYS A 114 -1.76 -8.81 3.90
CA LYS A 114 -1.34 -9.40 5.15
C LYS A 114 0.19 -9.43 5.19
N ASP A 115 0.85 -9.79 4.08
CA ASP A 115 2.31 -9.86 3.99
C ASP A 115 2.93 -8.48 4.07
N PHE A 116 2.46 -7.54 3.26
CA PHE A 116 2.98 -6.19 3.28
C PHE A 116 2.72 -5.57 4.66
N ASP A 117 1.51 -5.71 5.16
CA ASP A 117 1.17 -5.12 6.45
C ASP A 117 1.97 -5.72 7.60
N SER A 118 2.26 -7.01 7.54
CA SER A 118 2.97 -7.68 8.62
C SER A 118 4.44 -7.35 8.64
N LYS A 119 5.14 -7.61 7.52
CA LYS A 119 6.57 -7.42 7.43
C LYS A 119 6.93 -5.98 7.77
N LEU A 120 6.13 -5.02 7.30
CA LEU A 120 6.32 -3.61 7.55
C LEU A 120 6.34 -3.32 9.03
N ALA A 121 5.36 -3.85 9.74
CA ALA A 121 5.24 -3.68 11.18
C ALA A 121 6.41 -4.44 11.81
N GLU A 122 6.74 -5.63 11.30
CA GLU A 122 7.86 -6.41 11.81
C GLU A 122 9.15 -5.60 11.60
N LEU A 123 9.27 -4.91 10.46
CA LEU A 123 10.43 -4.09 10.15
C LEU A 123 10.49 -2.84 11.03
N GLY A 124 9.44 -2.59 11.81
CA GLY A 124 9.38 -1.43 12.70
C GLY A 124 8.59 -0.25 12.16
N GLY A 125 7.94 -0.38 10.99
CA GLY A 125 7.17 0.73 10.43
C GLY A 125 5.99 1.03 11.34
N GLU A 126 5.45 2.26 11.29
CA GLU A 126 4.29 2.65 12.07
C GLU A 126 3.04 2.59 11.21
N ARG A 127 2.08 1.75 11.62
CA ARG A 127 0.84 1.61 10.89
C ARG A 127 -0.08 2.81 11.11
N LEU A 128 -0.36 3.55 10.05
CA LEU A 128 -1.23 4.71 10.05
C LEU A 128 -2.68 4.24 10.17
N LEU A 129 -3.00 3.18 9.44
CA LEU A 129 -4.34 2.63 9.38
C LEU A 129 -4.22 1.11 9.37
N ASP A 130 -5.16 0.41 10.01
CA ASP A 130 -5.18 -1.05 10.00
C ASP A 130 -5.33 -1.49 8.54
N ARG A 131 -4.67 -2.58 8.14
CA ARG A 131 -4.73 -3.11 6.80
C ARG A 131 -6.19 -3.29 6.38
N VAL A 132 -6.52 -2.89 5.16
CA VAL A 132 -7.86 -3.03 4.62
C VAL A 132 -7.75 -4.10 3.56
N ASP A 133 -8.52 -5.17 3.76
CA ASP A 133 -8.58 -6.30 2.86
C ASP A 133 -9.94 -6.17 2.19
N ALA A 134 -9.93 -5.68 0.97
CA ALA A 134 -11.15 -5.42 0.24
C ALA A 134 -11.53 -6.63 -0.60
N ASP A 135 -12.81 -6.96 -0.63
CA ASP A 135 -13.33 -8.08 -1.38
C ASP A 135 -13.57 -7.60 -2.81
N VAL A 136 -14.13 -8.46 -3.64
CA VAL A 136 -14.39 -8.13 -5.02
C VAL A 136 -15.23 -6.85 -5.20
N GLU A 137 -16.17 -6.51 -4.30
CA GLU A 137 -16.99 -5.31 -4.47
C GLU A 137 -16.09 -4.05 -4.42
N TYR A 138 -14.96 -4.14 -3.69
CA TYR A 138 -13.89 -3.15 -3.56
C TYR A 138 -14.21 -1.65 -3.57
N GLN A 139 -15.06 -1.24 -4.50
CA GLN A 139 -15.35 0.18 -4.68
C GLN A 139 -15.82 0.88 -3.40
N ALA A 140 -16.53 0.36 -2.37
CA ALA A 140 -16.93 1.14 -1.20
C ALA A 140 -15.76 1.17 -0.22
N ALA A 141 -14.94 0.11 -0.24
CA ALA A 141 -13.77 0.00 0.60
C ALA A 141 -12.76 1.06 0.19
N ALA A 142 -12.49 1.16 -1.10
CA ALA A 142 -11.55 2.14 -1.62
C ALA A 142 -11.98 3.54 -1.22
N SER A 143 -13.26 3.85 -1.40
CA SER A 143 -13.82 5.14 -1.07
C SER A 143 -13.78 5.38 0.45
N GLU A 144 -14.32 4.47 1.28
CA GLU A 144 -14.29 4.66 2.73
C GLU A 144 -12.82 4.75 3.18
N TRP A 145 -11.97 3.87 2.65
CA TRP A 145 -10.56 3.87 2.97
C TRP A 145 -9.94 5.19 2.54
N ARG A 146 -10.23 5.64 1.32
CA ARG A 146 -9.73 6.90 0.84
C ARG A 146 -10.07 8.03 1.82
N ALA A 147 -11.35 8.09 2.23
CA ALA A 147 -11.82 9.11 3.17
C ALA A 147 -11.08 9.13 4.49
N ARG A 148 -10.50 7.99 4.92
CA ARG A 148 -9.84 7.85 6.21
C ARG A 148 -8.40 8.34 6.15
N VAL A 149 -7.67 8.00 5.09
CA VAL A 149 -6.29 8.46 5.02
C VAL A 149 -6.30 9.99 4.90
N VAL A 150 -7.22 10.58 4.13
CA VAL A 150 -7.31 12.02 3.95
C VAL A 150 -7.46 12.70 5.32
N ASP A 151 -8.49 12.30 6.09
CA ASP A 151 -8.70 12.85 7.42
C ASP A 151 -7.43 12.73 8.26
N ALA A 152 -6.73 11.61 8.09
CA ALA A 152 -5.50 11.36 8.81
C ALA A 152 -4.32 12.19 8.32
N LEU A 153 -4.14 12.29 7.00
CA LEU A 153 -2.99 12.98 6.42
C LEU A 153 -3.15 14.48 6.49
N LYS A 154 -4.34 15.02 6.23
CA LYS A 154 -4.55 16.46 6.30
C LYS A 154 -4.19 16.96 7.70
N SER A 155 -4.35 16.09 8.70
CA SER A 155 -4.04 16.45 10.07
C SER A 155 -2.54 16.67 10.25
N ARG A 156 -1.70 15.98 9.45
CA ARG A 156 -0.24 16.03 9.53
C ARG A 156 0.11 15.94 11.01
N ALA A 157 -0.35 14.81 11.55
CA ALA A 157 -0.34 14.48 12.95
C ALA A 157 0.86 13.61 13.35
N1 FMN B . -7.68 -12.38 -4.49
C2 FMN B . -7.23 -12.74 -3.25
O2 FMN B . -7.62 -12.16 -2.25
N3 FMN B . -6.34 -13.77 -3.12
C4 FMN B . -5.79 -14.52 -4.15
O4 FMN B . -5.00 -15.43 -3.88
C4A FMN B . -6.24 -14.13 -5.48
N5 FMN B . -5.76 -14.78 -6.63
C5A FMN B . -6.25 -14.41 -7.83
C6 FMN B . -5.76 -15.15 -8.92
C7 FMN B . -6.25 -14.93 -10.21
C7M FMN B . -5.77 -15.81 -11.36
C8 FMN B . -7.23 -13.94 -10.42
C8M FMN B . -7.81 -13.72 -11.81
C9 FMN B . -7.69 -13.17 -9.34
C9A FMN B . -7.24 -13.38 -8.02
N10 FMN B . -7.73 -12.68 -6.92
C10 FMN B . -7.24 -13.04 -5.64
C1' FMN B . -8.79 -11.63 -6.98
C2' FMN B . -8.26 -10.19 -7.18
O2' FMN B . -7.01 -10.06 -6.53
C3' FMN B . -8.14 -9.81 -8.67
O3' FMN B . -9.35 -10.15 -9.32
C4' FMN B . -8.04 -8.32 -9.03
O4' FMN B . -9.22 -7.67 -8.63
C5' FMN B . -6.82 -7.55 -8.52
O5' FMN B . -6.81 -6.32 -9.25
P FMN B . -5.58 -5.27 -9.16
O1P FMN B . -4.39 -6.14 -9.29
O2P FMN B . -5.76 -4.63 -7.84
O3P FMN B . -5.80 -4.39 -10.32
HN3 FMN B . -6.01 -14.00 -2.19
H6 FMN B . -5.02 -15.91 -8.75
HM71 FMN B . -5.53 -15.18 -12.22
HM72 FMN B . -4.88 -16.36 -11.06
HM73 FMN B . -6.56 -16.50 -11.63
HM81 FMN B . -8.66 -13.03 -11.76
HM82 FMN B . -8.16 -14.66 -12.23
HM83 FMN B . -7.06 -13.29 -12.45
H9 FMN B . -8.42 -12.41 -9.55
H1'1 FMN B . -9.35 -11.62 -6.05
H1'2 FMN B . -9.54 -11.90 -7.73
H2' FMN B . -8.95 -9.52 -6.68
HO2' FMN B . -7.04 -10.57 -5.71
H3' FMN B . -7.30 -10.35 -9.08
HO3' FMN B . -9.93 -9.39 -9.18
H4' FMN B . -7.98 -8.27 -10.12
HO4' FMN B . -9.09 -6.73 -8.76
H5'1 FMN B . -6.90 -7.35 -7.45
H5'2 FMN B . -5.92 -8.12 -8.73
N ILE A 12 3.91 12.56 0.57
CA ILE A 12 3.18 11.32 0.74
C ILE A 12 3.47 10.48 -0.50
N THR A 13 3.87 9.22 -0.30
CA THR A 13 4.15 8.31 -1.39
C THR A 13 3.04 7.27 -1.46
N ILE A 14 2.30 7.24 -2.58
CA ILE A 14 1.20 6.31 -2.81
C ILE A 14 1.75 5.32 -3.84
N ILE A 15 1.75 4.03 -3.47
CA ILE A 15 2.21 2.96 -4.35
C ILE A 15 1.00 2.13 -4.74
N SER A 16 0.91 1.76 -6.02
CA SER A 16 -0.17 0.94 -6.53
C SER A 16 0.41 -0.36 -7.05
N ALA A 17 -0.16 -1.50 -6.65
CA ALA A 17 0.27 -2.79 -7.12
C ALA A 17 -0.98 -3.47 -7.65
N SER A 18 -1.05 -3.53 -8.97
CA SER A 18 -2.19 -4.06 -9.67
C SER A 18 -1.75 -5.07 -10.71
N GLN A 19 -2.45 -6.19 -10.78
CA GLN A 19 -2.23 -7.20 -11.77
C GLN A 19 -3.09 -6.74 -12.94
N THR A 20 -4.31 -6.26 -12.65
CA THR A 20 -5.11 -5.82 -13.79
C THR A 20 -5.15 -4.31 -14.02
N GLY A 21 -5.25 -3.42 -12.97
CA GLY A 21 -5.10 -1.95 -12.99
C GLY A 21 -6.04 -1.25 -11.99
N ASN A 22 -6.70 -2.01 -11.11
CA ASN A 22 -7.65 -1.44 -10.16
C ASN A 22 -6.98 -0.74 -8.99
N ALA A 23 -5.90 -1.27 -8.36
CA ALA A 23 -5.23 -0.53 -7.29
C ALA A 23 -4.72 0.80 -7.84
N ARG A 24 -4.35 0.82 -9.12
CA ARG A 24 -3.87 2.03 -9.76
C ARG A 24 -4.96 3.11 -9.76
N ARG A 25 -6.18 2.73 -10.14
CA ARG A 25 -7.29 3.67 -10.22
C ARG A 25 -7.68 4.25 -8.87
N VAL A 26 -7.76 3.45 -7.81
CA VAL A 26 -8.10 3.98 -6.49
C VAL A 26 -6.97 4.93 -6.07
N ALA A 27 -5.73 4.58 -6.41
CA ALA A 27 -4.58 5.41 -6.09
C ALA A 27 -4.74 6.79 -6.72
N GLU A 28 -5.23 6.82 -7.96
CA GLU A 28 -5.48 8.04 -8.70
C GLU A 28 -6.52 8.89 -7.97
N ALA A 29 -7.59 8.26 -7.46
CA ALA A 29 -8.63 8.93 -6.72
C ALA A 29 -8.08 9.47 -5.41
N LEU A 30 -7.24 8.67 -4.75
CA LEU A 30 -6.64 9.00 -3.48
C LEU A 30 -5.64 10.14 -3.67
N ARG A 31 -4.75 10.00 -4.64
CA ARG A 31 -3.75 11.03 -4.87
C ARG A 31 -4.47 12.32 -5.29
N ASP A 32 -5.55 12.17 -6.07
CA ASP A 32 -6.35 13.31 -6.49
C ASP A 32 -7.05 13.94 -5.30
N ASP A 33 -7.59 13.14 -4.38
CA ASP A 33 -8.27 13.68 -3.22
C ASP A 33 -7.29 14.48 -2.38
N LEU A 34 -6.04 14.00 -2.34
CA LEU A 34 -4.97 14.61 -1.55
C LEU A 34 -4.43 15.82 -2.29
N LEU A 35 -4.29 15.72 -3.62
CA LEU A 35 -3.90 16.87 -4.44
C LEU A 35 -5.03 17.89 -4.28
N ALA A 36 -6.28 17.44 -4.30
CA ALA A 36 -7.42 18.31 -4.08
C ALA A 36 -7.35 18.97 -2.69
N ALA A 37 -6.74 18.28 -1.71
CA ALA A 37 -6.54 18.82 -0.36
C ALA A 37 -5.26 19.67 -0.28
N LYS A 38 -4.57 19.82 -1.42
CA LYS A 38 -3.35 20.61 -1.53
C LYS A 38 -2.17 19.93 -0.82
N LEU A 39 -2.10 18.60 -0.94
CA LEU A 39 -1.05 17.80 -0.33
C LEU A 39 -0.08 17.28 -1.39
N ASN A 40 1.19 17.14 -1.02
CA ASN A 40 2.26 16.69 -1.92
C ASN A 40 2.26 15.17 -2.00
N VAL A 41 1.75 14.63 -3.10
CA VAL A 41 1.65 13.21 -3.32
C VAL A 41 2.53 12.72 -4.48
N LYS A 42 3.24 11.62 -4.24
CA LYS A 42 4.11 10.98 -5.22
C LYS A 42 3.42 9.65 -5.56
N LEU A 43 3.10 9.40 -6.84
CA LEU A 43 2.44 8.18 -7.28
C LEU A 43 3.44 7.42 -8.16
N VAL A 44 3.88 6.23 -7.72
CA VAL A 44 4.80 5.39 -8.50
C VAL A 44 4.39 3.94 -8.52
N ASN A 45 4.72 3.27 -9.63
CA ASN A 45 4.48 1.85 -9.83
C ASN A 45 5.61 1.10 -9.14
N ALA A 46 5.29 0.01 -8.45
CA ALA A 46 6.30 -0.81 -7.79
C ALA A 46 7.35 -1.31 -8.78
N GLY A 47 7.01 -1.51 -10.07
CA GLY A 47 7.97 -1.97 -11.08
C GLY A 47 8.97 -0.88 -11.43
N ASP A 48 8.58 0.39 -11.29
CA ASP A 48 9.45 1.52 -11.59
C ASP A 48 10.17 1.92 -10.30
N TYR A 49 9.74 1.37 -9.15
CA TYR A 49 10.34 1.74 -7.89
C TYR A 49 11.66 0.97 -7.70
N LYS A 50 12.73 1.76 -7.60
CA LYS A 50 14.07 1.23 -7.31
C LYS A 50 13.89 0.77 -5.85
N PHE A 51 13.51 1.77 -5.07
CA PHE A 51 13.07 1.64 -3.69
C PHE A 51 14.17 1.35 -2.67
N LYS A 52 15.43 1.36 -3.10
CA LYS A 52 16.57 1.25 -2.17
C LYS A 52 16.60 2.48 -1.25
N GLN A 53 15.85 3.51 -1.64
CA GLN A 53 15.74 4.79 -0.97
C GLN A 53 14.42 4.98 -0.23
N ILE A 54 13.45 4.07 -0.44
CA ILE A 54 12.09 4.17 0.12
C ILE A 54 12.11 4.67 1.57
N ALA A 55 13.21 4.41 2.26
CA ALA A 55 13.52 4.83 3.62
C ALA A 55 13.54 6.36 3.81
N SER A 56 13.14 7.15 2.82
CA SER A 56 13.18 8.61 2.89
C SER A 56 11.78 9.21 3.08
N GLU A 57 10.77 8.34 3.15
CA GLU A 57 9.39 8.73 3.26
C GLU A 57 8.91 8.87 4.71
N LYS A 58 8.02 9.84 4.91
CA LYS A 58 7.42 10.12 6.20
C LYS A 58 6.01 9.50 6.24
N LEU A 59 5.35 9.46 5.09
CA LEU A 59 3.99 8.97 4.96
C LEU A 59 4.00 8.12 3.69
N LEU A 60 3.70 6.85 3.86
CA LEU A 60 3.77 5.87 2.79
C LEU A 60 2.43 5.15 2.61
N ILE A 61 1.81 5.23 1.44
CA ILE A 61 0.55 4.55 1.15
C ILE A 61 0.81 3.44 0.13
N VAL A 62 0.36 2.24 0.41
CA VAL A 62 0.50 1.15 -0.55
C VAL A 62 -0.84 0.48 -0.81
N VAL A 63 -1.08 0.23 -2.09
CA VAL A 63 -2.26 -0.46 -2.55
C VAL A 63 -1.75 -1.68 -3.33
N THR A 64 -2.09 -2.90 -2.89
CA THR A 64 -1.54 -4.13 -3.47
C THR A 64 -2.61 -5.20 -3.63
N SER A 65 -2.53 -5.92 -4.74
CA SER A 65 -3.38 -7.07 -5.04
C SER A 65 -2.65 -8.34 -4.61
N THR A 66 -3.36 -9.46 -4.50
CA THR A 66 -2.79 -10.76 -4.12
C THR A 66 -2.85 -11.64 -5.35
N GLN A 67 -1.79 -12.39 -5.65
CA GLN A 67 -1.67 -13.23 -6.84
C GLN A 67 -1.68 -14.73 -6.58
N GLY A 68 -1.76 -15.47 -7.67
CA GLY A 68 -1.79 -16.93 -7.68
C GLY A 68 -0.94 -17.57 -6.58
N GLU A 69 -1.57 -18.45 -5.80
CA GLU A 69 -0.96 -19.14 -4.68
C GLU A 69 -0.61 -18.17 -3.54
N GLY A 70 -1.29 -17.02 -3.49
CA GLY A 70 -1.10 -16.04 -2.45
C GLY A 70 0.20 -15.24 -2.58
N GLU A 71 0.75 -15.24 -3.80
CA GLU A 71 2.02 -14.60 -4.07
C GLU A 71 1.84 -13.09 -4.24
N PRO A 72 2.86 -12.27 -3.91
CA PRO A 72 2.77 -10.82 -4.01
C PRO A 72 2.63 -10.35 -5.46
N PRO A 73 2.18 -9.10 -5.69
CA PRO A 73 2.06 -8.50 -7.01
C PRO A 73 3.41 -8.64 -7.70
N GLU A 74 3.36 -8.88 -9.02
CA GLU A 74 4.54 -9.03 -9.84
C GLU A 74 5.37 -7.77 -9.66
N GLU A 75 4.78 -6.60 -9.83
CA GLU A 75 5.51 -5.36 -9.69
C GLU A 75 6.17 -5.11 -8.33
N ALA A 76 5.68 -5.79 -7.28
CA ALA A 76 6.11 -5.60 -5.89
C ALA A 76 6.81 -6.82 -5.30
N VAL A 77 7.08 -7.83 -6.13
CA VAL A 77 7.70 -9.08 -5.71
C VAL A 77 9.08 -8.84 -5.11
N ALA A 78 9.90 -8.09 -5.83
CA ALA A 78 11.26 -7.78 -5.42
C ALA A 78 11.22 -6.99 -4.12
N LEU A 79 10.28 -6.04 -4.06
CA LEU A 79 10.02 -5.19 -2.93
C LEU A 79 9.60 -6.10 -1.77
N HIS A 80 8.66 -7.03 -1.98
CA HIS A 80 8.27 -7.87 -0.86
C HIS A 80 9.44 -8.76 -0.43
N LYS A 81 10.19 -9.32 -1.39
CA LYS A 81 11.35 -10.16 -1.11
C LYS A 81 12.41 -9.35 -0.38
N PHE A 82 12.65 -8.11 -0.81
CA PHE A 82 13.63 -7.22 -0.20
C PHE A 82 13.23 -7.00 1.26
N LEU A 83 11.96 -6.63 1.45
CA LEU A 83 11.44 -6.39 2.77
C LEU A 83 11.51 -7.65 3.64
N PHE A 84 11.66 -8.84 3.05
CA PHE A 84 11.84 -10.05 3.81
C PHE A 84 13.28 -9.94 4.29
N SER A 85 14.26 -10.66 3.78
CA SER A 85 15.66 -10.54 4.18
C SER A 85 16.15 -9.50 5.20
N LYS A 86 16.80 -10.00 6.26
CA LYS A 86 17.36 -9.22 7.36
C LYS A 86 18.28 -8.05 6.96
N LYS A 87 18.49 -7.78 5.67
CA LYS A 87 19.30 -6.65 5.22
C LYS A 87 18.38 -5.43 5.01
N ALA A 88 17.07 -5.65 5.08
CA ALA A 88 16.09 -4.57 4.93
C ALA A 88 16.38 -3.51 6.01
N PRO A 89 16.78 -2.27 5.63
CA PRO A 89 17.09 -1.22 6.58
C PRO A 89 15.99 -0.96 7.62
N LYS A 90 16.38 -0.42 8.77
CA LYS A 90 15.42 -0.07 9.81
C LYS A 90 14.74 1.23 9.39
N LEU A 91 13.42 1.32 9.61
CA LEU A 91 12.66 2.50 9.24
C LEU A 91 13.04 3.63 10.21
N GLU A 92 13.74 4.66 9.72
CA GLU A 92 14.16 5.79 10.50
C GLU A 92 12.96 6.52 11.11
N ASN A 93 12.02 6.94 10.24
CA ASN A 93 10.82 7.64 10.65
C ASN A 93 9.79 7.51 9.52
N THR A 94 9.37 6.27 9.25
CA THR A 94 8.41 5.99 8.18
C THR A 94 7.11 5.41 8.75
N ALA A 95 5.99 6.02 8.38
CA ALA A 95 4.68 5.51 8.79
C ALA A 95 3.95 5.00 7.56
N PHE A 96 3.04 4.05 7.73
CA PHE A 96 2.37 3.47 6.59
C PHE A 96 0.92 3.06 6.73
N ALA A 97 0.27 2.81 5.59
CA ALA A 97 -1.09 2.33 5.54
C ALA A 97 -1.20 1.49 4.28
N VAL A 98 -1.85 0.33 4.41
CA VAL A 98 -2.01 -0.59 3.29
C VAL A 98 -3.48 -0.93 3.03
N PHE A 99 -3.83 -1.00 1.73
CA PHE A 99 -5.16 -1.35 1.25
C PHE A 99 -4.96 -2.53 0.31
N SER A 100 -5.74 -3.59 0.48
CA SER A 100 -5.58 -4.77 -0.36
C SER A 100 -6.83 -5.16 -1.13
N LEU A 101 -6.63 -5.50 -2.41
CA LEU A 101 -7.70 -5.91 -3.30
C LEU A 101 -7.57 -7.40 -3.59
N GLY A 102 -8.66 -8.14 -3.41
CA GLY A 102 -8.65 -9.56 -3.66
C GLY A 102 -10.01 -10.14 -3.98
N ASP A 103 -10.10 -11.45 -3.91
CA ASP A 103 -11.32 -12.19 -4.13
C ASP A 103 -11.40 -13.33 -3.14
N THR A 104 -12.40 -13.26 -2.27
CA THR A 104 -12.60 -14.21 -1.19
C THR A 104 -12.74 -15.64 -1.70
N SER A 105 -13.12 -15.84 -2.97
CA SER A 105 -13.25 -17.18 -3.53
C SER A 105 -11.91 -17.93 -3.49
N TYR A 106 -10.79 -17.21 -3.45
CA TYR A 106 -9.47 -17.81 -3.42
C TYR A 106 -9.06 -18.10 -1.97
N GLU A 107 -8.20 -19.11 -1.79
CA GLU A 107 -7.71 -19.51 -0.49
C GLU A 107 -6.98 -18.41 0.28
N PHE A 108 -6.10 -17.72 -0.44
CA PHE A 108 -5.25 -16.66 0.07
C PHE A 108 -5.88 -15.29 -0.19
N PHE A 109 -6.98 -15.01 0.48
CA PHE A 109 -7.66 -13.73 0.30
C PHE A 109 -6.83 -12.59 0.91
N CYS A 110 -6.52 -11.59 0.08
CA CYS A 110 -5.77 -10.40 0.47
C CYS A 110 -4.45 -10.70 1.21
N GLN A 111 -3.80 -11.83 0.90
CA GLN A 111 -2.55 -12.21 1.57
C GLN A 111 -1.42 -11.20 1.41
N SER A 112 -1.33 -10.54 0.26
CA SER A 112 -0.23 -9.60 0.03
C SER A 112 -0.28 -8.44 1.01
N GLY A 113 -1.50 -8.00 1.29
CA GLY A 113 -1.73 -6.93 2.23
C GLY A 113 -1.28 -7.38 3.61
N LYS A 114 -1.69 -8.59 4.01
CA LYS A 114 -1.33 -9.17 5.29
C LYS A 114 0.19 -9.24 5.38
N ASP A 115 0.88 -9.61 4.28
CA ASP A 115 2.33 -9.72 4.23
C ASP A 115 3.00 -8.35 4.35
N PHE A 116 2.58 -7.38 3.54
CA PHE A 116 3.14 -6.06 3.60
C PHE A 116 2.82 -5.43 4.97
N ASP A 117 1.59 -5.59 5.42
CA ASP A 117 1.19 -5.04 6.72
C ASP A 117 2.03 -5.62 7.84
N SER A 118 2.34 -6.92 7.73
CA SER A 118 3.11 -7.57 8.76
C SER A 118 4.57 -7.16 8.71
N LYS A 119 5.20 -7.39 7.56
CA LYS A 119 6.61 -7.14 7.39
C LYS A 119 6.98 -5.71 7.77
N LEU A 120 6.22 -4.72 7.30
CA LEU A 120 6.50 -3.33 7.62
C LEU A 120 6.51 -3.13 9.12
N ALA A 121 5.51 -3.69 9.79
CA ALA A 121 5.38 -3.57 11.23
C ALA A 121 6.51 -4.37 11.88
N GLU A 122 6.83 -5.56 11.36
CA GLU A 122 7.95 -6.35 11.88
C GLU A 122 9.26 -5.55 11.73
N LEU A 123 9.41 -4.85 10.61
CA LEU A 123 10.59 -4.02 10.37
C LEU A 123 10.62 -2.77 11.27
N GLY A 124 9.55 -2.51 12.01
CA GLY A 124 9.48 -1.36 12.88
C GLY A 124 8.72 -0.16 12.32
N GLY A 125 8.11 -0.29 11.13
CA GLY A 125 7.35 0.79 10.52
C GLY A 125 6.14 1.09 11.40
N GLU A 126 5.62 2.33 11.36
CA GLU A 126 4.46 2.70 12.16
C GLU A 126 3.19 2.56 11.33
N ARG A 127 2.28 1.69 11.79
CA ARG A 127 1.01 1.50 11.12
C ARG A 127 0.10 2.70 11.40
N LEU A 128 -0.09 3.51 10.36
CA LEU A 128 -0.90 4.71 10.40
C LEU A 128 -2.37 4.31 10.41
N LEU A 129 -2.73 3.26 9.66
CA LEU A 129 -4.09 2.77 9.56
C LEU A 129 -4.07 1.26 9.47
N ASP A 130 -5.08 0.58 10.04
CA ASP A 130 -5.19 -0.87 9.98
C ASP A 130 -5.31 -1.28 8.53
N ARG A 131 -4.68 -2.39 8.14
CA ARG A 131 -4.73 -2.88 6.79
C ARG A 131 -6.18 -3.13 6.38
N VAL A 132 -6.54 -2.77 5.15
CA VAL A 132 -7.88 -2.97 4.64
C VAL A 132 -7.82 -4.00 3.54
N ASP A 133 -8.67 -5.03 3.67
CA ASP A 133 -8.83 -6.11 2.73
C ASP A 133 -10.11 -5.79 1.98
N ALA A 134 -10.06 -5.82 0.66
CA ALA A 134 -11.21 -5.49 -0.17
C ALA A 134 -11.48 -6.64 -1.13
N ASP A 135 -12.76 -6.93 -1.34
CA ASP A 135 -13.22 -7.99 -2.23
C ASP A 135 -13.32 -7.44 -3.65
N VAL A 136 -13.83 -8.26 -4.56
CA VAL A 136 -13.97 -7.88 -5.96
C VAL A 136 -14.80 -6.59 -6.14
N GLU A 137 -15.84 -6.41 -5.32
CA GLU A 137 -16.74 -5.26 -5.20
C GLU A 137 -16.02 -4.25 -4.30
N TYR A 138 -14.77 -3.99 -4.64
CA TYR A 138 -13.90 -3.14 -3.81
C TYR A 138 -14.24 -1.64 -3.82
N GLN A 139 -15.05 -1.23 -4.79
CA GLN A 139 -15.30 0.19 -5.01
C GLN A 139 -15.82 0.92 -3.77
N ALA A 140 -16.54 0.43 -2.73
CA ALA A 140 -16.96 1.25 -1.59
C ALA A 140 -15.85 1.30 -0.56
N ALA A 141 -15.05 0.24 -0.48
CA ALA A 141 -13.94 0.13 0.46
C ALA A 141 -12.88 1.18 0.11
N ALA A 142 -12.54 1.30 -1.17
CA ALA A 142 -11.56 2.27 -1.63
C ALA A 142 -11.97 3.68 -1.23
N SER A 143 -13.24 4.03 -1.46
CA SER A 143 -13.76 5.35 -1.12
C SER A 143 -13.75 5.54 0.39
N GLU A 144 -14.29 4.63 1.21
CA GLU A 144 -14.27 4.78 2.67
C GLU A 144 -12.82 4.84 3.15
N TRP A 145 -11.97 3.95 2.64
CA TRP A 145 -10.56 3.94 2.99
C TRP A 145 -9.93 5.26 2.59
N ARG A 146 -10.21 5.71 1.37
CA ARG A 146 -9.73 6.98 0.89
C ARG A 146 -10.07 8.09 1.89
N ALA A 147 -11.34 8.13 2.34
CA ALA A 147 -11.81 9.09 3.31
C ALA A 147 -11.09 9.02 4.65
N ARG A 148 -10.56 7.85 5.05
CA ARG A 148 -9.93 7.65 6.35
C ARG A 148 -8.48 8.07 6.33
N VAL A 149 -7.74 7.72 5.28
CA VAL A 149 -6.35 8.13 5.21
C VAL A 149 -6.33 9.64 5.23
N VAL A 150 -7.23 10.29 4.47
CA VAL A 150 -7.34 11.73 4.39
C VAL A 150 -7.38 12.31 5.80
N ASP A 151 -8.35 11.87 6.62
CA ASP A 151 -8.46 12.33 7.99
C ASP A 151 -7.20 12.06 8.82
N ALA A 152 -6.56 10.90 8.63
CA ALA A 152 -5.40 10.48 9.41
C ALA A 152 -4.09 11.25 9.14
N LEU A 153 -3.64 11.29 7.88
CA LEU A 153 -2.38 11.94 7.58
C LEU A 153 -2.49 13.45 7.74
N LYS A 154 -3.69 14.02 7.52
CA LYS A 154 -3.89 15.44 7.80
C LYS A 154 -3.72 15.63 9.30
N SER A 155 -4.20 14.67 10.10
CA SER A 155 -4.01 14.71 11.54
C SER A 155 -2.53 14.51 11.90
N ARG A 156 -1.66 14.22 10.91
CA ARG A 156 -0.22 14.05 11.13
C ARG A 156 0.59 14.97 10.21
N ALA A 157 -0.06 15.82 9.41
CA ALA A 157 0.59 16.75 8.49
C ALA A 157 0.09 18.15 8.84
N1 FMN B . -6.93 -12.34 -5.13
C2 FMN B . -6.99 -12.86 -3.88
O2 FMN B . -7.56 -12.28 -2.97
N3 FMN B . -6.40 -14.07 -3.60
C4 FMN B . -5.76 -14.91 -4.51
O4 FMN B . -5.28 -15.97 -4.11
C4A FMN B . -5.70 -14.40 -5.87
N5 FMN B . -5.13 -15.11 -6.93
C5A FMN B . -5.11 -14.56 -8.18
C6 FMN B . -4.56 -15.35 -9.20
C7 FMN B . -4.45 -14.85 -10.51
C7M FMN B . -3.80 -15.70 -11.58
C8 FMN B . -4.92 -13.56 -10.80
C8M FMN B . -4.85 -13.02 -12.22
C9 FMN B . -5.49 -12.77 -9.79
C9A FMN B . -5.59 -13.25 -8.46
N10 FMN B . -6.11 -12.48 -7.44
C10 FMN B . -6.27 -13.05 -6.15
C1' FMN B . -6.39 -11.03 -7.59
C2' FMN B . -7.86 -10.84 -7.98
O2' FMN B . -8.66 -10.89 -6.82
C3' FMN B . -8.08 -9.52 -8.74
O3' FMN B . -9.48 -9.43 -8.84
C4' FMN B . -7.54 -8.23 -8.08
O4' FMN B . -6.16 -8.31 -7.83
C5' FMN B . -7.75 -6.99 -8.97
O5' FMN B . -7.03 -5.89 -8.42
P FMN B . -5.85 -5.14 -9.23
O1P FMN B . -5.40 -4.10 -8.28
O2P FMN B . -4.88 -6.21 -9.50
O3P FMN B . -6.53 -4.62 -10.43
HN3 FMN B . -6.29 -14.33 -2.63
H6 FMN B . -4.21 -16.34 -8.96
HM71 FMN B . -4.42 -15.73 -12.48
HM72 FMN B . -2.82 -15.28 -11.84
HM73 FMN B . -3.65 -16.73 -11.23
HM81 FMN B . -5.18 -11.98 -12.25
HM82 FMN B . -5.51 -13.62 -12.86
HM83 FMN B . -3.83 -13.08 -12.60
H9 FMN B . -5.89 -11.81 -10.06
H1'1 FMN B . -6.18 -10.50 -6.66
H1'2 FMN B . -5.73 -10.62 -8.34
H2' FMN B . -8.14 -11.65 -8.66
HO2' FMN B . -8.17 -11.42 -6.16
H3' FMN B . -7.62 -9.63 -9.71
HO3' FMN B . -9.81 -9.81 -8.01
H4' FMN B . -8.07 -8.11 -7.14
HO4' FMN B . -5.88 -7.46 -7.47
H5'1 FMN B . -7.41 -7.21 -9.99
H5'2 FMN B . -8.81 -6.75 -9.00
N ILE A 12 3.82 12.64 0.74
CA ILE A 12 3.10 11.36 0.86
C ILE A 12 3.42 10.53 -0.38
N THR A 13 3.85 9.29 -0.19
CA THR A 13 4.18 8.37 -1.25
C THR A 13 3.11 7.28 -1.32
N ILE A 14 2.44 7.16 -2.47
CA ILE A 14 1.43 6.13 -2.69
C ILE A 14 2.05 5.16 -3.69
N ILE A 15 2.12 3.87 -3.32
CA ILE A 15 2.64 2.83 -4.20
C ILE A 15 1.43 2.05 -4.67
N SER A 16 1.33 1.75 -5.96
CA SER A 16 0.21 1.01 -6.51
C SER A 16 0.76 -0.30 -7.05
N ALA A 17 0.19 -1.42 -6.62
CA ALA A 17 0.57 -2.73 -7.12
C ALA A 17 -0.71 -3.39 -7.60
N SER A 18 -0.86 -3.38 -8.92
CA SER A 18 -2.05 -3.85 -9.58
C SER A 18 -1.68 -4.81 -10.70
N GLN A 19 -2.43 -5.90 -10.82
CA GLN A 19 -2.29 -6.88 -11.88
C GLN A 19 -3.25 -6.44 -12.97
N THR A 20 -4.48 -6.08 -12.58
CA THR A 20 -5.39 -5.72 -13.64
C THR A 20 -5.44 -4.22 -13.91
N GLY A 21 -5.50 -3.35 -12.85
CA GLY A 21 -5.37 -1.89 -12.85
C GLY A 21 -6.29 -1.24 -11.77
N ASN A 22 -6.84 -2.06 -10.86
CA ASN A 22 -7.77 -1.58 -9.83
C ASN A 22 -7.08 -0.84 -8.69
N ALA A 23 -5.99 -1.35 -8.08
CA ALA A 23 -5.32 -0.62 -7.02
C ALA A 23 -4.81 0.72 -7.56
N ARG A 24 -4.47 0.73 -8.85
CA ARG A 24 -4.00 1.95 -9.50
C ARG A 24 -5.09 3.02 -9.50
N ARG A 25 -6.32 2.64 -9.88
CA ARG A 25 -7.45 3.57 -9.94
C ARG A 25 -7.74 4.19 -8.56
N VAL A 26 -7.73 3.38 -7.49
CA VAL A 26 -7.99 3.93 -6.16
C VAL A 26 -6.84 4.88 -5.82
N ALA A 27 -5.62 4.53 -6.22
CA ALA A 27 -4.45 5.36 -5.99
C ALA A 27 -4.62 6.73 -6.61
N GLU A 28 -5.13 6.75 -7.86
CA GLU A 28 -5.38 7.98 -8.59
C GLU A 28 -6.41 8.85 -7.88
N ALA A 29 -7.47 8.23 -7.35
CA ALA A 29 -8.50 8.94 -6.62
C ALA A 29 -7.91 9.53 -5.34
N LEU A 30 -7.03 8.75 -4.70
CA LEU A 30 -6.40 9.14 -3.46
C LEU A 30 -5.46 10.33 -3.68
N ARG A 31 -4.60 10.23 -4.70
CA ARG A 31 -3.70 11.35 -4.95
C ARG A 31 -4.53 12.60 -5.27
N ASP A 32 -5.62 12.41 -6.01
CA ASP A 32 -6.49 13.51 -6.37
C ASP A 32 -7.12 14.14 -5.14
N ASP A 33 -7.56 13.31 -4.19
CA ASP A 33 -8.18 13.83 -2.98
C ASP A 33 -7.14 14.63 -2.18
N LEU A 34 -5.88 14.15 -2.21
CA LEU A 34 -4.79 14.76 -1.48
C LEU A 34 -4.31 16.01 -2.23
N LEU A 35 -4.24 15.94 -3.57
CA LEU A 35 -3.92 17.13 -4.37
C LEU A 35 -5.07 18.12 -4.14
N ALA A 36 -6.32 17.65 -4.11
CA ALA A 36 -7.45 18.51 -3.84
C ALA A 36 -7.32 19.16 -2.45
N ALA A 37 -6.66 18.48 -1.51
CA ALA A 37 -6.41 19.00 -0.16
C ALA A 37 -5.14 19.85 -0.11
N LYS A 38 -4.45 19.99 -1.24
CA LYS A 38 -3.22 20.77 -1.36
C LYS A 38 -2.06 20.09 -0.62
N LEU A 39 -2.05 18.76 -0.64
CA LEU A 39 -1.04 17.96 0.03
C LEU A 39 -0.07 17.45 -1.03
N ASN A 40 1.22 17.33 -0.65
CA ASN A 40 2.28 16.88 -1.53
C ASN A 40 2.24 15.36 -1.60
N VAL A 41 1.67 14.82 -2.67
CA VAL A 41 1.53 13.38 -2.85
C VAL A 41 2.26 12.90 -4.11
N LYS A 42 2.99 11.78 -3.93
CA LYS A 42 3.74 11.16 -5.02
C LYS A 42 3.14 9.78 -5.28
N LEU A 43 2.92 9.42 -6.55
CA LEU A 43 2.35 8.14 -6.96
C LEU A 43 3.33 7.42 -7.88
N VAL A 44 3.78 6.22 -7.49
CA VAL A 44 4.67 5.40 -8.29
C VAL A 44 4.21 3.96 -8.33
N ASN A 45 4.50 3.30 -9.45
CA ASN A 45 4.18 1.90 -9.67
C ASN A 45 5.33 1.11 -9.04
N ALA A 46 5.03 0.00 -8.36
CA ALA A 46 6.06 -0.83 -7.75
C ALA A 46 7.07 -1.35 -8.78
N GLY A 47 6.73 -1.39 -10.07
CA GLY A 47 7.63 -1.87 -11.12
C GLY A 47 8.61 -0.77 -11.52
N ASP A 48 8.21 0.50 -11.36
CA ASP A 48 9.05 1.66 -11.68
C ASP A 48 9.74 2.13 -10.41
N TYR A 49 9.33 1.63 -9.26
CA TYR A 49 9.92 2.09 -8.02
C TYR A 49 11.24 1.36 -7.76
N LYS A 50 12.30 2.17 -7.60
CA LYS A 50 13.63 1.67 -7.28
C LYS A 50 13.50 1.24 -5.81
N PHE A 51 13.14 2.26 -5.02
CA PHE A 51 12.79 2.14 -3.61
C PHE A 51 13.93 1.79 -2.66
N LYS A 52 15.18 1.80 -3.15
CA LYS A 52 16.34 1.66 -2.27
C LYS A 52 16.40 2.84 -1.27
N GLN A 53 15.62 3.88 -1.60
CA GLN A 53 15.48 5.11 -0.83
C GLN A 53 14.20 5.14 -0.02
N ILE A 54 13.34 4.12 -0.09
CA ILE A 54 12.07 4.07 0.65
C ILE A 54 12.32 4.58 2.08
N ALA A 55 13.52 4.33 2.61
CA ALA A 55 14.02 4.78 3.89
C ALA A 55 14.05 6.30 4.01
N SER A 56 13.63 7.05 2.99
CA SER A 56 13.68 8.51 2.96
C SER A 56 12.25 9.08 3.04
N GLU A 57 11.25 8.18 3.05
CA GLU A 57 9.84 8.51 3.08
C GLU A 57 9.33 8.61 4.52
N LYS A 58 8.36 9.51 4.74
CA LYS A 58 7.75 9.71 6.05
C LYS A 58 6.33 9.16 6.10
N LEU A 59 5.62 9.16 4.97
CA LEU A 59 4.25 8.71 4.88
C LEU A 59 4.21 7.90 3.59
N LEU A 60 3.91 6.61 3.74
CA LEU A 60 3.94 5.66 2.66
C LEU A 60 2.61 4.95 2.52
N ILE A 61 1.96 4.99 1.35
CA ILE A 61 0.74 4.25 1.13
C ILE A 61 0.98 3.15 0.10
N VAL A 62 0.57 1.93 0.41
CA VAL A 62 0.71 0.84 -0.52
C VAL A 62 -0.65 0.21 -0.75
N VAL A 63 -0.97 0.03 -2.03
CA VAL A 63 -2.18 -0.62 -2.44
C VAL A 63 -1.73 -1.83 -3.26
N THR A 64 -2.09 -3.03 -2.82
CA THR A 64 -1.61 -4.28 -3.39
C THR A 64 -2.72 -5.33 -3.47
N SER A 65 -2.73 -6.02 -4.60
CA SER A 65 -3.64 -7.13 -4.86
C SER A 65 -2.95 -8.43 -4.45
N THR A 66 -3.71 -9.53 -4.44
CA THR A 66 -3.21 -10.86 -4.12
C THR A 66 -3.36 -11.68 -5.40
N GLN A 67 -2.30 -12.41 -5.77
CA GLN A 67 -2.18 -13.19 -6.99
C GLN A 67 -2.01 -14.70 -6.78
N GLY A 68 -2.17 -15.43 -7.89
CA GLY A 68 -2.01 -16.89 -7.89
C GLY A 68 -2.58 -17.53 -6.61
N GLU A 69 -1.86 -18.45 -5.96
CA GLU A 69 -2.23 -18.99 -4.66
C GLU A 69 -1.74 -18.06 -3.53
N GLY A 70 -2.35 -16.88 -3.41
CA GLY A 70 -2.02 -15.96 -2.32
C GLY A 70 -0.68 -15.22 -2.44
N GLU A 71 -0.10 -15.25 -3.63
CA GLU A 71 1.22 -14.70 -3.92
C GLU A 71 1.17 -13.17 -4.10
N PRO A 72 2.27 -12.45 -3.85
CA PRO A 72 2.31 -11.00 -3.97
C PRO A 72 2.21 -10.54 -5.44
N PRO A 73 1.85 -9.26 -5.68
CA PRO A 73 1.81 -8.69 -7.00
C PRO A 73 3.20 -8.82 -7.61
N GLU A 74 3.25 -9.18 -8.91
CA GLU A 74 4.50 -9.39 -9.64
C GLU A 74 5.39 -8.17 -9.50
N GLU A 75 4.84 -6.99 -9.76
CA GLU A 75 5.59 -5.76 -9.70
C GLU A 75 6.15 -5.39 -8.33
N ALA A 76 5.63 -6.04 -7.28
CA ALA A 76 6.02 -5.81 -5.91
C ALA A 76 6.83 -6.99 -5.35
N VAL A 77 7.17 -7.98 -6.18
CA VAL A 77 7.91 -9.14 -5.73
C VAL A 77 9.28 -8.75 -5.17
N ALA A 78 10.04 -7.93 -5.91
CA ALA A 78 11.37 -7.51 -5.47
C ALA A 78 11.25 -6.73 -4.18
N LEU A 79 10.25 -5.84 -4.12
CA LEU A 79 9.92 -5.03 -2.98
C LEU A 79 9.54 -5.94 -1.81
N HIS A 80 8.61 -6.86 -2.01
CA HIS A 80 8.24 -7.74 -0.89
C HIS A 80 9.44 -8.58 -0.46
N LYS A 81 10.20 -9.13 -1.42
CA LYS A 81 11.38 -9.91 -1.12
C LYS A 81 12.42 -9.04 -0.41
N PHE A 82 12.55 -7.78 -0.82
CA PHE A 82 13.48 -6.82 -0.24
C PHE A 82 13.10 -6.63 1.20
N LEU A 83 11.80 -6.42 1.40
CA LEU A 83 11.21 -6.30 2.71
C LEU A 83 11.62 -7.52 3.55
N PHE A 84 11.85 -8.68 2.93
CA PHE A 84 12.36 -9.87 3.58
C PHE A 84 13.92 -9.90 3.47
N SER A 85 14.46 -10.60 2.46
CA SER A 85 15.87 -10.85 2.26
C SER A 85 16.76 -9.76 1.60
N LYS A 86 16.33 -9.17 0.48
CA LYS A 86 17.11 -8.19 -0.29
C LYS A 86 17.69 -6.96 0.44
N LYS A 87 17.76 -6.98 1.78
CA LYS A 87 18.32 -5.85 2.52
C LYS A 87 17.36 -4.67 2.76
N ALA A 88 16.14 -4.94 3.22
CA ALA A 88 15.27 -3.82 3.57
C ALA A 88 15.80 -3.24 4.89
N PRO A 89 16.09 -1.93 4.96
CA PRO A 89 16.60 -1.30 6.17
C PRO A 89 15.49 -1.09 7.21
N LYS A 90 15.86 -0.57 8.38
CA LYS A 90 14.87 -0.29 9.41
C LYS A 90 14.07 0.93 8.97
N LEU A 91 12.75 0.91 9.24
CA LEU A 91 11.79 1.92 8.84
C LEU A 91 11.55 2.91 9.98
N GLU A 92 12.61 3.21 10.73
CA GLU A 92 12.55 4.07 11.89
C GLU A 92 11.84 5.41 11.63
N ASN A 93 11.98 5.93 10.41
CA ASN A 93 11.41 7.21 10.01
C ASN A 93 10.27 7.05 9.01
N THR A 94 9.76 5.83 8.86
CA THR A 94 8.73 5.52 7.87
C THR A 94 7.42 4.99 8.47
N ALA A 95 6.30 5.64 8.11
CA ALA A 95 4.97 5.19 8.53
C ALA A 95 4.21 4.67 7.33
N PHE A 96 3.30 3.71 7.53
CA PHE A 96 2.59 3.11 6.41
C PHE A 96 1.13 2.70 6.61
N ALA A 97 0.44 2.45 5.49
CA ALA A 97 -0.95 1.98 5.49
C ALA A 97 -1.16 1.14 4.23
N VAL A 98 -1.86 0.00 4.39
CA VAL A 98 -2.11 -0.96 3.31
C VAL A 98 -3.60 -1.08 2.95
N PHE A 99 -3.93 -1.07 1.65
CA PHE A 99 -5.28 -1.32 1.14
C PHE A 99 -5.13 -2.48 0.18
N SER A 100 -5.91 -3.54 0.36
CA SER A 100 -5.77 -4.70 -0.51
C SER A 100 -7.02 -5.11 -1.26
N LEU A 101 -6.83 -5.45 -2.53
CA LEU A 101 -7.89 -5.91 -3.42
C LEU A 101 -7.81 -7.42 -3.46
N GLY A 102 -8.86 -8.14 -3.06
CA GLY A 102 -8.84 -9.59 -3.07
C GLY A 102 -10.21 -10.18 -3.34
N ASP A 103 -10.29 -11.50 -3.25
CA ASP A 103 -11.52 -12.24 -3.44
C ASP A 103 -11.61 -13.37 -2.41
N THR A 104 -12.60 -13.27 -1.52
CA THR A 104 -12.81 -14.19 -0.41
C THR A 104 -12.92 -15.65 -0.87
N SER A 105 -13.35 -15.88 -2.12
CA SER A 105 -13.48 -17.24 -2.65
C SER A 105 -12.15 -17.99 -2.58
N TYR A 106 -11.02 -17.27 -2.52
CA TYR A 106 -9.69 -17.83 -2.48
C TYR A 106 -9.30 -18.15 -1.03
N GLU A 107 -8.45 -19.17 -0.84
CA GLU A 107 -8.00 -19.61 0.48
C GLU A 107 -7.22 -18.55 1.24
N PHE A 108 -6.30 -17.93 0.53
CA PHE A 108 -5.39 -16.92 1.04
C PHE A 108 -6.00 -15.54 0.81
N PHE A 109 -7.13 -15.27 1.46
CA PHE A 109 -7.81 -13.99 1.24
C PHE A 109 -6.96 -12.84 1.80
N CYS A 110 -6.57 -11.93 0.91
CA CYS A 110 -5.77 -10.76 1.25
C CYS A 110 -4.39 -11.11 1.81
N GLN A 111 -3.77 -12.22 1.39
CA GLN A 111 -2.47 -12.61 1.90
C GLN A 111 -1.35 -11.60 1.65
N SER A 112 -1.31 -10.99 0.47
CA SER A 112 -0.24 -10.05 0.14
C SER A 112 -0.28 -8.87 1.09
N GLY A 113 -1.49 -8.41 1.35
CA GLY A 113 -1.72 -7.33 2.28
C GLY A 113 -1.24 -7.76 3.65
N LYS A 114 -1.63 -8.98 4.08
CA LYS A 114 -1.21 -9.52 5.35
C LYS A 114 0.32 -9.62 5.38
N ASP A 115 0.98 -10.00 4.26
CA ASP A 115 2.43 -10.11 4.19
C ASP A 115 3.10 -8.74 4.27
N PHE A 116 2.65 -7.79 3.47
CA PHE A 116 3.20 -6.46 3.51
C PHE A 116 2.91 -5.83 4.87
N ASP A 117 1.67 -5.98 5.34
CA ASP A 117 1.28 -5.43 6.62
C ASP A 117 2.10 -6.04 7.76
N SER A 118 2.42 -7.33 7.64
CA SER A 118 3.18 -8.00 8.66
C SER A 118 4.65 -7.64 8.58
N LYS A 119 5.27 -7.89 7.42
CA LYS A 119 6.69 -7.65 7.22
C LYS A 119 7.04 -6.20 7.55
N LEU A 120 6.23 -5.24 7.08
CA LEU A 120 6.43 -3.82 7.36
C LEU A 120 6.51 -3.54 8.83
N ALA A 121 5.53 -4.08 9.55
CA ALA A 121 5.42 -3.91 10.99
C ALA A 121 6.56 -4.68 11.63
N GLU A 122 6.88 -5.87 11.11
CA GLU A 122 8.00 -6.66 11.62
C GLU A 122 9.29 -5.86 11.41
N LEU A 123 9.40 -5.16 10.26
CA LEU A 123 10.55 -4.34 9.95
C LEU A 123 10.62 -3.08 10.82
N GLY A 124 9.59 -2.82 11.61
CA GLY A 124 9.56 -1.65 12.48
C GLY A 124 8.78 -0.45 11.92
N GLY A 125 8.14 -0.57 10.75
CA GLY A 125 7.38 0.53 10.18
C GLY A 125 6.22 0.88 11.13
N GLU A 126 5.72 2.12 11.07
CA GLU A 126 4.59 2.54 11.90
C GLU A 126 3.31 2.45 11.08
N ARG A 127 2.38 1.60 11.54
CA ARG A 127 1.09 1.45 10.88
C ARG A 127 0.22 2.68 11.16
N LEU A 128 0.03 3.51 10.14
CA LEU A 128 -0.75 4.74 10.24
C LEU A 128 -2.23 4.40 10.29
N LEU A 129 -2.63 3.38 9.53
CA LEU A 129 -4.01 2.95 9.42
C LEU A 129 -3.96 1.43 9.38
N ASP A 130 -4.92 0.76 10.04
CA ASP A 130 -4.98 -0.69 10.02
C ASP A 130 -5.21 -1.10 8.57
N ARG A 131 -4.58 -2.20 8.15
CA ARG A 131 -4.69 -2.69 6.80
C ARG A 131 -6.16 -2.95 6.44
N VAL A 132 -6.54 -2.60 5.22
CA VAL A 132 -7.89 -2.79 4.74
C VAL A 132 -7.83 -3.85 3.65
N ASP A 133 -8.64 -4.89 3.83
CA ASP A 133 -8.81 -5.97 2.90
C ASP A 133 -10.11 -5.64 2.19
N ALA A 134 -10.10 -5.66 0.87
CA ALA A 134 -11.26 -5.34 0.09
C ALA A 134 -11.54 -6.51 -0.82
N ASP A 135 -12.81 -6.89 -0.91
CA ASP A 135 -13.24 -7.99 -1.73
C ASP A 135 -13.49 -7.42 -3.13
N VAL A 136 -13.64 -8.32 -4.10
CA VAL A 136 -13.95 -8.01 -5.49
C VAL A 136 -14.81 -6.72 -5.68
N GLU A 137 -15.84 -6.54 -4.85
CA GLU A 137 -16.75 -5.39 -4.73
C GLU A 137 -16.01 -4.30 -3.93
N TYR A 138 -14.79 -3.99 -4.36
CA TYR A 138 -13.89 -3.12 -3.62
C TYR A 138 -14.22 -1.61 -3.64
N GLN A 139 -15.03 -1.18 -4.60
CA GLN A 139 -15.30 0.24 -4.79
C GLN A 139 -15.74 0.97 -3.52
N ALA A 140 -16.47 0.48 -2.48
CA ALA A 140 -16.83 1.29 -1.32
C ALA A 140 -15.67 1.32 -0.35
N ALA A 141 -14.87 0.25 -0.31
CA ALA A 141 -13.73 0.13 0.56
C ALA A 141 -12.66 1.13 0.18
N ALA A 142 -12.31 1.21 -1.10
CA ALA A 142 -11.31 2.14 -1.58
C ALA A 142 -11.71 3.56 -1.24
N SER A 143 -12.97 3.91 -1.52
CA SER A 143 -13.49 5.25 -1.29
C SER A 143 -13.50 5.52 0.21
N GLU A 144 -14.10 4.64 1.02
CA GLU A 144 -14.12 4.80 2.46
C GLU A 144 -12.68 4.92 2.96
N TRP A 145 -11.81 4.02 2.50
CA TRP A 145 -10.41 4.02 2.90
C TRP A 145 -9.77 5.33 2.48
N ARG A 146 -10.04 5.79 1.26
CA ARG A 146 -9.52 7.04 0.80
C ARG A 146 -9.94 8.17 1.74
N ALA A 147 -11.23 8.19 2.14
CA ALA A 147 -11.76 9.16 3.08
C ALA A 147 -11.08 9.12 4.45
N ARG A 148 -10.55 7.96 4.90
CA ARG A 148 -9.89 7.84 6.19
C ARG A 148 -8.48 8.38 6.04
N VAL A 149 -7.83 8.03 4.93
CA VAL A 149 -6.49 8.47 4.66
C VAL A 149 -6.47 9.99 4.57
N VAL A 150 -7.39 10.60 3.83
CA VAL A 150 -7.46 12.05 3.70
C VAL A 150 -7.60 12.69 5.08
N ASP A 151 -8.64 12.30 5.83
CA ASP A 151 -8.90 12.83 7.16
C ASP A 151 -7.72 12.61 8.09
N ALA A 152 -7.08 11.44 8.02
CA ALA A 152 -5.98 11.12 8.92
C ALA A 152 -4.73 11.94 8.64
N LEU A 153 -4.40 12.11 7.36
CA LEU A 153 -3.19 12.87 7.05
C LEU A 153 -3.36 14.34 7.43
N LYS A 154 -4.59 14.84 7.40
CA LYS A 154 -4.87 16.20 7.85
C LYS A 154 -5.07 16.28 9.36
N SER A 155 -5.91 15.40 9.89
CA SER A 155 -6.35 15.41 11.29
C SER A 155 -5.61 14.48 12.26
N ARG A 156 -4.70 13.63 11.79
CA ARG A 156 -4.00 12.65 12.62
C ARG A 156 -2.55 12.50 12.15
N ALA A 157 -1.95 13.63 11.81
CA ALA A 157 -0.55 13.72 11.42
C ALA A 157 0.29 13.73 12.69
N1 FMN B . -7.63 -12.45 -3.81
C2 FMN B . -7.31 -12.86 -2.56
O2 FMN B . -7.73 -12.26 -1.58
N3 FMN B . -6.48 -13.95 -2.39
C4 FMN B . -5.89 -14.68 -3.39
O4 FMN B . -5.20 -15.66 -3.09
C4A FMN B . -6.15 -14.21 -4.73
N5 FMN B . -5.58 -14.82 -5.85
C5A FMN B . -5.91 -14.35 -7.08
C6 FMN B . -5.37 -15.06 -8.17
C7 FMN B . -5.67 -14.67 -9.49
C7M FMN B . -5.03 -15.42 -10.64
C8 FMN B . -6.54 -13.59 -9.70
C8M FMN B . -7.13 -13.19 -11.03
C9 FMN B . -7.03 -12.86 -8.62
C9A FMN B . -6.77 -13.24 -7.29
N10 FMN B . -7.36 -12.57 -6.23
C10 FMN B . -7.07 -13.04 -4.93
C1' FMN B . -8.31 -11.44 -6.44
C2' FMN B . -7.64 -10.06 -6.71
O2' FMN B . -6.46 -10.22 -7.47
C3' FMN B . -8.66 -9.09 -7.34
O3' FMN B . -9.26 -8.27 -6.38
C4' FMN B . -8.15 -8.15 -8.45
O4' FMN B . -9.24 -7.33 -8.82
C5' FMN B . -7.00 -7.21 -8.05
O5' FMN B . -6.85 -6.20 -9.04
P FMN B . -5.56 -5.21 -9.02
O1P FMN B . -4.44 -6.16 -9.01
O2P FMN B . -5.69 -4.44 -10.27
O3P FMN B . -5.74 -4.41 -7.79
HN3 FMN B . -6.23 -14.20 -1.45
H6 FMN B . -4.76 -15.92 -7.99
HM71 FMN B . -4.38 -14.75 -11.19
HM72 FMN B . -5.79 -15.84 -11.30
HM73 FMN B . -4.41 -16.24 -10.26
HM81 FMN B . -7.09 -12.11 -11.09
HM82 FMN B . -6.59 -13.64 -11.85
HM83 FMN B . -8.18 -13.51 -11.02
H9 FMN B . -7.63 -11.99 -8.86
H1'1 FMN B . -8.97 -11.71 -7.27
H1'2 FMN B . -8.99 -11.35 -5.61
H2' FMN B . -7.31 -9.65 -5.77
HO2' FMN B . -5.80 -10.67 -6.93
H3' FMN B . -9.46 -9.69 -7.77
HO3' FMN B . -9.73 -7.59 -6.87
H4' FMN B . -7.84 -8.79 -9.29
HO4' FMN B . -8.88 -6.64 -9.37
H5'1 FMN B . -7.22 -6.74 -7.10
H5'2 FMN B . -6.09 -7.78 -7.95
N ILE A 12 3.92 12.71 0.64
CA ILE A 12 3.28 11.41 0.80
C ILE A 12 3.67 10.56 -0.41
N THR A 13 3.84 9.25 -0.17
CA THR A 13 4.21 8.29 -1.17
C THR A 13 3.15 7.19 -1.21
N ILE A 14 2.47 7.04 -2.35
CA ILE A 14 1.48 5.99 -2.56
C ILE A 14 2.09 5.05 -3.59
N ILE A 15 2.19 3.77 -3.23
CA ILE A 15 2.74 2.73 -4.11
C ILE A 15 1.54 1.89 -4.53
N SER A 16 1.40 1.57 -5.83
CA SER A 16 0.29 0.79 -6.33
C SER A 16 0.83 -0.46 -7.02
N ALA A 17 0.23 -1.61 -6.69
CA ALA A 17 0.58 -2.86 -7.36
C ALA A 17 -0.71 -3.41 -7.94
N SER A 18 -0.85 -3.28 -9.26
CA SER A 18 -2.06 -3.62 -9.96
C SER A 18 -1.71 -4.50 -11.13
N GLN A 19 -2.45 -5.59 -11.32
CA GLN A 19 -2.21 -6.49 -12.42
C GLN A 19 -3.25 -6.24 -13.50
N THR A 20 -4.50 -6.01 -13.11
CA THR A 20 -5.45 -5.76 -14.18
C THR A 20 -5.61 -4.26 -14.44
N GLY A 21 -5.67 -3.39 -13.37
CA GLY A 21 -5.59 -1.92 -13.38
C GLY A 21 -6.49 -1.29 -12.29
N ASN A 22 -7.04 -2.10 -11.38
CA ASN A 22 -7.95 -1.60 -10.35
C ASN A 22 -7.21 -0.94 -9.18
N ALA A 23 -6.11 -1.49 -8.65
CA ALA A 23 -5.36 -0.84 -7.57
C ALA A 23 -4.77 0.48 -8.06
N ARG A 24 -4.47 0.52 -9.36
CA ARG A 24 -3.94 1.73 -9.99
C ARG A 24 -5.00 2.83 -9.97
N ARG A 25 -6.24 2.47 -10.28
CA ARG A 25 -7.35 3.40 -10.29
C ARG A 25 -7.69 3.98 -8.91
N VAL A 26 -7.73 3.15 -7.85
CA VAL A 26 -8.03 3.69 -6.52
C VAL A 26 -6.91 4.65 -6.11
N ALA A 27 -5.67 4.32 -6.49
CA ALA A 27 -4.54 5.16 -6.17
C ALA A 27 -4.73 6.56 -6.74
N GLU A 28 -5.30 6.62 -7.95
CA GLU A 28 -5.59 7.88 -8.61
C GLU A 28 -6.61 8.69 -7.82
N ALA A 29 -7.60 8.01 -7.22
CA ALA A 29 -8.60 8.67 -6.41
C ALA A 29 -7.95 9.21 -5.13
N LEU A 30 -7.05 8.42 -4.53
CA LEU A 30 -6.38 8.79 -3.29
C LEU A 30 -5.42 9.95 -3.51
N ARG A 31 -4.58 9.85 -4.54
CA ARG A 31 -3.63 10.93 -4.82
C ARG A 31 -4.39 12.20 -5.15
N ASP A 32 -5.50 12.07 -5.88
CA ASP A 32 -6.33 13.20 -6.23
C ASP A 32 -6.93 13.82 -4.99
N ASP A 33 -7.36 13.01 -4.03
CA ASP A 33 -7.92 13.52 -2.80
C ASP A 33 -6.86 14.33 -2.05
N LEU A 34 -5.60 13.90 -2.16
CA LEU A 34 -4.46 14.54 -1.51
C LEU A 34 -4.10 15.80 -2.28
N LEU A 35 -4.03 15.74 -3.61
CA LEU A 35 -3.80 16.94 -4.41
C LEU A 35 -4.96 17.90 -4.10
N ALA A 36 -6.20 17.38 -4.05
CA ALA A 36 -7.36 18.20 -3.73
C ALA A 36 -7.23 18.82 -2.33
N ALA A 37 -6.56 18.13 -1.40
CA ALA A 37 -6.31 18.60 -0.04
C ALA A 37 -5.05 19.47 0.04
N LYS A 38 -4.38 19.66 -1.10
CA LYS A 38 -3.18 20.49 -1.19
C LYS A 38 -1.99 19.82 -0.50
N LEU A 39 -1.94 18.49 -0.53
CA LEU A 39 -0.90 17.71 0.09
C LEU A 39 0.06 17.24 -1.00
N ASN A 40 1.35 17.16 -0.66
CA ASN A 40 2.40 16.76 -1.58
C ASN A 40 2.42 15.24 -1.62
N VAL A 41 1.83 14.67 -2.67
CA VAL A 41 1.74 13.24 -2.85
C VAL A 41 2.49 12.78 -4.10
N LYS A 42 3.22 11.69 -3.92
CA LYS A 42 4.01 11.06 -4.97
C LYS A 42 3.37 9.70 -5.24
N LEU A 43 3.07 9.39 -6.50
CA LEU A 43 2.46 8.14 -6.90
C LEU A 43 3.44 7.39 -7.80
N VAL A 44 3.86 6.19 -7.39
CA VAL A 44 4.73 5.35 -8.20
C VAL A 44 4.22 3.92 -8.22
N ASN A 45 4.46 3.24 -9.33
CA ASN A 45 4.13 1.83 -9.45
C ASN A 45 5.30 1.07 -8.84
N ALA A 46 5.06 -0.03 -8.15
CA ALA A 46 6.12 -0.80 -7.54
C ALA A 46 7.19 -1.22 -8.54
N GLY A 47 6.85 -1.38 -9.83
CA GLY A 47 7.79 -1.77 -10.87
C GLY A 47 8.73 -0.62 -11.26
N ASP A 48 8.30 0.63 -11.04
CA ASP A 48 9.09 1.82 -11.36
C ASP A 48 9.83 2.26 -10.10
N TYR A 49 9.47 1.71 -8.94
CA TYR A 49 10.10 2.13 -7.71
C TYR A 49 11.44 1.40 -7.53
N LYS A 50 12.51 2.21 -7.42
CA LYS A 50 13.84 1.68 -7.13
C LYS A 50 13.71 1.18 -5.68
N PHE A 51 13.31 2.15 -4.86
CA PHE A 51 12.95 1.99 -3.47
C PHE A 51 14.11 1.66 -2.52
N LYS A 52 15.35 1.81 -3.00
CA LYS A 52 16.54 1.68 -2.15
C LYS A 52 16.57 2.90 -1.20
N GLN A 53 15.78 3.92 -1.54
CA GLN A 53 15.64 5.18 -0.82
C GLN A 53 14.35 5.28 -0.01
N ILE A 54 13.45 4.29 -0.15
CA ILE A 54 12.15 4.26 0.53
C ILE A 54 12.34 4.70 1.99
N ALA A 55 13.53 4.44 2.55
CA ALA A 55 13.98 4.84 3.86
C ALA A 55 13.96 6.37 4.07
N SER A 56 13.51 7.16 3.10
CA SER A 56 13.50 8.62 3.20
C SER A 56 12.07 9.17 3.22
N GLU A 57 11.07 8.26 3.18
CA GLU A 57 9.68 8.59 3.18
C GLU A 57 9.17 8.71 4.61
N LYS A 58 8.20 9.60 4.84
CA LYS A 58 7.61 9.81 6.16
C LYS A 58 6.22 9.18 6.21
N LEU A 59 5.51 9.17 5.08
CA LEU A 59 4.16 8.67 4.99
C LEU A 59 4.13 7.86 3.69
N LEU A 60 3.88 6.57 3.84
CA LEU A 60 3.93 5.60 2.76
C LEU A 60 2.61 4.84 2.62
N ILE A 61 1.98 4.85 1.45
CA ILE A 61 0.74 4.11 1.24
C ILE A 61 0.95 2.98 0.23
N VAL A 62 0.55 1.75 0.56
CA VAL A 62 0.65 0.62 -0.36
C VAL A 62 -0.75 0.15 -0.78
N VAL A 63 -1.04 0.14 -2.07
CA VAL A 63 -2.29 -0.40 -2.59
C VAL A 63 -1.84 -1.61 -3.40
N THR A 64 -2.20 -2.81 -2.99
CA THR A 64 -1.74 -4.01 -3.64
C THR A 64 -2.86 -5.01 -3.83
N SER A 65 -2.86 -5.64 -5.00
CA SER A 65 -3.76 -6.71 -5.35
C SER A 65 -2.98 -7.99 -5.07
N THR A 66 -3.68 -9.13 -5.10
CA THR A 66 -3.08 -10.43 -4.86
C THR A 66 -3.21 -11.26 -6.16
N GLN A 67 -2.17 -11.99 -6.57
CA GLN A 67 -2.15 -12.75 -7.83
C GLN A 67 -1.87 -14.26 -7.76
N GLY A 68 -2.18 -14.92 -8.89
CA GLY A 68 -2.01 -16.37 -9.04
C GLY A 68 -2.69 -17.11 -7.89
N GLU A 69 -2.04 -18.12 -7.29
CA GLU A 69 -2.55 -18.76 -6.09
C GLU A 69 -2.08 -17.85 -4.95
N GLY A 70 -2.68 -16.65 -4.89
CA GLY A 70 -2.35 -15.58 -3.97
C GLY A 70 -0.88 -15.51 -3.54
N GLU A 71 -0.07 -15.04 -4.48
CA GLU A 71 1.39 -15.08 -4.43
C GLU A 71 1.79 -13.59 -4.47
N PRO A 72 3.02 -13.19 -4.09
CA PRO A 72 3.44 -11.79 -4.13
C PRO A 72 3.06 -11.09 -5.45
N PRO A 73 2.56 -9.83 -5.41
CA PRO A 73 2.24 -9.06 -6.60
C PRO A 73 3.56 -8.93 -7.36
N GLU A 74 3.50 -9.13 -8.68
CA GLU A 74 4.67 -9.12 -9.52
C GLU A 74 5.42 -7.81 -9.39
N GLU A 75 4.78 -6.65 -9.53
CA GLU A 75 5.51 -5.40 -9.41
C GLU A 75 6.21 -5.15 -8.08
N ALA A 76 5.74 -5.83 -7.03
CA ALA A 76 6.18 -5.63 -5.65
C ALA A 76 6.93 -6.83 -5.08
N VAL A 77 7.20 -7.82 -5.92
CA VAL A 77 7.88 -9.05 -5.52
C VAL A 77 9.26 -8.75 -4.98
N ALA A 78 10.01 -7.94 -5.72
CA ALA A 78 11.37 -7.56 -5.37
C ALA A 78 11.37 -6.79 -4.06
N LEU A 79 10.42 -5.86 -3.96
CA LEU A 79 10.22 -5.04 -2.78
C LEU A 79 9.84 -5.95 -1.63
N HIS A 80 8.90 -6.87 -1.83
CA HIS A 80 8.54 -7.75 -0.73
C HIS A 80 9.73 -8.63 -0.35
N LYS A 81 10.45 -9.17 -1.34
CA LYS A 81 11.64 -9.97 -1.09
C LYS A 81 12.71 -9.13 -0.42
N PHE A 82 12.88 -7.87 -0.84
CA PHE A 82 13.85 -6.96 -0.28
C PHE A 82 13.50 -6.74 1.18
N LEU A 83 12.24 -6.42 1.43
CA LEU A 83 11.78 -6.23 2.79
C LEU A 83 11.97 -7.52 3.60
N PHE A 84 11.96 -8.67 2.92
CA PHE A 84 12.18 -9.98 3.53
C PHE A 84 13.67 -10.32 3.62
N SER A 85 14.55 -9.50 3.04
CA SER A 85 15.99 -9.74 3.06
C SER A 85 16.56 -9.18 4.35
N LYS A 86 17.56 -9.87 4.93
CA LYS A 86 18.20 -9.41 6.16
C LYS A 86 18.72 -7.98 5.98
N LYS A 87 19.15 -7.64 4.77
CA LYS A 87 19.67 -6.31 4.48
C LYS A 87 18.61 -5.20 4.42
N ALA A 88 17.33 -5.53 4.65
CA ALA A 88 16.26 -4.55 4.59
C ALA A 88 16.51 -3.42 5.61
N PRO A 89 16.37 -2.15 5.23
CA PRO A 89 16.62 -1.04 6.11
C PRO A 89 15.53 -0.87 7.17
N LYS A 90 15.89 -0.32 8.32
CA LYS A 90 14.90 -0.04 9.34
C LYS A 90 14.11 1.19 8.91
N LEU A 91 12.81 1.20 9.22
CA LEU A 91 11.92 2.30 8.89
C LEU A 91 12.18 3.41 9.92
N GLU A 92 13.43 3.88 9.93
CA GLU A 92 13.96 4.86 10.86
C GLU A 92 12.97 5.99 11.17
N ASN A 93 12.26 6.45 10.14
CA ASN A 93 11.29 7.53 10.28
C ASN A 93 10.20 7.37 9.21
N THR A 94 9.76 6.13 8.99
CA THR A 94 8.75 5.83 7.98
C THR A 94 7.45 5.27 8.58
N ALA A 95 6.33 5.91 8.24
CA ALA A 95 4.99 5.47 8.67
C ALA A 95 4.22 4.97 7.48
N PHE A 96 3.32 4.01 7.67
CA PHE A 96 2.60 3.43 6.56
C PHE A 96 1.15 3.01 6.75
N ALA A 97 0.46 2.77 5.63
CA ALA A 97 -0.90 2.25 5.60
C ALA A 97 -1.01 1.38 4.35
N VAL A 98 -1.66 0.22 4.50
CA VAL A 98 -1.86 -0.69 3.37
C VAL A 98 -3.33 -1.02 3.16
N PHE A 99 -3.75 -0.99 1.88
CA PHE A 99 -5.11 -1.29 1.44
C PHE A 99 -4.98 -2.40 0.41
N SER A 100 -5.76 -3.46 0.55
CA SER A 100 -5.65 -4.57 -0.41
C SER A 100 -6.95 -4.96 -1.11
N LEU A 101 -6.82 -5.27 -2.40
CA LEU A 101 -7.96 -5.68 -3.22
C LEU A 101 -7.86 -7.17 -3.46
N GLY A 102 -8.94 -7.90 -3.20
CA GLY A 102 -8.94 -9.33 -3.41
C GLY A 102 -10.33 -9.91 -3.63
N ASP A 103 -10.42 -11.23 -3.51
CA ASP A 103 -11.68 -11.96 -3.62
C ASP A 103 -11.70 -13.12 -2.62
N THR A 104 -12.68 -13.06 -1.71
CA THR A 104 -12.84 -14.02 -0.63
C THR A 104 -12.95 -15.45 -1.15
N SER A 105 -13.42 -15.66 -2.39
CA SER A 105 -13.55 -16.99 -2.96
C SER A 105 -12.20 -17.73 -3.03
N TYR A 106 -11.09 -16.98 -3.07
CA TYR A 106 -9.77 -17.57 -3.12
C TYR A 106 -9.31 -17.93 -1.71
N GLU A 107 -8.43 -18.91 -1.60
CA GLU A 107 -7.90 -19.36 -0.32
C GLU A 107 -7.12 -18.28 0.43
N PHE A 108 -6.26 -17.61 -0.33
CA PHE A 108 -5.37 -16.56 0.15
C PHE A 108 -5.98 -15.20 -0.14
N PHE A 109 -7.09 -14.90 0.54
CA PHE A 109 -7.80 -13.65 0.34
C PHE A 109 -6.94 -12.47 0.82
N CYS A 110 -6.67 -11.52 -0.09
CA CYS A 110 -5.87 -10.33 0.18
C CYS A 110 -4.51 -10.65 0.80
N GLN A 111 -3.90 -11.77 0.41
CA GLN A 111 -2.60 -12.20 0.95
C GLN A 111 -1.50 -11.16 0.86
N SER A 112 -1.50 -10.41 -0.24
CA SER A 112 -0.47 -9.40 -0.44
C SER A 112 -0.54 -8.31 0.61
N GLY A 113 -1.78 -8.02 1.01
CA GLY A 113 -2.04 -7.07 2.06
C GLY A 113 -1.50 -7.58 3.38
N LYS A 114 -1.87 -8.82 3.74
CA LYS A 114 -1.43 -9.45 4.98
C LYS A 114 0.10 -9.43 5.04
N ASP A 115 0.77 -9.77 3.94
CA ASP A 115 2.23 -9.84 3.88
C ASP A 115 2.90 -8.48 4.01
N PHE A 116 2.44 -7.49 3.24
CA PHE A 116 3.03 -6.16 3.30
C PHE A 116 2.84 -5.55 4.68
N ASP A 117 1.65 -5.75 5.24
CA ASP A 117 1.35 -5.19 6.55
C ASP A 117 2.20 -5.80 7.67
N SER A 118 2.48 -7.09 7.57
CA SER A 118 3.19 -7.78 8.63
C SER A 118 4.67 -7.44 8.63
N LYS A 119 5.34 -7.70 7.51
CA LYS A 119 6.76 -7.49 7.38
C LYS A 119 7.14 -6.06 7.74
N LEU A 120 6.34 -5.09 7.28
CA LEU A 120 6.56 -3.68 7.54
C LEU A 120 6.59 -3.39 9.01
N ALA A 121 5.59 -3.93 9.69
CA ALA A 121 5.40 -3.76 11.10
C ALA A 121 6.50 -4.54 11.81
N GLU A 122 6.84 -5.73 11.31
CA GLU A 122 7.94 -6.51 11.86
C GLU A 122 9.25 -5.73 11.66
N LEU A 123 9.36 -5.02 10.54
CA LEU A 123 10.53 -4.18 10.26
C LEU A 123 10.55 -2.91 11.11
N GLY A 124 9.49 -2.66 11.90
CA GLY A 124 9.41 -1.49 12.75
C GLY A 124 8.63 -0.30 12.19
N GLY A 125 8.00 -0.42 11.02
CA GLY A 125 7.25 0.68 10.42
C GLY A 125 6.08 1.05 11.34
N GLU A 126 5.61 2.30 11.29
CA GLU A 126 4.49 2.77 12.09
C GLU A 126 3.20 2.65 11.27
N ARG A 127 2.30 1.78 11.73
CA ARG A 127 1.02 1.57 11.04
C ARG A 127 0.08 2.75 11.33
N LEU A 128 -0.26 3.49 10.28
CA LEU A 128 -1.14 4.63 10.33
C LEU A 128 -2.58 4.16 10.51
N LEU A 129 -2.94 3.09 9.77
CA LEU A 129 -4.28 2.55 9.76
C LEU A 129 -4.15 1.04 9.67
N ASP A 130 -5.07 0.30 10.30
CA ASP A 130 -5.07 -1.16 10.24
C ASP A 130 -5.26 -1.55 8.78
N ARG A 131 -4.60 -2.62 8.33
CA ARG A 131 -4.69 -3.08 6.96
C ARG A 131 -6.14 -3.33 6.58
N VAL A 132 -6.50 -2.94 5.36
CA VAL A 132 -7.86 -3.10 4.85
C VAL A 132 -7.80 -4.12 3.73
N ASP A 133 -8.60 -5.17 3.86
CA ASP A 133 -8.69 -6.25 2.89
C ASP A 133 -10.05 -6.06 2.23
N ALA A 134 -10.05 -5.53 1.00
CA ALA A 134 -11.26 -5.24 0.27
C ALA A 134 -11.62 -6.37 -0.68
N ASP A 135 -12.90 -6.64 -0.86
CA ASP A 135 -13.40 -7.65 -1.78
C ASP A 135 -13.52 -7.05 -3.17
N VAL A 136 -14.05 -7.84 -4.11
CA VAL A 136 -14.21 -7.43 -5.49
C VAL A 136 -15.07 -6.15 -5.62
N GLU A 137 -16.08 -6.00 -4.77
CA GLU A 137 -16.97 -4.84 -4.59
C GLU A 137 -16.18 -3.80 -3.79
N TYR A 138 -14.97 -3.56 -4.23
CA TYR A 138 -14.04 -2.70 -3.50
C TYR A 138 -14.41 -1.21 -3.50
N GLN A 139 -15.26 -0.81 -4.43
CA GLN A 139 -15.62 0.59 -4.63
C GLN A 139 -16.01 1.27 -3.32
N ALA A 140 -16.72 0.75 -2.29
CA ALA A 140 -17.07 1.49 -1.10
C ALA A 140 -15.89 1.48 -0.13
N ALA A 141 -15.10 0.41 -0.15
CA ALA A 141 -13.94 0.25 0.71
C ALA A 141 -12.87 1.24 0.33
N ALA A 142 -12.52 1.31 -0.96
CA ALA A 142 -11.52 2.25 -1.44
C ALA A 142 -11.93 3.67 -1.07
N SER A 143 -13.21 4.00 -1.28
CA SER A 143 -13.73 5.31 -0.99
C SER A 143 -13.75 5.54 0.52
N GLU A 144 -14.32 4.64 1.32
CA GLU A 144 -14.33 4.78 2.77
C GLU A 144 -12.88 4.88 3.27
N TRP A 145 -12.02 4.00 2.77
CA TRP A 145 -10.62 3.99 3.15
C TRP A 145 -9.97 5.29 2.72
N ARG A 146 -10.23 5.73 1.49
CA ARG A 146 -9.73 6.98 0.99
C ARG A 146 -10.11 8.10 1.95
N ALA A 147 -11.38 8.12 2.38
CA ALA A 147 -11.90 9.09 3.34
C ALA A 147 -11.15 9.05 4.68
N ARG A 148 -10.57 7.90 5.08
CA ARG A 148 -9.82 7.80 6.33
C ARG A 148 -8.46 8.40 6.11
N VAL A 149 -7.85 8.10 4.96
CA VAL A 149 -6.54 8.60 4.64
C VAL A 149 -6.61 10.12 4.57
N VAL A 150 -7.57 10.72 3.90
CA VAL A 150 -7.67 12.16 3.86
C VAL A 150 -7.75 12.75 5.27
N ASP A 151 -8.75 12.31 6.04
CA ASP A 151 -8.97 12.78 7.41
C ASP A 151 -7.76 12.54 8.30
N ALA A 152 -7.12 11.37 8.19
CA ALA A 152 -5.98 11.04 9.04
C ALA A 152 -4.76 11.86 8.67
N LEU A 153 -4.51 12.00 7.37
CA LEU A 153 -3.36 12.72 6.88
C LEU A 153 -3.52 14.21 7.14
N LYS A 154 -4.74 14.75 7.00
CA LYS A 154 -4.98 16.14 7.31
C LYS A 154 -4.58 16.43 8.76
N SER A 155 -4.84 15.47 9.66
CA SER A 155 -4.48 15.61 11.06
C SER A 155 -3.01 15.33 11.35
N ARG A 156 -2.22 14.85 10.38
CA ARG A 156 -0.80 14.56 10.62
C ARG A 156 0.11 14.91 9.44
N ALA A 157 -0.26 15.97 8.72
CA ALA A 157 0.51 16.49 7.61
C ALA A 157 1.65 17.34 8.19
N1 FMN B . -7.26 -12.00 -4.84
C2 FMN B . -7.23 -12.58 -3.61
O2 FMN B . -7.71 -12.03 -2.63
N3 FMN B . -6.63 -13.81 -3.46
C4 FMN B . -6.10 -14.60 -4.47
O4 FMN B . -5.62 -15.69 -4.17
C4A FMN B . -6.17 -14.01 -5.80
N5 FMN B . -5.70 -14.69 -6.94
C5A FMN B . -5.83 -14.10 -8.15
C6 FMN B . -5.42 -14.86 -9.27
C7 FMN B . -5.45 -14.31 -10.56
C7M FMN B . -4.94 -15.12 -11.73
C8 FMN B . -5.95 -13.00 -10.76
C8M FMN B . -6.03 -12.42 -12.15
C9 FMN B . -6.40 -12.27 -9.65
C9A FMN B . -6.33 -12.77 -8.33
N10 FMN B . -6.74 -12.03 -7.24
C10 FMN B . -6.73 -12.65 -5.96
C1' FMN B . -7.09 -10.59 -7.33
C2' FMN B . -8.58 -10.46 -7.60
O2' FMN B . -9.26 -10.66 -6.37
C3' FMN B . -9.03 -9.16 -8.29
O3' FMN B . -10.40 -9.05 -7.97
C4' FMN B . -8.32 -7.81 -7.96
O4' FMN B . -7.61 -7.85 -6.75
C5' FMN B . -7.40 -7.31 -9.07
O5' FMN B . -6.80 -6.10 -8.67
P FMN B . -5.84 -5.22 -9.64
O1P FMN B . -6.76 -4.77 -10.70
O2P FMN B . -5.35 -4.16 -8.75
O3P FMN B . -4.84 -6.20 -10.10
HN3 FMN B . -6.47 -14.13 -2.51
H6 FMN B . -5.10 -15.88 -9.14
HM71 FMN B . -4.46 -16.04 -11.39
HM72 FMN B . -4.21 -14.55 -12.30
HM73 FMN B . -5.77 -15.39 -12.37
HM81 FMN B . -6.55 -11.45 -12.13
HM82 FMN B . -6.57 -13.09 -12.81
HM83 FMN B . -5.03 -12.25 -12.53
H9 FMN B . -6.83 -11.29 -9.85
H1'1 FMN B . -6.82 -10.08 -6.40
H1'2 FMN B . -6.52 -10.10 -8.11
H2' FMN B . -8.88 -11.27 -8.28
HO2' FMN B . -8.65 -11.17 -5.78
H3' FMN B . -8.92 -9.31 -9.36
HO3' FMN B . -10.48 -9.47 -7.10
H4' FMN B . -9.10 -7.04 -7.83
HO4' FMN B . -7.10 -7.04 -6.69
H5'1 FMN B . -6.62 -8.06 -9.28
H5'2 FMN B . -7.98 -7.15 -9.98
N ILE A 12 4.01 12.73 0.53
CA ILE A 12 3.33 11.45 0.68
C ILE A 12 3.68 10.59 -0.54
N THR A 13 3.84 9.30 -0.30
CA THR A 13 4.18 8.33 -1.33
C THR A 13 3.07 7.29 -1.39
N ILE A 14 2.34 7.23 -2.51
CA ILE A 14 1.28 6.25 -2.72
C ILE A 14 1.84 5.30 -3.79
N ILE A 15 1.92 4.03 -3.42
CA ILE A 15 2.43 2.97 -4.29
C ILE A 15 1.20 2.16 -4.67
N SER A 16 1.05 1.81 -5.95
CA SER A 16 -0.08 1.04 -6.41
C SER A 16 0.49 -0.25 -6.98
N ALA A 17 -0.06 -1.39 -6.56
CA ALA A 17 0.33 -2.68 -7.07
C ALA A 17 -0.94 -3.31 -7.57
N SER A 18 -1.08 -3.30 -8.89
CA SER A 18 -2.30 -3.72 -9.54
C SER A 18 -1.93 -4.69 -10.66
N GLN A 19 -2.67 -5.78 -10.77
CA GLN A 19 -2.43 -6.77 -11.80
C GLN A 19 -3.35 -6.44 -12.96
N THR A 20 -4.58 -6.03 -12.63
CA THR A 20 -5.46 -5.72 -13.74
C THR A 20 -5.55 -4.23 -14.05
N GLY A 21 -5.61 -3.31 -13.02
CA GLY A 21 -5.51 -1.85 -13.12
C GLY A 21 -6.46 -1.15 -12.12
N ASN A 22 -7.13 -1.91 -11.24
CA ASN A 22 -8.10 -1.39 -10.29
C ASN A 22 -7.41 -0.69 -9.12
N ALA A 23 -6.31 -1.21 -8.55
CA ALA A 23 -5.60 -0.50 -7.49
C ALA A 23 -5.07 0.82 -8.04
N ARG A 24 -4.74 0.82 -9.33
CA ARG A 24 -4.25 2.02 -10.00
C ARG A 24 -5.32 3.10 -9.91
N ARG A 25 -6.58 2.73 -10.20
CA ARG A 25 -7.72 3.63 -10.16
C ARG A 25 -7.95 4.17 -8.76
N VAL A 26 -7.86 3.33 -7.72
CA VAL A 26 -8.05 3.74 -6.34
C VAL A 26 -6.92 4.68 -5.96
N ALA A 27 -5.68 4.33 -6.32
CA ALA A 27 -4.53 5.15 -6.02
C ALA A 27 -4.69 6.55 -6.64
N GLU A 28 -5.25 6.59 -7.86
CA GLU A 28 -5.51 7.83 -8.55
C GLU A 28 -6.51 8.69 -7.78
N ALA A 29 -7.53 8.06 -7.18
CA ALA A 29 -8.52 8.76 -6.40
C ALA A 29 -7.88 9.33 -5.13
N LEU A 30 -7.00 8.54 -4.50
CA LEU A 30 -6.35 8.93 -3.27
C LEU A 30 -5.33 10.05 -3.49
N ARG A 31 -4.48 9.90 -4.50
CA ARG A 31 -3.48 10.94 -4.77
C ARG A 31 -4.19 12.24 -5.11
N ASP A 32 -5.29 12.14 -5.87
CA ASP A 32 -6.06 13.31 -6.25
C ASP A 32 -6.70 13.96 -5.04
N ASP A 33 -7.18 13.17 -4.09
CA ASP A 33 -7.81 13.71 -2.90
C ASP A 33 -6.79 14.51 -2.11
N LEU A 34 -5.54 14.04 -2.11
CA LEU A 34 -4.44 14.68 -1.40
C LEU A 34 -3.97 15.92 -2.16
N LEU A 35 -3.83 15.82 -3.49
CA LEU A 35 -3.48 16.98 -4.29
C LEU A 35 -4.62 17.98 -4.15
N ALA A 36 -5.88 17.52 -4.12
CA ALA A 36 -7.02 18.40 -3.88
C ALA A 36 -6.89 19.07 -2.50
N ALA A 37 -6.24 18.40 -1.54
CA ALA A 37 -5.99 18.96 -0.21
C ALA A 37 -4.70 19.79 -0.18
N LYS A 38 -4.06 19.95 -1.32
CA LYS A 38 -2.83 20.73 -1.47
C LYS A 38 -1.64 20.05 -0.78
N LEU A 39 -1.61 18.72 -0.85
CA LEU A 39 -0.54 17.94 -0.25
C LEU A 39 0.39 17.42 -1.35
N ASN A 40 1.69 17.29 -1.03
CA ASN A 40 2.71 16.84 -1.97
C ASN A 40 2.72 15.31 -2.03
N VAL A 41 2.15 14.76 -3.11
CA VAL A 41 2.05 13.32 -3.28
C VAL A 41 2.88 12.82 -4.45
N LYS A 42 3.59 11.71 -4.23
CA LYS A 42 4.40 11.04 -5.25
C LYS A 42 3.69 9.71 -5.50
N LEU A 43 3.25 9.47 -6.73
CA LEU A 43 2.57 8.24 -7.12
C LEU A 43 3.54 7.46 -8.00
N VAL A 44 3.99 6.29 -7.56
CA VAL A 44 4.90 5.45 -8.34
C VAL A 44 4.45 3.99 -8.32
N ASN A 45 4.73 3.31 -9.42
CA ASN A 45 4.48 1.89 -9.56
C ASN A 45 5.64 1.19 -8.85
N ALA A 46 5.35 0.12 -8.13
CA ALA A 46 6.38 -0.66 -7.47
C ALA A 46 7.41 -1.14 -8.48
N GLY A 47 7.03 -1.34 -9.77
CA GLY A 47 7.96 -1.79 -10.79
C GLY A 47 8.92 -0.68 -11.19
N ASP A 48 8.52 0.58 -11.01
CA ASP A 48 9.33 1.76 -11.31
C ASP A 48 10.06 2.18 -10.04
N TYR A 49 9.68 1.65 -8.89
CA TYR A 49 10.28 2.04 -7.64
C TYR A 49 11.63 1.33 -7.47
N LYS A 50 12.69 2.16 -7.40
CA LYS A 50 14.03 1.65 -7.10
C LYS A 50 13.90 1.16 -5.65
N PHE A 51 13.49 2.13 -4.84
CA PHE A 51 13.10 1.97 -3.45
C PHE A 51 14.24 1.74 -2.47
N LYS A 52 15.49 1.77 -2.94
CA LYS A 52 16.65 1.67 -2.05
C LYS A 52 16.68 2.87 -1.09
N GLN A 53 15.87 3.89 -1.43
CA GLN A 53 15.73 5.10 -0.68
C GLN A 53 14.40 5.18 0.08
N ILE A 54 13.47 4.22 -0.11
CA ILE A 54 12.13 4.24 0.49
C ILE A 54 12.18 4.68 1.96
N ALA A 55 13.30 4.38 2.63
CA ALA A 55 13.59 4.75 4.01
C ALA A 55 13.43 6.27 4.25
N SER A 56 13.60 7.02 3.15
CA SER A 56 13.57 8.47 3.14
C SER A 56 12.14 9.01 3.08
N GLU A 57 11.15 8.12 2.94
CA GLU A 57 9.75 8.49 2.84
C GLU A 57 9.17 8.66 4.24
N LYS A 58 8.24 9.60 4.38
CA LYS A 58 7.60 9.91 5.65
C LYS A 58 6.22 9.24 5.76
N LEU A 59 5.51 9.15 4.63
CA LEU A 59 4.17 8.59 4.57
C LEU A 59 4.15 7.75 3.29
N LEU A 60 3.94 6.45 3.48
CA LEU A 60 3.95 5.46 2.41
C LEU A 60 2.61 4.75 2.31
N ILE A 61 1.94 4.76 1.15
CA ILE A 61 0.69 4.01 1.00
C ILE A 61 0.84 2.90 -0.03
N VAL A 62 0.40 1.69 0.30
CA VAL A 62 0.46 0.59 -0.65
C VAL A 62 -0.94 0.03 -0.91
N VAL A 63 -1.28 -0.12 -2.19
CA VAL A 63 -2.53 -0.71 -2.64
C VAL A 63 -2.11 -1.96 -3.39
N THR A 64 -2.51 -3.16 -2.92
CA THR A 64 -2.07 -4.42 -3.51
C THR A 64 -3.21 -5.40 -3.68
N SER A 65 -3.24 -6.05 -4.83
CA SER A 65 -4.16 -7.14 -5.13
C SER A 65 -3.41 -8.43 -4.79
N THR A 66 -4.14 -9.55 -4.72
CA THR A 66 -3.56 -10.86 -4.42
C THR A 66 -3.74 -11.71 -5.68
N GLN A 67 -2.70 -12.46 -6.06
CA GLN A 67 -2.63 -13.27 -7.27
C GLN A 67 -2.42 -14.76 -7.08
N GLY A 68 -2.59 -15.51 -8.17
CA GLY A 68 -2.42 -16.96 -8.16
C GLY A 68 -2.96 -17.60 -6.88
N GLU A 69 -2.23 -18.53 -6.23
CA GLU A 69 -2.58 -19.02 -4.92
C GLU A 69 -2.03 -18.10 -3.83
N GLY A 70 -2.60 -16.90 -3.71
CA GLY A 70 -2.24 -15.96 -2.67
C GLY A 70 -0.89 -15.21 -2.84
N GLU A 71 -0.34 -15.23 -4.04
CA GLU A 71 0.97 -14.66 -4.30
C GLU A 71 0.89 -13.12 -4.42
N PRO A 72 1.92 -12.39 -3.95
CA PRO A 72 1.96 -10.93 -3.98
C PRO A 72 2.15 -10.41 -5.41
N PRO A 73 1.76 -9.15 -5.67
CA PRO A 73 1.85 -8.56 -6.98
C PRO A 73 3.29 -8.50 -7.47
N GLU A 74 3.43 -8.83 -8.75
CA GLU A 74 4.69 -8.92 -9.46
C GLU A 74 5.53 -7.66 -9.27
N GLU A 75 4.94 -6.49 -9.45
CA GLU A 75 5.62 -5.22 -9.35
C GLU A 75 6.29 -4.91 -8.02
N ALA A 76 5.84 -5.56 -6.95
CA ALA A 76 6.32 -5.28 -5.59
C ALA A 76 7.08 -6.44 -4.97
N VAL A 77 7.44 -7.45 -5.77
CA VAL A 77 8.17 -8.59 -5.24
C VAL A 77 9.55 -8.15 -4.71
N ALA A 78 10.23 -7.28 -5.46
CA ALA A 78 11.56 -6.80 -5.07
C ALA A 78 11.55 -6.00 -3.77
N LEU A 79 10.61 -5.06 -3.64
CA LEU A 79 10.52 -4.24 -2.43
C LEU A 79 10.16 -5.14 -1.25
N HIS A 80 9.23 -6.07 -1.42
CA HIS A 80 8.88 -6.94 -0.30
C HIS A 80 10.14 -7.72 0.13
N LYS A 81 10.93 -8.20 -0.83
CA LYS A 81 12.18 -8.92 -0.58
C LYS A 81 13.29 -8.09 0.07
N PHE A 82 13.55 -6.85 -0.41
CA PHE A 82 14.66 -6.01 0.06
C PHE A 82 14.46 -5.75 1.54
N LEU A 83 13.23 -5.38 1.82
CA LEU A 83 12.74 -5.12 3.15
C LEU A 83 13.07 -6.31 4.07
N PHE A 84 13.26 -7.50 3.51
CA PHE A 84 13.75 -8.62 4.32
C PHE A 84 15.28 -8.47 4.41
N SER A 85 15.99 -9.09 3.44
CA SER A 85 17.46 -9.05 3.25
C SER A 85 18.20 -8.12 4.25
N LYS A 86 19.11 -8.69 5.05
CA LYS A 86 19.79 -8.01 6.15
C LYS A 86 20.37 -6.61 5.91
N LYS A 87 20.86 -6.27 4.72
CA LYS A 87 21.50 -4.96 4.51
C LYS A 87 20.54 -3.75 4.65
N ALA A 88 19.28 -3.97 4.98
CA ALA A 88 18.31 -2.88 5.03
C ALA A 88 18.00 -2.25 6.40
N PRO A 89 17.91 -0.90 6.51
CA PRO A 89 17.36 -0.19 7.69
C PRO A 89 15.80 -0.11 7.54
N LYS A 90 15.33 -0.76 6.48
CA LYS A 90 13.91 -0.86 6.22
C LYS A 90 13.22 0.50 6.21
N LEU A 91 12.03 0.55 6.80
CA LEU A 91 11.19 1.74 6.95
C LEU A 91 11.77 2.61 8.07
N GLU A 92 13.05 2.95 7.95
CA GLU A 92 13.83 3.71 8.93
C GLU A 92 13.03 4.83 9.59
N ASN A 93 12.31 5.59 8.77
CA ASN A 93 11.49 6.71 9.22
C ASN A 93 10.24 6.78 8.35
N THR A 94 9.53 5.65 8.28
CA THR A 94 8.35 5.57 7.43
C THR A 94 7.07 5.03 8.10
N ALA A 95 5.94 5.68 7.79
CA ALA A 95 4.63 5.24 8.29
C ALA A 95 3.82 4.73 7.12
N PHE A 96 2.91 3.76 7.36
CA PHE A 96 2.16 3.17 6.26
C PHE A 96 0.70 2.77 6.46
N ALA A 97 -0.02 2.55 5.35
CA ALA A 97 -1.39 2.07 5.34
C ALA A 97 -1.55 1.20 4.11
N VAL A 98 -2.19 0.05 4.30
CA VAL A 98 -2.39 -0.94 3.25
C VAL A 98 -3.87 -1.08 2.91
N PHE A 99 -4.20 -1.05 1.61
CA PHE A 99 -5.54 -1.31 1.11
C PHE A 99 -5.36 -2.50 0.21
N SER A 100 -6.11 -3.57 0.46
CA SER A 100 -6.01 -4.74 -0.36
C SER A 100 -7.34 -5.09 -0.97
N LEU A 101 -7.31 -5.47 -2.24
CA LEU A 101 -8.53 -5.88 -2.90
C LEU A 101 -8.38 -7.32 -3.36
N GLY A 102 -9.42 -8.11 -3.09
CA GLY A 102 -9.38 -9.53 -3.34
C GLY A 102 -10.76 -10.14 -3.45
N ASP A 103 -10.83 -11.47 -3.31
CA ASP A 103 -12.06 -12.21 -3.38
C ASP A 103 -12.06 -13.32 -2.33
N THR A 104 -13.00 -13.23 -1.39
CA THR A 104 -13.14 -14.14 -0.28
C THR A 104 -13.35 -15.58 -0.73
N SER A 105 -13.80 -15.78 -1.97
CA SER A 105 -13.99 -17.12 -2.50
C SER A 105 -12.64 -17.87 -2.56
N TYR A 106 -11.52 -17.12 -2.57
CA TYR A 106 -10.18 -17.68 -2.61
C TYR A 106 -9.74 -17.96 -1.17
N GLU A 107 -8.88 -18.95 -0.99
CA GLU A 107 -8.40 -19.37 0.33
C GLU A 107 -7.55 -18.32 1.06
N PHE A 108 -6.63 -17.74 0.30
CA PHE A 108 -5.68 -16.75 0.77
C PHE A 108 -6.30 -15.37 0.58
N PHE A 109 -7.42 -15.12 1.26
CA PHE A 109 -8.13 -13.86 1.06
C PHE A 109 -7.25 -12.69 1.48
N CYS A 110 -6.98 -11.79 0.54
CA CYS A 110 -6.15 -10.61 0.74
C CYS A 110 -4.78 -10.94 1.31
N GLN A 111 -4.18 -12.07 0.89
CA GLN A 111 -2.88 -12.49 1.36
C GLN A 111 -1.77 -11.46 1.12
N SER A 112 -1.79 -10.79 -0.03
CA SER A 112 -0.73 -9.83 -0.33
C SER A 112 -0.71 -8.69 0.68
N GLY A 113 -1.91 -8.22 1.00
CA GLY A 113 -2.07 -7.16 1.97
C GLY A 113 -1.50 -7.62 3.31
N LYS A 114 -1.86 -8.84 3.72
CA LYS A 114 -1.37 -9.42 4.96
C LYS A 114 0.16 -9.43 4.94
N ASP A 115 0.80 -9.79 3.81
CA ASP A 115 2.25 -9.82 3.72
C ASP A 115 2.87 -8.46 3.90
N PHE A 116 2.39 -7.48 3.15
CA PHE A 116 2.88 -6.11 3.23
C PHE A 116 2.59 -5.54 4.62
N ASP A 117 1.35 -5.71 5.09
CA ASP A 117 0.92 -5.19 6.39
C ASP A 117 1.71 -5.81 7.55
N SER A 118 1.95 -7.12 7.47
CA SER A 118 2.63 -7.83 8.55
C SER A 118 4.11 -7.49 8.55
N LYS A 119 4.78 -7.78 7.43
CA LYS A 119 6.20 -7.57 7.32
C LYS A 119 6.54 -6.12 7.61
N LEU A 120 5.73 -5.16 7.15
CA LEU A 120 5.99 -3.75 7.40
C LEU A 120 6.09 -3.46 8.88
N ALA A 121 5.13 -3.99 9.63
CA ALA A 121 5.06 -3.82 11.07
C ALA A 121 6.17 -4.62 11.73
N GLU A 122 6.45 -5.84 11.23
CA GLU A 122 7.55 -6.64 11.78
C GLU A 122 8.86 -5.89 11.56
N LEU A 123 8.99 -5.24 10.40
CA LEU A 123 10.17 -4.47 10.04
C LEU A 123 10.23 -3.13 10.78
N GLY A 124 9.19 -2.80 11.55
CA GLY A 124 9.18 -1.58 12.33
C GLY A 124 8.46 -0.37 11.75
N GLY A 125 7.84 -0.48 10.57
CA GLY A 125 7.12 0.63 9.97
C GLY A 125 5.98 1.03 10.92
N GLU A 126 5.53 2.29 10.88
CA GLU A 126 4.45 2.76 11.73
C GLU A 126 3.14 2.59 10.97
N ARG A 127 2.27 1.70 11.47
CA ARG A 127 0.99 1.43 10.86
C ARG A 127 0.05 2.63 11.12
N LEU A 128 -0.29 3.35 10.06
CA LEU A 128 -1.17 4.50 10.10
C LEU A 128 -2.61 4.01 10.31
N LEU A 129 -2.98 2.95 9.60
CA LEU A 129 -4.32 2.41 9.58
C LEU A 129 -4.24 0.89 9.53
N ASP A 130 -5.21 0.21 10.14
CA ASP A 130 -5.31 -1.24 10.07
C ASP A 130 -5.46 -1.61 8.60
N ARG A 131 -4.82 -2.69 8.16
CA ARG A 131 -4.91 -3.12 6.78
C ARG A 131 -6.37 -3.34 6.43
N VAL A 132 -6.76 -2.93 5.23
CA VAL A 132 -8.11 -3.06 4.74
C VAL A 132 -8.04 -4.13 3.69
N ASP A 133 -8.81 -5.20 3.92
CA ASP A 133 -8.89 -6.35 3.05
C ASP A 133 -10.28 -6.24 2.44
N ALA A 134 -10.31 -5.78 1.20
CA ALA A 134 -11.55 -5.53 0.50
C ALA A 134 -11.92 -6.70 -0.38
N ASP A 135 -13.22 -7.00 -0.46
CA ASP A 135 -13.74 -8.08 -1.28
C ASP A 135 -13.94 -7.55 -2.69
N VAL A 136 -14.50 -8.40 -3.55
CA VAL A 136 -14.72 -8.07 -4.94
C VAL A 136 -15.52 -6.76 -5.13
N GLU A 137 -16.43 -6.39 -4.22
CA GLU A 137 -17.19 -5.15 -4.39
C GLU A 137 -16.23 -3.94 -4.38
N TYR A 138 -15.09 -4.09 -3.68
CA TYR A 138 -13.93 -3.19 -3.62
C TYR A 138 -14.17 -1.68 -3.61
N GLN A 139 -15.00 -1.21 -4.52
CA GLN A 139 -15.23 0.23 -4.68
C GLN A 139 -15.70 0.95 -3.42
N ALA A 140 -16.41 0.45 -2.37
CA ALA A 140 -16.80 1.24 -1.21
C ALA A 140 -15.66 1.26 -0.21
N ALA A 141 -14.88 0.16 -0.17
CA ALA A 141 -13.76 0.01 0.73
C ALA A 141 -12.67 0.98 0.36
N ALA A 142 -12.31 1.02 -0.92
CA ALA A 142 -11.29 1.93 -1.40
C ALA A 142 -11.68 3.36 -1.04
N SER A 143 -12.96 3.70 -1.23
CA SER A 143 -13.47 5.02 -0.93
C SER A 143 -13.48 5.28 0.59
N GLU A 144 -14.07 4.42 1.42
CA GLU A 144 -14.07 4.64 2.88
C GLU A 144 -12.62 4.72 3.34
N TRP A 145 -11.78 3.83 2.83
CA TRP A 145 -10.36 3.83 3.16
C TRP A 145 -9.74 5.13 2.73
N ARG A 146 -10.04 5.60 1.52
CA ARG A 146 -9.51 6.86 1.05
C ARG A 146 -9.90 7.99 1.98
N ALA A 147 -11.18 8.08 2.37
CA ALA A 147 -11.68 9.09 3.29
C ALA A 147 -10.96 9.10 4.64
N ARG A 148 -10.44 7.96 5.08
CA ARG A 148 -9.76 7.82 6.37
C ARG A 148 -8.32 8.27 6.24
N VAL A 149 -7.69 7.88 5.14
CA VAL A 149 -6.31 8.23 4.88
C VAL A 149 -6.22 9.74 4.75
N VAL A 150 -7.13 10.37 4.00
CA VAL A 150 -7.15 11.80 3.84
C VAL A 150 -7.24 12.46 5.22
N ASP A 151 -8.24 12.07 6.02
CA ASP A 151 -8.43 12.59 7.36
C ASP A 151 -7.21 12.32 8.24
N ALA A 152 -6.62 11.12 8.13
CA ALA A 152 -5.49 10.73 8.95
C ALA A 152 -4.23 11.52 8.61
N LEU A 153 -3.92 11.62 7.31
CA LEU A 153 -2.73 12.29 6.87
C LEU A 153 -2.81 13.78 7.16
N LYS A 154 -3.99 14.38 7.01
CA LYS A 154 -4.16 15.79 7.37
C LYS A 154 -3.93 15.95 8.88
N SER A 155 -4.27 14.90 9.64
CA SER A 155 -4.12 14.88 11.08
C SER A 155 -2.80 14.23 11.56
N ARG A 156 -1.96 13.72 10.65
CA ARG A 156 -0.72 13.05 11.03
C ARG A 156 0.45 13.38 10.10
N ALA A 157 0.54 14.64 9.70
CA ALA A 157 1.66 15.14 8.91
C ALA A 157 2.27 16.31 9.68
N1 FMN B . -8.03 -12.39 -4.07
C2 FMN B . -7.77 -12.85 -2.82
O2 FMN B . -8.27 -12.29 -1.86
N3 FMN B . -6.92 -13.91 -2.63
C4 FMN B . -6.28 -14.63 -3.61
O4 FMN B . -5.56 -15.57 -3.28
C4A FMN B . -6.53 -14.16 -4.96
N5 FMN B . -5.96 -14.80 -6.06
C5A FMN B . -6.31 -14.37 -7.31
C6 FMN B . -5.79 -15.10 -8.38
C7 FMN B . -6.13 -14.76 -9.70
C7M FMN B . -5.49 -15.54 -10.84
C8 FMN B . -7.04 -13.71 -9.93
C8M FMN B . -7.73 -13.47 -11.24
C9 FMN B . -7.43 -12.89 -8.87
C9A FMN B . -7.15 -13.23 -7.53
N10 FMN B . -7.72 -12.54 -6.49
C10 FMN B . -7.44 -12.99 -5.17
C1' FMN B . -8.63 -11.37 -6.69
C2' FMN B . -7.87 -10.04 -6.88
O2' FMN B . -6.76 -10.22 -7.73
C3' FMN B . -8.85 -8.97 -7.40
O3' FMN B . -9.71 -8.61 -6.34
C4' FMN B . -8.22 -7.64 -7.86
O4' FMN B . -7.40 -7.20 -6.81
C5' FMN B . -7.47 -7.72 -9.20
O5' FMN B . -7.35 -6.46 -9.83
P FMN B . -6.25 -5.37 -9.39
O1P FMN B . -6.72 -4.91 -8.07
O2P FMN B . -6.31 -4.36 -10.47
O3P FMN B . -5.00 -6.15 -9.40
HN3 FMN B . -6.68 -14.14 -1.68
H6 FMN B . -5.18 -15.97 -8.20
HM71 FMN B . -5.99 -16.50 -10.95
HM72 FMN B . -4.44 -15.72 -10.60
HM73 FMN B . -5.54 -14.98 -11.77
HM81 FMN B . -7.90 -14.41 -11.75
HM82 FMN B . -7.13 -12.77 -11.83
HM83 FMN B . -8.71 -13.02 -11.04
H9 FMN B . -8.01 -12.01 -9.13
H1'1 FMN B . -9.27 -11.55 -7.55
H1'2 FMN B . -9.35 -11.30 -5.89
H2' FMN B . -7.48 -9.70 -5.93
HO2' FMN B . -6.07 -10.68 -7.23
H3' FMN B . -9.43 -9.39 -8.21
HO3' FMN B . -9.21 -8.03 -5.76
H4' FMN B . -9.05 -6.94 -7.99
HO4' FMN B . -7.10 -6.31 -7.03
H5'1 FMN B . -6.48 -8.18 -9.08
H5'2 FMN B . -8.06 -8.35 -9.87
N ILE A 12 3.63 13.33 0.28
CA ILE A 12 2.99 12.03 0.44
C ILE A 12 3.34 11.18 -0.78
N THR A 13 3.70 9.92 -0.54
CA THR A 13 4.05 8.96 -1.57
C THR A 13 2.99 7.85 -1.54
N ILE A 14 2.27 7.69 -2.66
CA ILE A 14 1.27 6.65 -2.82
C ILE A 14 1.90 5.66 -3.81
N ILE A 15 2.00 4.40 -3.39
CA ILE A 15 2.54 3.33 -4.22
C ILE A 15 1.35 2.49 -4.64
N SER A 16 1.30 2.08 -5.90
CA SER A 16 0.23 1.26 -6.42
C SER A 16 0.81 -0.05 -6.90
N ALA A 17 0.24 -1.17 -6.46
CA ALA A 17 0.65 -2.49 -6.86
C ALA A 17 -0.60 -3.19 -7.37
N SER A 18 -0.69 -3.27 -8.69
CA SER A 18 -1.85 -3.81 -9.37
C SER A 18 -1.41 -4.82 -10.41
N GLN A 19 -2.13 -5.93 -10.50
CA GLN A 19 -1.88 -6.96 -11.49
C GLN A 19 -2.74 -6.59 -12.68
N THR A 20 -3.98 -6.16 -12.40
CA THR A 20 -4.82 -5.82 -13.55
C THR A 20 -4.96 -4.32 -13.81
N GLY A 21 -5.10 -3.44 -12.77
CA GLY A 21 -5.06 -1.98 -12.84
C GLY A 21 -6.06 -1.32 -11.86
N ASN A 22 -6.70 -2.09 -10.98
CA ASN A 22 -7.71 -1.59 -10.06
C ASN A 22 -7.11 -0.83 -8.88
N ALA A 23 -6.05 -1.31 -8.22
CA ALA A 23 -5.43 -0.53 -7.16
C ALA A 23 -4.92 0.79 -7.73
N ARG A 24 -4.56 0.78 -9.03
CA ARG A 24 -4.11 1.97 -9.73
C ARG A 24 -5.17 3.05 -9.73
N ARG A 25 -6.41 2.70 -10.12
CA ARG A 25 -7.49 3.67 -10.14
C ARG A 25 -7.75 4.23 -8.75
N VAL A 26 -7.60 3.41 -7.69
CA VAL A 26 -7.77 3.84 -6.33
C VAL A 26 -6.65 4.80 -5.96
N ALA A 27 -5.40 4.43 -6.29
CA ALA A 27 -4.25 5.26 -6.00
C ALA A 27 -4.40 6.63 -6.65
N GLU A 28 -4.87 6.63 -7.90
CA GLU A 28 -5.10 7.84 -8.67
C GLU A 28 -6.14 8.71 -7.95
N ALA A 29 -7.21 8.09 -7.44
CA ALA A 29 -8.25 8.78 -6.72
C ALA A 29 -7.70 9.35 -5.41
N LEU A 30 -6.88 8.54 -4.74
CA LEU A 30 -6.28 8.90 -3.45
C LEU A 30 -5.25 10.00 -3.61
N ARG A 31 -4.33 9.83 -4.56
CA ARG A 31 -3.32 10.86 -4.76
C ARG A 31 -4.03 12.14 -5.17
N ASP A 32 -5.15 12.00 -5.89
CA ASP A 32 -5.97 13.12 -6.29
C ASP A 32 -6.70 13.70 -5.09
N ASP A 33 -7.16 12.85 -4.16
CA ASP A 33 -7.84 13.31 -2.96
C ASP A 33 -6.81 14.06 -2.12
N LEU A 34 -5.57 13.54 -2.12
CA LEU A 34 -4.48 14.12 -1.38
C LEU A 34 -3.97 15.34 -2.10
N LEU A 35 -3.94 15.35 -3.44
CA LEU A 35 -3.60 16.58 -4.16
C LEU A 35 -4.70 17.57 -3.78
N ALA A 36 -5.94 17.09 -3.66
CA ALA A 36 -7.04 17.95 -3.25
C ALA A 36 -6.86 18.51 -1.84
N ALA A 37 -6.20 17.76 -0.92
CA ALA A 37 -6.04 18.11 0.50
C ALA A 37 -4.64 18.59 0.97
N LYS A 38 -3.70 18.33 0.09
CA LYS A 38 -2.28 18.42 0.39
C LYS A 38 -1.40 18.32 -0.86
N LEU A 39 -1.20 19.52 -1.34
CA LEU A 39 -0.56 19.82 -2.59
C LEU A 39 0.56 18.94 -3.18
N ASN A 40 1.69 18.66 -2.47
CA ASN A 40 2.82 17.85 -2.92
C ASN A 40 2.61 16.33 -2.78
N VAL A 41 2.02 15.71 -3.80
CA VAL A 41 1.82 14.26 -3.83
C VAL A 41 2.65 13.66 -4.96
N LYS A 42 3.26 12.50 -4.68
CA LYS A 42 4.06 11.75 -5.64
C LYS A 42 3.44 10.35 -5.76
N LEU A 43 3.11 9.94 -7.01
CA LEU A 43 2.51 8.64 -7.29
C LEU A 43 3.53 7.83 -8.10
N VAL A 44 3.90 6.63 -7.64
CA VAL A 44 4.78 5.74 -8.37
C VAL A 44 4.24 4.32 -8.38
N ASN A 45 4.52 3.61 -9.46
CA ASN A 45 4.18 2.20 -9.60
C ASN A 45 5.31 1.44 -8.92
N ALA A 46 4.99 0.34 -8.22
CA ALA A 46 5.99 -0.46 -7.53
C ALA A 46 7.03 -1.04 -8.50
N GLY A 47 6.71 -1.16 -9.80
CA GLY A 47 7.62 -1.70 -10.81
C GLY A 47 8.61 -0.60 -11.21
N ASP A 48 8.22 0.67 -11.10
CA ASP A 48 9.06 1.82 -11.43
C ASP A 48 9.80 2.26 -10.17
N TYR A 49 9.42 1.75 -9.01
CA TYR A 49 10.03 2.17 -7.76
C TYR A 49 11.35 1.41 -7.52
N LYS A 50 12.42 2.20 -7.36
CA LYS A 50 13.73 1.62 -6.99
C LYS A 50 13.54 1.14 -5.55
N PHE A 51 13.14 2.13 -4.75
CA PHE A 51 12.72 1.98 -3.36
C PHE A 51 13.82 1.60 -2.37
N LYS A 52 15.07 1.51 -2.82
CA LYS A 52 16.20 1.29 -1.90
C LYS A 52 16.33 2.51 -0.94
N GLN A 53 15.63 3.60 -1.32
CA GLN A 53 15.58 4.86 -0.62
C GLN A 53 14.28 5.06 0.15
N ILE A 54 13.31 4.14 0.00
CA ILE A 54 11.96 4.25 0.58
C ILE A 54 12.00 4.78 2.04
N ALA A 55 13.12 4.58 2.73
CA ALA A 55 13.37 5.09 4.06
C ALA A 55 13.19 6.61 4.13
N SER A 56 13.39 7.28 2.99
CA SER A 56 13.31 8.74 2.92
C SER A 56 11.87 9.24 2.95
N GLU A 57 10.89 8.33 2.93
CA GLU A 57 9.49 8.66 2.92
C GLU A 57 9.00 8.88 4.36
N LYS A 58 8.19 9.92 4.55
CA LYS A 58 7.62 10.28 5.84
C LYS A 58 6.21 9.69 5.91
N LEU A 59 5.49 9.74 4.78
CA LEU A 59 4.12 9.31 4.67
C LEU A 59 4.09 8.50 3.38
N LEU A 60 3.79 7.23 3.55
CA LEU A 60 3.79 6.29 2.44
C LEU A 60 2.50 5.49 2.43
N ILE A 61 1.93 5.28 1.23
CA ILE A 61 0.76 4.44 1.07
C ILE A 61 0.97 3.31 0.06
N VAL A 62 0.50 2.12 0.40
CA VAL A 62 0.58 0.98 -0.51
C VAL A 62 -0.80 0.36 -0.74
N VAL A 63 -1.09 0.12 -2.01
CA VAL A 63 -2.30 -0.56 -2.43
C VAL A 63 -1.86 -1.79 -3.23
N THR A 64 -2.25 -2.99 -2.80
CA THR A 64 -1.76 -4.24 -3.38
C THR A 64 -2.87 -5.26 -3.55
N SER A 65 -2.83 -5.99 -4.66
CA SER A 65 -3.72 -7.11 -4.93
C SER A 65 -3.00 -8.40 -4.52
N THR A 66 -3.72 -9.53 -4.46
CA THR A 66 -3.16 -10.83 -4.12
C THR A 66 -3.31 -11.69 -5.38
N GLN A 67 -2.21 -12.35 -5.78
CA GLN A 67 -2.07 -13.13 -6.99
C GLN A 67 -1.94 -14.63 -6.75
N GLY A 68 -1.98 -15.37 -7.86
CA GLY A 68 -1.89 -16.82 -7.90
C GLY A 68 -1.08 -17.44 -6.76
N GLU A 69 -1.74 -18.31 -5.98
CA GLU A 69 -1.14 -18.99 -4.83
C GLU A 69 -0.77 -18.02 -3.70
N GLY A 70 -1.43 -16.86 -3.64
CA GLY A 70 -1.21 -15.86 -2.61
C GLY A 70 0.07 -15.03 -2.80
N GLU A 71 0.58 -15.02 -4.03
CA GLU A 71 1.81 -14.30 -4.33
C GLU A 71 1.51 -12.80 -4.48
N PRO A 72 2.48 -11.90 -4.20
CA PRO A 72 2.28 -10.47 -4.30
C PRO A 72 2.14 -10.00 -5.77
N PRO A 73 1.65 -8.77 -6.01
CA PRO A 73 1.56 -8.20 -7.34
C PRO A 73 2.95 -8.23 -7.95
N GLU A 74 2.99 -8.51 -9.25
CA GLU A 74 4.22 -8.59 -10.01
C GLU A 74 5.02 -7.32 -9.77
N GLU A 75 4.40 -6.15 -9.90
CA GLU A 75 5.06 -4.90 -9.66
C GLU A 75 5.77 -4.72 -8.31
N ALA A 76 5.28 -5.41 -7.27
CA ALA A 76 5.74 -5.23 -5.89
C ALA A 76 6.43 -6.46 -5.28
N VAL A 77 6.68 -7.48 -6.10
CA VAL A 77 7.29 -8.72 -5.67
C VAL A 77 8.67 -8.48 -5.07
N ALA A 78 9.49 -7.73 -5.81
CA ALA A 78 10.85 -7.41 -5.38
C ALA A 78 10.81 -6.62 -4.10
N LEU A 79 9.87 -5.68 -4.05
CA LEU A 79 9.62 -4.84 -2.90
C LEU A 79 9.22 -5.75 -1.75
N HIS A 80 8.30 -6.68 -1.96
CA HIS A 80 7.93 -7.57 -0.87
C HIS A 80 9.12 -8.44 -0.45
N LYS A 81 9.85 -9.04 -1.40
CA LYS A 81 11.00 -9.88 -1.12
C LYS A 81 12.05 -9.07 -0.38
N PHE A 82 12.29 -7.82 -0.82
CA PHE A 82 13.26 -6.93 -0.22
C PHE A 82 12.87 -6.70 1.23
N LEU A 83 11.61 -6.30 1.43
CA LEU A 83 11.11 -6.06 2.76
C LEU A 83 11.19 -7.32 3.62
N PHE A 84 11.14 -8.50 2.98
CA PHE A 84 11.24 -9.79 3.66
C PHE A 84 12.69 -10.24 3.82
N SER A 85 13.66 -9.49 3.27
CA SER A 85 15.05 -9.87 3.33
C SER A 85 15.70 -9.47 4.66
N LYS A 86 16.78 -10.14 5.02
CA LYS A 86 17.55 -9.80 6.23
C LYS A 86 18.27 -8.45 6.02
N LYS A 87 18.17 -7.89 4.81
CA LYS A 87 18.80 -6.61 4.47
C LYS A 87 17.76 -5.49 4.47
N ALA A 88 16.50 -5.79 4.78
CA ALA A 88 15.42 -4.83 4.80
C ALA A 88 15.67 -3.79 5.92
N PRO A 89 15.90 -2.51 5.59
CA PRO A 89 16.13 -1.48 6.58
C PRO A 89 15.00 -1.31 7.59
N LYS A 90 15.32 -0.77 8.76
CA LYS A 90 14.29 -0.48 9.76
C LYS A 90 13.60 0.83 9.34
N LEU A 91 12.30 0.92 9.56
CA LEU A 91 11.56 2.13 9.20
C LEU A 91 11.81 3.18 10.28
N GLU A 92 12.59 4.21 9.94
CA GLU A 92 12.95 5.27 10.87
C GLU A 92 11.75 6.17 11.20
N ASN A 93 11.24 6.90 10.20
CA ASN A 93 10.11 7.81 10.35
C ASN A 93 9.19 7.63 9.15
N THR A 94 8.81 6.38 8.88
CA THR A 94 7.92 6.04 7.79
C THR A 94 6.63 5.45 8.37
N ALA A 95 5.49 6.04 8.02
CA ALA A 95 4.20 5.49 8.45
C ALA A 95 3.48 4.96 7.24
N PHE A 96 2.59 3.98 7.46
CA PHE A 96 1.94 3.33 6.34
C PHE A 96 0.49 2.89 6.49
N ALA A 97 -0.15 2.61 5.36
CA ALA A 97 -1.51 2.09 5.30
C ALA A 97 -1.61 1.20 4.07
N VAL A 98 -2.24 0.03 4.28
CA VAL A 98 -2.40 -0.99 3.25
C VAL A 98 -3.87 -1.15 2.88
N PHE A 99 -4.18 -1.13 1.58
CA PHE A 99 -5.53 -1.38 1.06
C PHE A 99 -5.36 -2.61 0.18
N SER A 100 -6.14 -3.67 0.42
CA SER A 100 -5.96 -4.90 -0.36
C SER A 100 -7.17 -5.33 -1.18
N LEU A 101 -6.94 -5.72 -2.44
CA LEU A 101 -7.98 -6.20 -3.35
C LEU A 101 -7.94 -7.74 -3.38
N GLY A 102 -9.06 -8.43 -3.14
CA GLY A 102 -9.10 -9.88 -3.21
C GLY A 102 -10.49 -10.45 -3.53
N ASP A 103 -10.58 -11.77 -3.47
CA ASP A 103 -11.80 -12.53 -3.76
C ASP A 103 -12.02 -13.62 -2.71
N THR A 104 -13.08 -13.51 -1.93
CA THR A 104 -13.40 -14.44 -0.85
C THR A 104 -13.64 -15.87 -1.36
N SER A 105 -14.05 -16.07 -2.62
CA SER A 105 -14.25 -17.41 -3.17
C SER A 105 -12.95 -18.21 -3.15
N TYR A 106 -11.81 -17.53 -3.12
CA TYR A 106 -10.52 -18.17 -3.07
C TYR A 106 -10.29 -18.60 -1.60
N GLU A 107 -9.49 -19.65 -1.38
CA GLU A 107 -9.19 -20.15 -0.03
C GLU A 107 -8.56 -19.09 0.86
N PHE A 108 -7.67 -18.34 0.23
CA PHE A 108 -6.89 -17.32 0.91
C PHE A 108 -7.52 -15.93 0.90
N PHE A 109 -6.93 -15.10 0.05
CA PHE A 109 -7.33 -13.71 -0.14
C PHE A 109 -6.60 -12.64 0.65
N CYS A 110 -6.24 -11.59 -0.10
CA CYS A 110 -5.55 -10.41 0.41
C CYS A 110 -4.24 -10.75 1.15
N GLN A 111 -3.62 -11.90 0.87
CA GLN A 111 -2.37 -12.31 1.50
C GLN A 111 -1.26 -11.29 1.37
N SER A 112 -1.20 -10.64 0.21
CA SER A 112 -0.15 -9.67 -0.06
C SER A 112 -0.24 -8.52 0.92
N GLY A 113 -1.47 -8.13 1.20
CA GLY A 113 -1.77 -7.09 2.15
C GLY A 113 -1.38 -7.54 3.55
N LYS A 114 -1.84 -8.73 3.95
CA LYS A 114 -1.51 -9.28 5.26
C LYS A 114 0.01 -9.40 5.35
N ASP A 115 0.69 -9.80 4.27
CA ASP A 115 2.15 -9.92 4.23
C ASP A 115 2.81 -8.56 4.30
N PHE A 116 2.38 -7.60 3.46
CA PHE A 116 2.95 -6.27 3.51
C PHE A 116 2.66 -5.64 4.87
N ASP A 117 1.44 -5.82 5.37
CA ASP A 117 1.07 -5.27 6.66
C ASP A 117 1.90 -5.90 7.78
N SER A 118 2.21 -7.18 7.67
CA SER A 118 2.96 -7.87 8.70
C SER A 118 4.43 -7.52 8.68
N LYS A 119 5.11 -7.78 7.55
CA LYS A 119 6.52 -7.58 7.42
C LYS A 119 6.92 -6.13 7.71
N LEU A 120 6.16 -5.17 7.19
CA LEU A 120 6.40 -3.75 7.38
C LEU A 120 6.37 -3.41 8.85
N ALA A 121 5.35 -3.92 9.53
CA ALA A 121 5.16 -3.71 10.94
C ALA A 121 6.30 -4.44 11.68
N GLU A 122 6.66 -5.63 11.23
CA GLU A 122 7.76 -6.38 11.83
C GLU A 122 9.08 -5.59 11.69
N LEU A 123 9.26 -4.88 10.57
CA LEU A 123 10.46 -4.06 10.40
C LEU A 123 10.43 -2.83 11.31
N GLY A 124 9.25 -2.51 11.87
CA GLY A 124 9.07 -1.40 12.78
C GLY A 124 8.28 -0.24 12.20
N GLY A 125 7.66 -0.39 11.01
CA GLY A 125 6.89 0.69 10.40
C GLY A 125 5.70 1.02 11.29
N GLU A 126 5.18 2.26 11.22
CA GLU A 126 4.03 2.65 12.03
C GLU A 126 2.77 2.48 11.20
N ARG A 127 1.88 1.61 11.65
CA ARG A 127 0.63 1.35 10.95
C ARG A 127 -0.29 2.54 11.20
N LEU A 128 -0.48 3.32 10.15
CA LEU A 128 -1.28 4.52 10.13
C LEU A 128 -2.76 4.15 10.06
N LEU A 129 -3.08 3.09 9.31
CA LEU A 129 -4.44 2.59 9.09
C LEU A 129 -4.34 1.07 9.16
N ASP A 130 -5.32 0.40 9.76
CA ASP A 130 -5.37 -1.06 9.79
C ASP A 130 -5.47 -1.51 8.35
N ARG A 131 -4.82 -2.62 7.98
CA ARG A 131 -4.88 -3.12 6.63
C ARG A 131 -6.32 -3.52 6.30
N VAL A 132 -6.70 -3.34 5.04
CA VAL A 132 -8.03 -3.74 4.61
C VAL A 132 -7.91 -4.83 3.60
N ASP A 133 -8.75 -5.84 3.78
CA ASP A 133 -8.92 -6.96 2.90
C ASP A 133 -10.22 -6.56 2.20
N ALA A 134 -10.17 -6.45 0.88
CA ALA A 134 -11.34 -6.03 0.12
C ALA A 134 -11.75 -7.15 -0.80
N ASP A 135 -13.06 -7.36 -0.97
CA ASP A 135 -13.58 -8.39 -1.84
C ASP A 135 -13.69 -7.80 -3.25
N VAL A 136 -14.23 -8.60 -4.16
CA VAL A 136 -14.39 -8.19 -5.55
C VAL A 136 -15.16 -6.86 -5.69
N GLU A 137 -16.17 -6.63 -4.84
CA GLU A 137 -16.98 -5.43 -4.69
C GLU A 137 -16.15 -4.41 -3.88
N TYR A 138 -14.90 -4.26 -4.25
CA TYR A 138 -13.95 -3.45 -3.49
C TYR A 138 -14.21 -1.94 -3.54
N GLN A 139 -14.96 -1.49 -4.53
CA GLN A 139 -15.15 -0.07 -4.76
C GLN A 139 -15.64 0.68 -3.53
N ALA A 140 -16.37 0.21 -2.48
CA ALA A 140 -16.75 1.02 -1.34
C ALA A 140 -15.60 1.05 -0.34
N ALA A 141 -14.80 -0.02 -0.33
CA ALA A 141 -13.65 -0.17 0.54
C ALA A 141 -12.58 0.84 0.18
N ALA A 142 -12.22 0.93 -1.10
CA ALA A 142 -11.20 1.87 -1.53
C ALA A 142 -11.61 3.30 -1.18
N SER A 143 -12.87 3.63 -1.44
CA SER A 143 -13.40 4.96 -1.15
C SER A 143 -13.43 5.23 0.35
N GLU A 144 -14.02 4.37 1.19
CA GLU A 144 -14.07 4.61 2.64
C GLU A 144 -12.63 4.69 3.17
N TRP A 145 -11.78 3.79 2.72
CA TRP A 145 -10.39 3.78 3.13
C TRP A 145 -9.73 5.10 2.72
N ARG A 146 -9.97 5.55 1.49
CA ARG A 146 -9.40 6.79 1.02
C ARG A 146 -9.79 7.95 1.96
N ALA A 147 -11.07 8.02 2.34
CA ALA A 147 -11.57 9.05 3.25
C ALA A 147 -10.86 9.06 4.61
N ARG A 148 -10.34 7.92 5.07
CA ARG A 148 -9.71 7.81 6.39
C ARG A 148 -8.26 8.25 6.37
N VAL A 149 -7.51 7.86 5.34
CA VAL A 149 -6.11 8.24 5.31
C VAL A 149 -6.03 9.76 5.20
N VAL A 150 -6.90 10.39 4.39
CA VAL A 150 -6.92 11.83 4.22
C VAL A 150 -7.14 12.49 5.56
N ASP A 151 -8.22 12.12 6.27
CA ASP A 151 -8.51 12.66 7.58
C ASP A 151 -7.31 12.47 8.51
N ALA A 152 -6.65 11.32 8.40
CA ALA A 152 -5.48 11.03 9.21
C ALA A 152 -4.28 11.84 8.78
N LEU A 153 -4.04 11.99 7.48
CA LEU A 153 -2.89 12.73 6.97
C LEU A 153 -3.04 14.20 7.32
N LYS A 154 -4.26 14.73 7.23
CA LYS A 154 -4.52 16.13 7.60
C LYS A 154 -3.88 16.48 8.94
N SER A 155 -3.86 15.52 9.87
CA SER A 155 -3.23 15.69 11.17
C SER A 155 -1.77 16.12 11.03
N ARG A 156 -1.06 15.53 10.04
CA ARG A 156 0.34 15.79 9.77
C ARG A 156 1.11 15.39 11.04
N ALA A 157 1.04 14.08 11.29
CA ALA A 157 1.53 13.47 12.50
C ALA A 157 2.65 12.45 12.21
N1 FMN B . -8.02 -13.21 -5.83
C2 FMN B . -7.76 -13.63 -4.56
O2 FMN B . -8.49 -13.35 -3.61
N3 FMN B . -6.63 -14.37 -4.31
C4 FMN B . -5.75 -14.84 -5.25
O4 FMN B . -4.84 -15.59 -4.87
C4A FMN B . -6.00 -14.39 -6.60
N5 FMN B . -5.17 -14.77 -7.65
C5A FMN B . -5.41 -14.27 -8.89
C6 FMN B . -4.55 -14.74 -9.88
C7 FMN B . -4.63 -14.26 -11.19
C7M FMN B . -3.63 -14.77 -12.21
C8 FMN B . -5.61 -13.29 -11.51
C8M FMN B . -5.66 -12.65 -12.88
C9 FMN B . -6.55 -12.89 -10.53
C9A FMN B . -6.47 -13.36 -9.19
N10 FMN B . -7.38 -13.00 -8.20
C10 FMN B . -7.16 -13.51 -6.88
C1' FMN B . -8.60 -12.16 -8.41
C2' FMN B . -8.52 -10.70 -7.91
O2' FMN B . -8.08 -10.64 -6.57
C3' FMN B . -7.65 -9.76 -8.78
O3' FMN B . -8.01 -9.92 -10.14
C4' FMN B . -7.82 -8.28 -8.38
O4' FMN B . -7.55 -8.10 -7.01
C5' FMN B . -6.90 -7.38 -9.20
O5' FMN B . -6.75 -6.11 -8.59
P FMN B . -5.58 -5.09 -9.04
O1P FMN B . -4.38 -5.94 -9.04
O2P FMN B . -5.62 -4.03 -8.01
O3P FMN B . -6.01 -4.66 -10.39
HN3 FMN B . -6.49 -14.66 -3.37
H6 FMN B . -3.84 -15.51 -9.64
HM71 FMN B . -3.40 -15.82 -11.98
HM72 FMN B . -4.04 -14.72 -13.21
HM73 FMN B . -2.72 -14.18 -12.13
HM81 FMN B . -6.28 -11.76 -12.86
HM82 FMN B . -4.65 -12.37 -13.20
HM83 FMN B . -6.08 -13.36 -13.60
H9 FMN B . -7.32 -12.20 -10.83
H1'1 FMN B . -9.41 -12.65 -7.89
H1'2 FMN B . -8.92 -12.18 -9.45
H2' FMN B . -9.53 -10.31 -7.95
HO2' FMN B . -8.20 -11.52 -6.18
H3' FMN B . -6.60 -10.06 -8.66
HO3' FMN B . -7.36 -9.47 -10.68
H4' FMN B . -8.87 -7.99 -8.54
HO4' FMN B . -7.88 -8.88 -6.55
H5'1 FMN B . -7.29 -7.27 -10.20
H5'2 FMN B . -5.92 -7.87 -9.26
N ILE A 12 3.60 12.88 0.81
CA ILE A 12 2.91 11.61 0.93
C ILE A 12 3.29 10.75 -0.28
N THR A 13 3.65 9.48 -0.05
CA THR A 13 4.03 8.56 -1.09
C THR A 13 2.98 7.44 -1.14
N ILE A 14 2.30 7.30 -2.29
CA ILE A 14 1.31 6.26 -2.51
C ILE A 14 1.96 5.28 -3.50
N ILE A 15 2.06 4.00 -3.10
CA ILE A 15 2.61 2.97 -3.98
C ILE A 15 1.41 2.18 -4.48
N SER A 16 1.35 1.85 -5.77
CA SER A 16 0.26 1.11 -6.35
C SER A 16 0.82 -0.20 -6.89
N ALA A 17 0.20 -1.32 -6.50
CA ALA A 17 0.56 -2.61 -7.03
C ALA A 17 -0.72 -3.28 -7.53
N SER A 18 -0.85 -3.29 -8.84
CA SER A 18 -2.04 -3.80 -9.50
C SER A 18 -1.61 -4.76 -10.59
N GLN A 19 -2.30 -5.87 -10.69
CA GLN A 19 -2.07 -6.85 -11.72
C GLN A 19 -2.98 -6.43 -12.86
N THR A 20 -4.21 -6.01 -12.53
CA THR A 20 -5.08 -5.62 -13.63
C THR A 20 -5.17 -4.11 -13.86
N GLY A 21 -5.29 -3.23 -12.79
CA GLY A 21 -5.18 -1.76 -12.81
C GLY A 21 -6.15 -1.08 -11.82
N ASN A 22 -6.78 -1.85 -10.93
CA ASN A 22 -7.75 -1.31 -9.98
C ASN A 22 -7.09 -0.59 -8.80
N ALA A 23 -6.02 -1.09 -8.17
CA ALA A 23 -5.37 -0.34 -7.09
C ALA A 23 -4.86 0.98 -7.65
N ARG A 24 -4.44 0.97 -8.92
CA ARG A 24 -3.93 2.14 -9.60
C ARG A 24 -5.02 3.22 -9.67
N ARG A 25 -6.22 2.83 -10.08
CA ARG A 25 -7.35 3.72 -10.19
C ARG A 25 -7.71 4.27 -8.82
N VAL A 26 -7.67 3.44 -7.77
CA VAL A 26 -7.93 3.87 -6.41
C VAL A 26 -6.82 4.84 -6.01
N ALA A 27 -5.57 4.51 -6.35
CA ALA A 27 -4.43 5.35 -6.04
C ALA A 27 -4.56 6.72 -6.68
N GLU A 28 -5.00 6.73 -7.95
CA GLU A 28 -5.19 7.94 -8.73
C GLU A 28 -6.26 8.83 -8.09
N ALA A 29 -7.38 8.22 -7.66
CA ALA A 29 -8.47 8.94 -7.02
C ALA A 29 -8.00 9.53 -5.70
N LEU A 30 -7.19 8.75 -4.99
CA LEU A 30 -6.64 9.16 -3.70
C LEU A 30 -5.62 10.28 -3.90
N ARG A 31 -4.74 10.14 -4.90
CA ARG A 31 -3.80 11.22 -5.14
C ARG A 31 -4.60 12.43 -5.61
N ASP A 32 -5.64 12.18 -6.41
CA ASP A 32 -6.53 13.23 -6.88
C ASP A 32 -7.23 13.87 -5.70
N ASP A 33 -7.73 13.08 -4.75
CA ASP A 33 -8.38 13.62 -3.57
C ASP A 33 -7.37 14.48 -2.80
N LEU A 34 -6.12 14.04 -2.79
CA LEU A 34 -5.06 14.74 -2.08
C LEU A 34 -4.56 15.94 -2.91
N LEU A 35 -4.64 15.83 -4.24
CA LEU A 35 -4.35 16.96 -5.12
C LEU A 35 -5.49 17.95 -4.90
N ALA A 36 -6.73 17.47 -4.87
CA ALA A 36 -7.88 18.32 -4.60
C ALA A 36 -7.75 18.98 -3.22
N ALA A 37 -7.09 18.31 -2.27
CA ALA A 37 -6.84 18.87 -0.94
C ALA A 37 -5.63 19.83 -0.97
N LYS A 38 -5.09 20.10 -2.15
CA LYS A 38 -3.99 21.03 -2.37
C LYS A 38 -2.61 20.40 -2.17
N LEU A 39 -2.40 19.20 -2.73
CA LEU A 39 -1.10 18.56 -2.92
C LEU A 39 -0.12 18.19 -1.80
N ASN A 40 0.95 17.54 -2.28
CA ASN A 40 2.12 17.02 -1.56
C ASN A 40 2.08 15.48 -1.56
N VAL A 41 1.57 14.93 -2.66
CA VAL A 41 1.41 13.48 -2.84
C VAL A 41 2.17 12.98 -4.08
N LYS A 42 2.89 11.86 -3.90
CA LYS A 42 3.64 11.22 -4.97
C LYS A 42 3.07 9.80 -5.20
N LEU A 43 2.80 9.43 -6.45
CA LEU A 43 2.26 8.14 -6.84
C LEU A 43 3.23 7.35 -7.73
N VAL A 44 3.58 6.13 -7.32
CA VAL A 44 4.41 5.25 -8.13
C VAL A 44 3.89 3.81 -8.19
N ASN A 45 4.21 3.12 -9.29
CA ASN A 45 3.93 1.71 -9.48
C ASN A 45 5.08 0.95 -8.83
N ALA A 46 4.79 -0.16 -8.14
CA ALA A 46 5.81 -0.98 -7.52
C ALA A 46 6.86 -1.43 -8.55
N GLY A 47 6.51 -1.63 -9.83
CA GLY A 47 7.46 -2.06 -10.86
C GLY A 47 8.44 -0.96 -11.25
N ASP A 48 8.02 0.31 -11.13
CA ASP A 48 8.87 1.45 -11.47
C ASP A 48 9.61 1.88 -10.20
N TYR A 49 9.25 1.33 -9.06
CA TYR A 49 9.87 1.75 -7.82
C TYR A 49 11.20 1.00 -7.59
N LYS A 50 12.26 1.80 -7.45
CA LYS A 50 13.60 1.28 -7.14
C LYS A 50 13.48 0.80 -5.69
N PHE A 51 13.11 1.80 -4.87
CA PHE A 51 12.75 1.66 -3.47
C PHE A 51 13.88 1.30 -2.50
N LYS A 52 15.13 1.30 -2.95
CA LYS A 52 16.28 1.16 -2.04
C LYS A 52 16.30 2.35 -1.04
N GLN A 53 15.52 3.39 -1.38
CA GLN A 53 15.37 4.60 -0.60
C GLN A 53 14.08 4.62 0.20
N ILE A 54 13.26 3.56 0.17
CA ILE A 54 11.99 3.51 0.90
C ILE A 54 12.15 4.07 2.31
N ALA A 55 13.33 3.92 2.91
CA ALA A 55 13.71 4.46 4.21
C ALA A 55 13.49 5.97 4.34
N SER A 56 13.66 6.65 3.22
CA SER A 56 13.58 8.09 3.09
C SER A 56 12.16 8.63 3.22
N GLU A 57 11.18 7.72 3.27
CA GLU A 57 9.77 8.05 3.33
C GLU A 57 9.31 8.28 4.77
N LYS A 58 8.47 9.31 4.94
CA LYS A 58 7.89 9.69 6.24
C LYS A 58 6.45 9.16 6.32
N LEU A 59 5.72 9.22 5.21
CA LEU A 59 4.32 8.84 5.15
C LEU A 59 4.20 8.05 3.85
N LEU A 60 3.83 6.78 4.01
CA LEU A 60 3.81 5.83 2.90
C LEU A 60 2.47 5.11 2.76
N ILE A 61 1.84 5.13 1.58
CA ILE A 61 0.59 4.44 1.34
C ILE A 61 0.82 3.29 0.35
N VAL A 62 0.38 2.08 0.68
CA VAL A 62 0.53 0.95 -0.23
C VAL A 62 -0.84 0.41 -0.63
N VAL A 63 -1.06 0.25 -1.93
CA VAL A 63 -2.25 -0.39 -2.45
C VAL A 63 -1.77 -1.59 -3.28
N THR A 64 -2.10 -2.81 -2.85
CA THR A 64 -1.58 -4.04 -3.46
C THR A 64 -2.66 -5.09 -3.65
N SER A 65 -2.61 -5.79 -4.77
CA SER A 65 -3.50 -6.90 -5.08
C SER A 65 -2.81 -8.18 -4.63
N THR A 66 -3.55 -9.30 -4.59
CA THR A 66 -3.00 -10.60 -4.23
C THR A 66 -3.17 -11.48 -5.46
N GLN A 67 -2.14 -12.25 -5.78
CA GLN A 67 -2.06 -13.11 -6.95
C GLN A 67 -2.19 -14.60 -6.65
N GLY A 68 -2.31 -15.36 -7.72
CA GLY A 68 -2.46 -16.81 -7.67
C GLY A 68 -1.63 -17.45 -6.55
N GLU A 69 -2.26 -18.32 -5.78
CA GLU A 69 -1.67 -19.00 -4.63
C GLU A 69 -1.29 -18.02 -3.52
N GLY A 70 -1.96 -16.86 -3.46
CA GLY A 70 -1.74 -15.85 -2.45
C GLY A 70 -0.42 -15.08 -2.57
N GLU A 71 0.17 -15.11 -3.77
CA GLU A 71 1.48 -14.52 -4.00
C GLU A 71 1.41 -12.99 -4.21
N PRO A 72 2.45 -12.22 -3.82
CA PRO A 72 2.47 -10.77 -3.99
C PRO A 72 2.30 -10.34 -5.47
N PRO A 73 1.88 -9.09 -5.71
CA PRO A 73 1.78 -8.53 -7.07
C PRO A 73 3.14 -8.73 -7.72
N GLU A 74 3.14 -9.07 -9.03
CA GLU A 74 4.36 -9.31 -9.78
C GLU A 74 5.25 -8.07 -9.66
N GLU A 75 4.69 -6.89 -9.90
CA GLU A 75 5.45 -5.67 -9.83
C GLU A 75 6.04 -5.35 -8.46
N ALA A 76 5.52 -6.03 -7.43
CA ALA A 76 5.92 -5.84 -6.05
C ALA A 76 6.71 -7.03 -5.51
N VAL A 77 7.04 -8.02 -6.33
CA VAL A 77 7.77 -9.19 -5.84
C VAL A 77 9.14 -8.79 -5.33
N ALA A 78 9.87 -7.95 -6.08
CA ALA A 78 11.19 -7.50 -5.65
C ALA A 78 11.05 -6.72 -4.35
N LEU A 79 10.04 -5.86 -4.28
CA LEU A 79 9.69 -5.07 -3.12
C LEU A 79 9.31 -5.99 -1.96
N HIS A 80 8.35 -6.89 -2.15
CA HIS A 80 7.94 -7.74 -1.03
C HIS A 80 9.07 -8.66 -0.63
N LYS A 81 9.76 -9.25 -1.61
CA LYS A 81 10.88 -10.12 -1.40
C LYS A 81 11.93 -9.35 -0.63
N PHE A 82 12.18 -8.11 -1.07
CA PHE A 82 13.15 -7.22 -0.44
C PHE A 82 12.74 -7.04 1.02
N LEU A 83 11.47 -6.68 1.23
CA LEU A 83 10.96 -6.49 2.57
C LEU A 83 11.11 -7.76 3.41
N PHE A 84 11.09 -8.93 2.75
CA PHE A 84 11.23 -10.22 3.41
C PHE A 84 12.68 -10.73 3.37
N SER A 85 13.61 -9.97 2.78
CA SER A 85 15.00 -10.38 2.70
C SER A 85 15.80 -9.87 3.89
N LYS A 86 16.96 -10.50 4.14
CA LYS A 86 17.85 -10.12 5.22
C LYS A 86 18.41 -8.71 5.00
N LYS A 87 18.17 -8.11 3.83
CA LYS A 87 18.64 -6.78 3.49
C LYS A 87 17.56 -5.70 3.60
N ALA A 88 16.34 -6.08 4.01
CA ALA A 88 15.20 -5.17 4.17
C ALA A 88 15.54 -4.06 5.18
N PRO A 89 14.93 -2.85 5.06
CA PRO A 89 15.08 -1.65 5.88
C PRO A 89 16.02 -1.65 7.10
N LYS A 90 15.67 -0.75 8.05
CA LYS A 90 16.26 -0.39 9.32
C LYS A 90 15.51 0.94 9.54
N LEU A 91 14.23 0.92 9.97
CA LEU A 91 13.41 2.14 10.03
C LEU A 91 13.78 3.11 11.14
N GLU A 92 13.48 4.40 10.87
CA GLU A 92 13.69 5.51 11.79
C GLU A 92 12.29 6.05 12.16
N ASN A 93 11.60 6.64 11.18
CA ASN A 93 10.27 7.19 11.36
C ASN A 93 9.49 7.10 10.06
N THR A 94 9.32 5.87 9.59
CA THR A 94 8.58 5.58 8.37
C THR A 94 7.22 5.04 8.81
N ALA A 95 6.13 5.70 8.39
CA ALA A 95 4.79 5.24 8.74
C ALA A 95 4.09 4.70 7.52
N PHE A 96 3.21 3.73 7.71
CA PHE A 96 2.55 3.09 6.59
C PHE A 96 1.08 2.72 6.71
N ALA A 97 0.43 2.48 5.57
CA ALA A 97 -0.96 2.05 5.51
C ALA A 97 -1.14 1.21 4.25
N VAL A 98 -1.83 0.06 4.41
CA VAL A 98 -2.03 -0.89 3.32
C VAL A 98 -3.51 -1.07 2.94
N PHE A 99 -3.82 -1.08 1.63
CA PHE A 99 -5.16 -1.36 1.10
C PHE A 99 -4.97 -2.56 0.19
N SER A 100 -5.73 -3.62 0.39
CA SER A 100 -5.58 -4.81 -0.43
C SER A 100 -6.82 -5.20 -1.23
N LEU A 101 -6.60 -5.48 -2.51
CA LEU A 101 -7.65 -5.92 -3.43
C LEU A 101 -7.53 -7.44 -3.51
N GLY A 102 -8.61 -8.17 -3.24
CA GLY A 102 -8.57 -9.62 -3.34
C GLY A 102 -9.91 -10.18 -3.77
N ASP A 103 -9.91 -11.51 -3.90
CA ASP A 103 -11.10 -12.27 -4.26
C ASP A 103 -11.17 -13.46 -3.31
N THR A 104 -12.19 -13.43 -2.45
CA THR A 104 -12.42 -14.46 -1.44
C THR A 104 -12.41 -15.86 -2.03
N SER A 105 -12.71 -16.03 -3.32
CA SER A 105 -12.75 -17.33 -3.95
C SER A 105 -11.36 -17.98 -4.00
N TYR A 106 -10.31 -17.17 -4.06
CA TYR A 106 -8.92 -17.62 -4.10
C TYR A 106 -8.49 -17.60 -2.62
N GLU A 107 -9.13 -18.50 -1.86
CA GLU A 107 -9.18 -18.54 -0.39
C GLU A 107 -8.05 -17.84 0.42
N PHE A 108 -6.90 -17.62 -0.21
CA PHE A 108 -5.78 -16.88 0.40
C PHE A 108 -6.24 -15.44 0.19
N PHE A 109 -7.32 -15.07 0.87
CA PHE A 109 -7.93 -13.78 0.67
C PHE A 109 -7.05 -12.64 1.19
N CYS A 110 -6.71 -11.71 0.28
CA CYS A 110 -5.89 -10.52 0.57
C CYS A 110 -4.56 -10.84 1.27
N GLN A 111 -3.93 -11.97 0.95
CA GLN A 111 -2.68 -12.36 1.59
C GLN A 111 -1.54 -11.33 1.45
N SER A 112 -1.48 -10.64 0.31
CA SER A 112 -0.39 -9.68 0.09
C SER A 112 -0.47 -8.55 1.09
N GLY A 113 -1.70 -8.15 1.38
CA GLY A 113 -1.95 -7.13 2.36
C GLY A 113 -1.46 -7.60 3.72
N LYS A 114 -1.83 -8.83 4.09
CA LYS A 114 -1.40 -9.44 5.34
C LYS A 114 0.12 -9.47 5.38
N ASP A 115 0.78 -9.82 4.26
CA ASP A 115 2.23 -9.87 4.15
C ASP A 115 2.85 -8.49 4.24
N PHE A 116 2.38 -7.55 3.43
CA PHE A 116 2.90 -6.19 3.47
C PHE A 116 2.68 -5.60 4.88
N ASP A 117 1.48 -5.80 5.42
CA ASP A 117 1.14 -5.27 6.74
C ASP A 117 2.01 -5.86 7.85
N SER A 118 2.32 -7.16 7.76
CA SER A 118 3.06 -7.83 8.81
C SER A 118 4.54 -7.47 8.78
N LYS A 119 5.19 -7.72 7.64
CA LYS A 119 6.61 -7.48 7.47
C LYS A 119 6.96 -6.03 7.81
N LEU A 120 6.16 -5.07 7.35
CA LEU A 120 6.35 -3.66 7.64
C LEU A 120 6.43 -3.40 9.12
N ALA A 121 5.47 -3.95 9.84
CA ALA A 121 5.38 -3.79 11.28
C ALA A 121 6.56 -4.51 11.93
N GLU A 122 6.91 -5.70 11.41
CA GLU A 122 8.05 -6.45 11.93
C GLU A 122 9.35 -5.66 11.77
N LEU A 123 9.50 -4.96 10.63
CA LEU A 123 10.68 -4.13 10.40
C LEU A 123 10.72 -2.92 11.34
N GLY A 124 9.56 -2.58 11.93
CA GLY A 124 9.43 -1.47 12.85
C GLY A 124 8.67 -0.28 12.27
N GLY A 125 8.06 -0.40 11.08
CA GLY A 125 7.31 0.68 10.47
C GLY A 125 6.15 1.06 11.39
N GLU A 126 5.67 2.31 11.33
CA GLU A 126 4.55 2.76 12.13
C GLU A 126 3.26 2.61 11.34
N ARG A 127 2.37 1.74 11.80
CA ARG A 127 1.11 1.55 11.11
C ARG A 127 0.21 2.76 11.33
N LEU A 128 0.03 3.54 10.25
CA LEU A 128 -0.76 4.77 10.22
C LEU A 128 -2.24 4.40 10.24
N LEU A 129 -2.60 3.35 9.50
CA LEU A 129 -3.97 2.89 9.35
C LEU A 129 -3.92 1.36 9.26
N ASP A 130 -4.89 0.68 9.87
CA ASP A 130 -4.97 -0.78 9.87
C ASP A 130 -5.15 -1.22 8.43
N ARG A 131 -4.53 -2.34 8.06
CA ARG A 131 -4.62 -2.87 6.71
C ARG A 131 -6.08 -3.11 6.33
N VAL A 132 -6.45 -2.77 5.10
CA VAL A 132 -7.81 -2.97 4.61
C VAL A 132 -7.74 -4.02 3.53
N ASP A 133 -8.56 -5.06 3.69
CA ASP A 133 -8.73 -6.17 2.78
C ASP A 133 -10.03 -5.85 2.05
N ALA A 134 -9.99 -5.87 0.73
CA ALA A 134 -11.14 -5.54 -0.08
C ALA A 134 -11.43 -6.69 -1.02
N ASP A 135 -12.72 -6.99 -1.20
CA ASP A 135 -13.18 -8.06 -2.07
C ASP A 135 -13.28 -7.51 -3.48
N VAL A 136 -13.78 -8.33 -4.39
CA VAL A 136 -13.92 -7.96 -5.79
C VAL A 136 -14.75 -6.65 -5.94
N GLU A 137 -15.76 -6.46 -5.08
CA GLU A 137 -16.63 -5.29 -4.92
C GLU A 137 -15.86 -4.26 -4.07
N TYR A 138 -14.61 -4.04 -4.45
CA TYR A 138 -13.71 -3.20 -3.67
C TYR A 138 -14.02 -1.70 -3.66
N GLN A 139 -14.82 -1.25 -4.61
CA GLN A 139 -15.05 0.17 -4.80
C GLN A 139 -15.54 0.89 -3.56
N ALA A 140 -16.24 0.39 -2.50
CA ALA A 140 -16.63 1.18 -1.34
C ALA A 140 -15.49 1.21 -0.34
N ALA A 141 -14.68 0.14 -0.31
CA ALA A 141 -13.56 0.00 0.59
C ALA A 141 -12.46 0.99 0.25
N ALA A 142 -12.08 1.06 -1.02
CA ALA A 142 -11.06 1.99 -1.48
C ALA A 142 -11.46 3.41 -1.12
N SER A 143 -12.71 3.77 -1.38
CA SER A 143 -13.23 5.09 -1.14
C SER A 143 -13.29 5.37 0.35
N GLU A 144 -13.88 4.48 1.17
CA GLU A 144 -13.93 4.64 2.62
C GLU A 144 -12.49 4.74 3.13
N TRP A 145 -11.61 3.87 2.64
CA TRP A 145 -10.21 3.86 3.01
C TRP A 145 -9.56 5.17 2.58
N ARG A 146 -9.82 5.63 1.36
CA ARG A 146 -9.29 6.88 0.89
C ARG A 146 -9.69 8.03 1.83
N ALA A 147 -10.97 8.08 2.21
CA ALA A 147 -11.50 9.09 3.11
C ALA A 147 -10.81 9.09 4.47
N ARG A 148 -10.32 7.94 4.94
CA ARG A 148 -9.72 7.81 6.26
C ARG A 148 -8.26 8.24 6.25
N VAL A 149 -7.53 7.86 5.21
CA VAL A 149 -6.14 8.26 5.15
C VAL A 149 -6.12 9.77 5.15
N VAL A 150 -7.01 10.42 4.38
CA VAL A 150 -7.06 11.86 4.29
C VAL A 150 -7.19 12.46 5.67
N ASP A 151 -8.23 12.05 6.42
CA ASP A 151 -8.46 12.52 7.78
C ASP A 151 -7.23 12.28 8.64
N ALA A 152 -6.59 11.13 8.46
CA ALA A 152 -5.39 10.79 9.22
C ALA A 152 -4.21 11.65 8.81
N LEU A 153 -3.99 11.86 7.50
CA LEU A 153 -2.87 12.69 7.06
C LEU A 153 -3.00 14.10 7.62
N LYS A 154 -4.22 14.64 7.63
CA LYS A 154 -4.44 15.96 8.23
C LYS A 154 -4.12 15.91 9.73
N SER A 155 -4.27 14.73 10.34
CA SER A 155 -4.00 14.50 11.74
C SER A 155 -2.59 13.93 12.00
N ARG A 156 -1.81 13.66 10.94
CA ARG A 156 -0.46 13.10 11.06
C ARG A 156 0.59 14.10 10.53
N ALA A 157 0.15 15.30 10.16
CA ALA A 157 1.01 16.36 9.66
C ALA A 157 0.87 17.54 10.63
N1 FMN B . -7.10 -12.34 -4.63
C2 FMN B . -6.92 -12.87 -3.39
O2 FMN B . -7.39 -12.35 -2.40
N3 FMN B . -6.16 -14.02 -3.26
C4 FMN B . -5.61 -14.76 -4.29
O4 FMN B . -4.95 -15.76 -4.01
C4A FMN B . -5.86 -14.24 -5.63
N5 FMN B . -5.40 -14.90 -6.78
C5A FMN B . -5.62 -14.34 -8.00
C6 FMN B . -5.17 -15.07 -9.11
C7 FMN B . -5.35 -14.59 -10.41
C7M FMN B . -4.89 -15.41 -11.59
C8 FMN B . -5.95 -13.33 -10.60
C8M FMN B . -6.17 -12.79 -12.01
C9 FMN B . -6.37 -12.58 -9.49
C9A FMN B . -6.26 -13.08 -8.17
N10 FMN B . -6.71 -12.35 -7.07
C10 FMN B . -6.59 -12.95 -5.77
C1' FMN B . -6.99 -10.89 -7.17
C2' FMN B . -8.33 -10.53 -7.81
O2' FMN B . -9.29 -10.29 -6.79
C3' FMN B . -8.25 -9.26 -8.67
O3' FMN B . -9.59 -9.02 -9.04
C4' FMN B . -7.71 -8.01 -7.95
O4' FMN B . -6.42 -8.20 -7.42
C5' FMN B . -7.59 -6.83 -8.91
O5' FMN B . -6.83 -5.81 -8.30
P FMN B . -5.75 -4.95 -9.14
O1P FMN B . -6.54 -4.42 -10.27
O2P FMN B . -5.31 -3.93 -8.17
O3P FMN B . -4.74 -5.95 -9.53
HN3 FMN B . -6.05 -14.39 -2.33
H6 FMN B . -4.71 -16.03 -8.97
HM71 FMN B . -4.05 -14.92 -12.08
HM72 FMN B . -5.70 -15.52 -12.31
HM73 FMN B . -4.57 -16.40 -11.28
HM81 FMN B . -6.39 -11.73 -11.98
HM82 FMN B . -5.27 -12.94 -12.61
HM83 FMN B . -7.01 -13.31 -12.47
H9 FMN B . -6.81 -11.61 -9.68
H1'1 FMN B . -6.90 -10.41 -6.20
H1'2 FMN B . -6.18 -10.52 -7.79
H2' FMN B . -8.68 -11.37 -8.42
HO2' FMN B . -9.09 -10.88 -6.05
H3' FMN B . -7.64 -9.45 -9.55
HO3' FMN B . -10.10 -9.26 -8.27
H4' FMN B . -8.38 -7.78 -7.13
HO4' FMN B . -6.13 -7.37 -7.05
H5'1 FMN B . -7.11 -7.17 -9.84
H5'2 FMN B . -8.59 -6.44 -9.17
N ILE A 12 3.89 12.74 0.51
CA ILE A 12 3.28 11.43 0.69
C ILE A 12 3.57 10.58 -0.55
N THR A 13 3.99 9.32 -0.34
CA THR A 13 4.27 8.38 -1.42
C THR A 13 3.15 7.34 -1.48
N ILE A 14 2.47 7.21 -2.62
CA ILE A 14 1.46 6.18 -2.83
C ILE A 14 2.09 5.18 -3.80
N ILE A 15 2.18 3.91 -3.38
CA ILE A 15 2.74 2.83 -4.18
C ILE A 15 1.54 2.01 -4.64
N SER A 16 1.48 1.65 -5.92
CA SER A 16 0.40 0.88 -6.48
C SER A 16 0.97 -0.42 -7.03
N ALA A 17 0.41 -1.56 -6.61
CA ALA A 17 0.82 -2.85 -7.11
C ALA A 17 -0.45 -3.51 -7.62
N SER A 18 -0.58 -3.54 -8.93
CA SER A 18 -1.77 -4.05 -9.59
C SER A 18 -1.42 -5.00 -10.72
N GLN A 19 -2.18 -6.09 -10.83
CA GLN A 19 -2.03 -7.07 -11.88
C GLN A 19 -2.95 -6.57 -12.98
N THR A 20 -4.17 -6.16 -12.62
CA THR A 20 -5.05 -5.77 -13.70
C THR A 20 -5.10 -4.27 -13.95
N GLY A 21 -5.18 -3.40 -12.90
CA GLY A 21 -5.06 -1.94 -12.91
C GLY A 21 -6.02 -1.26 -11.92
N ASN A 22 -6.65 -2.03 -11.03
CA ASN A 22 -7.61 -1.50 -10.07
C ASN A 22 -6.95 -0.76 -8.92
N ALA A 23 -5.86 -1.26 -8.31
CA ALA A 23 -5.19 -0.50 -7.26
C ALA A 23 -4.64 0.81 -7.83
N ARG A 24 -4.25 0.78 -9.11
CA ARG A 24 -3.74 1.96 -9.78
C ARG A 24 -4.81 3.06 -9.81
N ARG A 25 -6.06 2.69 -10.15
CA ARG A 25 -7.15 3.66 -10.20
C ARG A 25 -7.50 4.28 -8.85
N VAL A 26 -7.58 3.50 -7.76
CA VAL A 26 -7.90 4.07 -6.45
C VAL A 26 -6.76 5.00 -6.04
N ALA A 27 -5.52 4.65 -6.38
CA ALA A 27 -4.38 5.49 -6.09
C ALA A 27 -4.55 6.88 -6.72
N GLU A 28 -5.08 6.91 -7.94
CA GLU A 28 -5.32 8.16 -8.65
C GLU A 28 -6.33 9.02 -7.90
N ALA A 29 -7.39 8.39 -7.39
CA ALA A 29 -8.44 9.08 -6.65
C ALA A 29 -7.86 9.64 -5.36
N LEU A 30 -7.01 8.85 -4.70
CA LEU A 30 -6.37 9.20 -3.46
C LEU A 30 -5.42 10.38 -3.68
N ARG A 31 -4.58 10.26 -4.70
CA ARG A 31 -3.65 11.35 -4.95
C ARG A 31 -4.47 12.60 -5.26
N ASP A 32 -5.57 12.41 -5.99
CA ASP A 32 -6.46 13.50 -6.34
C ASP A 32 -7.09 14.12 -5.10
N ASP A 33 -7.52 13.33 -4.12
CA ASP A 33 -8.11 13.87 -2.92
C ASP A 33 -7.07 14.69 -2.17
N LEU A 34 -5.81 14.22 -2.21
CA LEU A 34 -4.69 14.85 -1.53
C LEU A 34 -4.29 16.08 -2.32
N LEU A 35 -4.26 15.98 -3.66
CA LEU A 35 -3.99 17.14 -4.51
C LEU A 35 -5.11 18.14 -4.25
N ALA A 36 -6.37 17.67 -4.21
CA ALA A 36 -7.51 18.53 -3.92
C ALA A 36 -7.36 19.20 -2.55
N ALA A 37 -6.72 18.53 -1.60
CA ALA A 37 -6.47 19.07 -0.27
C ALA A 37 -5.20 19.93 -0.24
N LYS A 38 -4.56 20.09 -1.39
CA LYS A 38 -3.34 20.89 -1.53
C LYS A 38 -2.16 20.23 -0.80
N LEU A 39 -2.14 18.90 -0.82
CA LEU A 39 -1.12 18.11 -0.18
C LEU A 39 -0.17 17.59 -1.26
N ASN A 40 1.11 17.49 -0.91
CA ASN A 40 2.18 17.07 -1.80
C ASN A 40 2.20 15.54 -1.83
N VAL A 41 1.65 14.96 -2.89
CA VAL A 41 1.54 13.52 -3.02
C VAL A 41 2.26 12.98 -4.27
N LYS A 42 2.94 11.85 -4.07
CA LYS A 42 3.68 11.16 -5.12
C LYS A 42 3.01 9.80 -5.34
N LEU A 43 2.66 9.47 -6.60
CA LEU A 43 2.04 8.20 -6.97
C LEU A 43 3.01 7.43 -7.85
N VAL A 44 3.42 6.24 -7.42
CA VAL A 44 4.33 5.39 -8.19
C VAL A 44 3.79 3.96 -8.23
N ASN A 45 4.08 3.27 -9.34
CA ASN A 45 3.75 1.86 -9.49
C ASN A 45 4.89 1.05 -8.89
N ALA A 46 4.59 -0.06 -8.20
CA ALA A 46 5.61 -0.91 -7.61
C ALA A 46 6.67 -1.35 -8.63
N GLY A 47 6.31 -1.53 -9.92
CA GLY A 47 7.25 -1.95 -10.94
C GLY A 47 8.22 -0.84 -11.32
N ASP A 48 7.82 0.42 -11.11
CA ASP A 48 8.63 1.60 -11.42
C ASP A 48 9.39 2.02 -10.17
N TYR A 49 9.01 1.51 -8.99
CA TYR A 49 9.69 1.91 -7.77
C TYR A 49 11.02 1.15 -7.67
N LYS A 50 12.11 1.94 -7.64
CA LYS A 50 13.44 1.35 -7.43
C LYS A 50 13.38 0.89 -5.95
N PHE A 51 13.03 1.88 -5.13
CA PHE A 51 12.66 1.73 -3.73
C PHE A 51 13.83 1.49 -2.77
N LYS A 52 15.08 1.58 -3.24
CA LYS A 52 16.24 1.46 -2.35
C LYS A 52 16.34 2.70 -1.44
N GLN A 53 15.58 3.76 -1.80
CA GLN A 53 15.53 4.99 -1.02
C GLN A 53 14.19 5.16 -0.32
N ILE A 54 13.26 4.21 -0.47
CA ILE A 54 11.94 4.27 0.16
C ILE A 54 12.08 4.78 1.60
N ALA A 55 13.24 4.52 2.21
CA ALA A 55 13.67 4.98 3.52
C ALA A 55 13.84 6.49 3.58
N SER A 56 13.49 7.25 2.53
CA SER A 56 13.62 8.71 2.48
C SER A 56 12.21 9.35 2.59
N GLU A 57 11.19 8.48 2.62
CA GLU A 57 9.79 8.88 2.69
C GLU A 57 9.34 8.95 4.15
N LYS A 58 8.33 9.79 4.39
CA LYS A 58 7.74 9.98 5.72
C LYS A 58 6.32 9.42 5.80
N LEU A 59 5.58 9.40 4.69
CA LEU A 59 4.21 8.94 4.65
C LEU A 59 4.13 8.10 3.37
N LEU A 60 3.82 6.83 3.57
CA LEU A 60 3.83 5.85 2.50
C LEU A 60 2.49 5.13 2.37
N ILE A 61 1.84 5.15 1.20
CA ILE A 61 0.58 4.42 1.00
C ILE A 61 0.82 3.26 0.04
N VAL A 62 0.43 2.04 0.40
CA VAL A 62 0.57 0.90 -0.50
C VAL A 62 -0.79 0.34 -0.83
N VAL A 63 -1.05 0.12 -2.12
CA VAL A 63 -2.25 -0.52 -2.59
C VAL A 63 -1.78 -1.75 -3.37
N THR A 64 -2.11 -2.97 -2.89
CA THR A 64 -1.58 -4.22 -3.41
C THR A 64 -2.67 -5.28 -3.53
N SER A 65 -2.66 -6.02 -4.63
CA SER A 65 -3.57 -7.14 -4.87
C SER A 65 -2.85 -8.43 -4.46
N THR A 66 -3.60 -9.54 -4.37
CA THR A 66 -3.05 -10.84 -4.04
C THR A 66 -3.23 -11.70 -5.31
N GLN A 67 -2.18 -12.45 -5.67
CA GLN A 67 -2.07 -13.28 -6.85
C GLN A 67 -1.92 -14.78 -6.61
N GLY A 68 -2.05 -15.55 -7.69
CA GLY A 68 -1.91 -17.00 -7.66
C GLY A 68 -2.49 -17.61 -6.37
N GLU A 69 -1.77 -18.51 -5.69
CA GLU A 69 -2.15 -19.01 -4.37
C GLU A 69 -1.63 -18.07 -3.27
N GLY A 70 -2.24 -16.88 -3.17
CA GLY A 70 -1.88 -15.94 -2.10
C GLY A 70 -0.55 -15.20 -2.26
N GLU A 71 0.02 -15.26 -3.45
CA GLU A 71 1.33 -14.70 -3.75
C GLU A 71 1.26 -13.18 -3.96
N PRO A 72 2.36 -12.44 -3.73
CA PRO A 72 2.38 -10.99 -3.90
C PRO A 72 2.15 -10.60 -5.36
N PRO A 73 1.76 -9.33 -5.60
CA PRO A 73 1.58 -8.79 -6.95
C PRO A 73 2.97 -8.78 -7.56
N GLU A 74 3.04 -9.15 -8.85
CA GLU A 74 4.27 -9.30 -9.59
C GLU A 74 5.11 -8.04 -9.45
N GLU A 75 4.50 -6.87 -9.65
CA GLU A 75 5.18 -5.61 -9.57
C GLU A 75 5.94 -5.33 -8.26
N ALA A 76 5.53 -6.01 -7.17
CA ALA A 76 6.10 -5.80 -5.84
C ALA A 76 6.91 -6.99 -5.30
N VAL A 77 7.22 -7.98 -6.13
CA VAL A 77 7.95 -9.16 -5.73
C VAL A 77 9.33 -8.83 -5.16
N ALA A 78 10.12 -8.07 -5.91
CA ALA A 78 11.47 -7.71 -5.50
C ALA A 78 11.37 -6.92 -4.20
N LEU A 79 10.39 -6.03 -4.13
CA LEU A 79 10.06 -5.22 -2.98
C LEU A 79 9.70 -6.14 -1.82
N HIS A 80 8.77 -7.07 -2.01
CA HIS A 80 8.43 -7.94 -0.89
C HIS A 80 9.62 -8.81 -0.47
N LYS A 81 10.37 -9.36 -1.44
CA LYS A 81 11.56 -10.15 -1.16
C LYS A 81 12.62 -9.33 -0.46
N PHE A 82 12.83 -8.10 -0.93
CA PHE A 82 13.79 -7.16 -0.37
C PHE A 82 13.46 -6.94 1.09
N LEU A 83 12.19 -6.64 1.36
CA LEU A 83 11.71 -6.43 2.70
C LEU A 83 12.00 -7.67 3.57
N PHE A 84 12.16 -8.85 2.96
CA PHE A 84 12.49 -10.06 3.71
C PHE A 84 14.00 -10.35 3.77
N SER A 85 14.87 -9.53 3.16
CA SER A 85 16.31 -9.74 3.10
C SER A 85 17.08 -9.00 4.21
N LYS A 86 18.42 -8.87 4.08
CA LYS A 86 19.26 -8.18 5.07
C LYS A 86 19.08 -6.66 4.94
N LYS A 87 19.10 -6.20 3.69
CA LYS A 87 18.75 -4.82 3.36
C LYS A 87 17.28 -5.13 3.14
N ALA A 88 16.43 -4.53 4.03
CA ALA A 88 15.02 -4.64 4.29
C ALA A 88 14.89 -3.65 5.46
N PRO A 89 14.71 -2.36 5.21
CA PRO A 89 14.74 -1.36 6.27
C PRO A 89 13.61 -1.47 7.30
N LYS A 90 13.94 -1.04 8.51
CA LYS A 90 12.94 -1.02 9.59
C LYS A 90 11.95 0.13 9.39
N LEU A 91 12.43 1.10 8.66
CA LEU A 91 11.69 2.31 8.27
C LEU A 91 11.80 3.35 9.38
N GLU A 92 13.06 3.68 9.73
CA GLU A 92 13.40 4.61 10.79
C GLU A 92 12.54 5.87 10.81
N ASN A 93 12.08 6.32 9.64
CA ASN A 93 11.27 7.54 9.54
C ASN A 93 10.14 7.38 8.51
N THR A 94 9.56 6.18 8.40
CA THR A 94 8.46 5.95 7.46
C THR A 94 7.19 5.36 8.11
N ALA A 95 6.05 5.97 7.78
CA ALA A 95 4.75 5.50 8.27
C ALA A 95 3.99 4.92 7.10
N PHE A 96 3.10 3.95 7.35
CA PHE A 96 2.41 3.28 6.27
C PHE A 96 0.95 2.89 6.45
N ALA A 97 0.25 2.64 5.32
CA ALA A 97 -1.13 2.19 5.31
C ALA A 97 -1.32 1.33 4.06
N VAL A 98 -2.00 0.18 4.24
CA VAL A 98 -2.23 -0.78 3.15
C VAL A 98 -3.71 -0.92 2.79
N PHE A 99 -4.04 -0.92 1.49
CA PHE A 99 -5.39 -1.18 0.96
C PHE A 99 -5.21 -2.39 0.07
N SER A 100 -5.95 -3.45 0.32
CA SER A 100 -5.77 -4.68 -0.43
C SER A 100 -7.00 -5.07 -1.24
N LEU A 101 -6.79 -5.40 -2.52
CA LEU A 101 -7.86 -5.85 -3.41
C LEU A 101 -7.80 -7.37 -3.39
N GLY A 102 -8.86 -8.08 -3.01
CA GLY A 102 -8.85 -9.53 -2.98
C GLY A 102 -10.23 -10.12 -3.26
N ASP A 103 -10.27 -11.45 -3.23
CA ASP A 103 -11.48 -12.22 -3.50
C ASP A 103 -11.60 -13.34 -2.45
N THR A 104 -12.61 -13.25 -1.57
CA THR A 104 -12.79 -14.20 -0.47
C THR A 104 -12.97 -15.64 -0.94
N SER A 105 -13.40 -15.88 -2.18
CA SER A 105 -13.59 -17.22 -2.71
C SER A 105 -12.29 -18.04 -2.65
N TYR A 106 -11.14 -17.36 -2.53
CA TYR A 106 -9.84 -18.03 -2.48
C TYR A 106 -9.39 -18.22 -1.03
N GLU A 107 -8.54 -19.22 -0.80
CA GLU A 107 -8.07 -19.59 0.54
C GLU A 107 -7.27 -18.52 1.28
N PHE A 108 -6.33 -17.94 0.55
CA PHE A 108 -5.40 -16.96 1.07
C PHE A 108 -5.99 -15.58 0.84
N PHE A 109 -7.13 -15.30 1.49
CA PHE A 109 -7.82 -14.03 1.27
C PHE A 109 -6.96 -12.89 1.82
N CYS A 110 -6.57 -11.97 0.92
CA CYS A 110 -5.78 -10.80 1.23
C CYS A 110 -4.38 -11.15 1.73
N GLN A 111 -3.79 -12.26 1.28
CA GLN A 111 -2.46 -12.66 1.72
C GLN A 111 -1.38 -11.61 1.46
N SER A 112 -1.40 -10.94 0.31
CA SER A 112 -0.36 -9.94 0.00
C SER A 112 -0.41 -8.79 0.99
N GLY A 113 -1.63 -8.35 1.27
CA GLY A 113 -1.84 -7.28 2.21
C GLY A 113 -1.35 -7.70 3.58
N LYS A 114 -1.72 -8.92 4.00
CA LYS A 114 -1.28 -9.45 5.28
C LYS A 114 0.25 -9.48 5.31
N ASP A 115 0.91 -9.87 4.22
CA ASP A 115 2.37 -9.93 4.15
C ASP A 115 3.00 -8.55 4.26
N PHE A 116 2.51 -7.59 3.47
CA PHE A 116 3.02 -6.24 3.52
C PHE A 116 2.69 -5.61 4.87
N ASP A 117 1.44 -5.73 5.31
CA ASP A 117 1.00 -5.16 6.58
C ASP A 117 1.81 -5.72 7.74
N SER A 118 2.13 -7.01 7.67
CA SER A 118 2.87 -7.66 8.73
C SER A 118 4.33 -7.26 8.68
N LYS A 119 4.97 -7.54 7.53
CA LYS A 119 6.38 -7.29 7.33
C LYS A 119 6.73 -5.85 7.73
N LEU A 120 5.91 -4.90 7.29
CA LEU A 120 6.10 -3.49 7.57
C LEU A 120 6.15 -3.20 9.05
N ALA A 121 5.17 -3.73 9.77
CA ALA A 121 5.06 -3.55 11.20
C ALA A 121 6.21 -4.32 11.86
N GLU A 122 6.53 -5.52 11.36
CA GLU A 122 7.65 -6.29 11.89
C GLU A 122 8.95 -5.51 11.70
N LEU A 123 9.08 -4.81 10.57
CA LEU A 123 10.24 -3.97 10.30
C LEU A 123 10.30 -2.77 11.24
N GLY A 124 9.15 -2.37 11.76
CA GLY A 124 9.07 -1.22 12.67
C GLY A 124 8.37 -0.03 12.05
N GLY A 125 7.77 -0.16 10.85
CA GLY A 125 7.06 0.95 10.22
C GLY A 125 5.94 1.39 11.13
N GLU A 126 5.52 2.66 11.05
CA GLU A 126 4.42 3.18 11.85
C GLU A 126 3.14 3.02 11.05
N ARG A 127 2.24 2.17 11.53
CA ARG A 127 0.99 1.93 10.87
C ARG A 127 0.07 3.14 11.01
N LEU A 128 -0.23 3.81 9.89
CA LEU A 128 -1.09 4.95 9.82
C LEU A 128 -2.53 4.49 10.01
N LEU A 129 -2.89 3.40 9.33
CA LEU A 129 -4.23 2.89 9.32
C LEU A 129 -4.19 1.36 9.26
N ASP A 130 -5.18 0.71 9.86
CA ASP A 130 -5.27 -0.75 9.83
C ASP A 130 -5.38 -1.16 8.37
N ARG A 131 -4.73 -2.26 7.99
CA ARG A 131 -4.78 -2.76 6.63
C ARG A 131 -6.24 -3.08 6.29
N VAL A 132 -6.64 -2.77 5.06
CA VAL A 132 -7.98 -3.01 4.59
C VAL A 132 -7.90 -4.10 3.55
N ASP A 133 -8.71 -5.14 3.75
CA ASP A 133 -8.83 -6.29 2.88
C ASP A 133 -10.17 -6.11 2.18
N ALA A 134 -10.12 -5.67 0.93
CA ALA A 134 -11.32 -5.42 0.16
C ALA A 134 -11.65 -6.62 -0.70
N ASP A 135 -12.94 -6.94 -0.78
CA ASP A 135 -13.43 -8.05 -1.58
C ASP A 135 -13.61 -7.54 -3.01
N VAL A 136 -14.16 -8.40 -3.87
CA VAL A 136 -14.38 -8.09 -5.27
C VAL A 136 -15.19 -6.78 -5.44
N GLU A 137 -16.20 -6.56 -4.60
CA GLU A 137 -17.05 -5.37 -4.47
C GLU A 137 -16.24 -4.32 -3.69
N TYR A 138 -15.00 -4.12 -4.12
CA TYR A 138 -14.07 -3.27 -3.40
C TYR A 138 -14.40 -1.77 -3.39
N GLN A 139 -15.24 -1.34 -4.33
CA GLN A 139 -15.54 0.07 -4.51
C GLN A 139 -15.93 0.80 -3.22
N ALA A 140 -16.63 0.33 -2.17
CA ALA A 140 -16.96 1.14 -1.00
C ALA A 140 -15.76 1.18 -0.06
N ALA A 141 -14.96 0.12 -0.08
CA ALA A 141 -13.76 0.00 0.74
C ALA A 141 -12.73 1.01 0.32
N ALA A 142 -12.42 1.09 -0.98
CA ALA A 142 -11.44 2.05 -1.47
C ALA A 142 -11.85 3.47 -1.08
N SER A 143 -13.12 3.79 -1.27
CA SER A 143 -13.68 5.08 -0.95
C SER A 143 -13.61 5.34 0.56
N GLU A 144 -14.16 4.45 1.41
CA GLU A 144 -14.12 4.64 2.87
C GLU A 144 -12.66 4.75 3.31
N TRP A 145 -11.81 3.86 2.79
CA TRP A 145 -10.39 3.86 3.10
C TRP A 145 -9.78 5.18 2.65
N ARG A 146 -10.08 5.61 1.42
CA ARG A 146 -9.55 6.85 0.90
C ARG A 146 -9.95 8.01 1.81
N ALA A 147 -11.24 8.11 2.16
CA ALA A 147 -11.75 9.14 3.04
C ALA A 147 -11.04 9.18 4.40
N ARG A 148 -10.49 8.06 4.86
CA ARG A 148 -9.83 7.96 6.16
C ARG A 148 -8.39 8.41 6.08
N VAL A 149 -7.67 8.03 5.01
CA VAL A 149 -6.29 8.49 4.93
C VAL A 149 -6.34 10.01 4.84
N VAL A 150 -7.30 10.59 4.11
CA VAL A 150 -7.43 12.02 4.01
C VAL A 150 -7.49 12.61 5.42
N ASP A 151 -8.49 12.18 6.22
CA ASP A 151 -8.69 12.59 7.60
C ASP A 151 -7.49 12.28 8.50
N ALA A 152 -6.92 11.07 8.41
CA ALA A 152 -5.82 10.66 9.28
C ALA A 152 -4.53 11.40 8.98
N LEU A 153 -4.18 11.49 7.71
CA LEU A 153 -2.95 12.11 7.27
C LEU A 153 -2.96 13.59 7.70
N LYS A 154 -4.13 14.21 7.63
CA LYS A 154 -4.26 15.59 8.09
C LYS A 154 -3.94 15.65 9.59
N SER A 155 -4.28 14.59 10.33
CA SER A 155 -4.04 14.47 11.75
C SER A 155 -2.77 13.69 12.11
N ARG A 156 -2.02 13.16 11.12
CA ARG A 156 -0.79 12.39 11.39
C ARG A 156 0.43 13.03 10.72
N ALA A 157 0.30 14.27 10.25
CA ALA A 157 1.38 15.03 9.62
C ALA A 157 1.54 16.33 10.39
N1 FMN B . -7.47 -12.38 -3.79
C2 FMN B . -7.22 -12.84 -2.55
O2 FMN B . -7.70 -12.26 -1.58
N3 FMN B . -6.42 -13.94 -2.36
C4 FMN B . -5.79 -14.68 -3.34
O4 FMN B . -5.11 -15.65 -3.02
C4A FMN B . -6.01 -14.18 -4.68
N5 FMN B . -5.46 -14.82 -5.80
C5A FMN B . -5.75 -14.34 -7.04
C6 FMN B . -5.20 -15.05 -8.13
C7 FMN B . -5.40 -14.58 -9.44
C7M FMN B . -4.63 -15.23 -10.57
C8 FMN B . -6.24 -13.47 -9.65
C8M FMN B . -6.66 -12.96 -11.01
C9 FMN B . -6.77 -12.77 -8.57
C9A FMN B . -6.56 -13.19 -7.26
N10 FMN B . -7.14 -12.51 -6.21
C10 FMN B . -6.89 -12.99 -4.90
C1' FMN B . -8.08 -11.38 -6.42
C2' FMN B . -7.42 -10.00 -6.64
O2' FMN B . -6.23 -10.12 -7.39
C3' FMN B . -8.47 -9.03 -7.23
O3' FMN B . -9.01 -8.22 -6.22
C4' FMN B . -8.01 -8.08 -8.35
O4' FMN B . -9.11 -7.21 -8.58
C5' FMN B . -6.80 -7.18 -8.05
O5' FMN B . -6.67 -6.20 -9.08
P FMN B . -5.44 -5.16 -9.10
O1P FMN B . -5.64 -4.33 -7.89
O2P FMN B . -5.64 -4.46 -10.38
O3P FMN B . -4.27 -6.06 -9.08
HN3 FMN B . -6.23 -14.22 -1.41
H6 FMN B . -4.62 -15.93 -7.94
HM71 FMN B . -3.86 -14.53 -10.93
HM72 FMN B . -5.29 -15.51 -11.39
HM73 FMN B . -4.12 -16.13 -10.22
HM81 FMN B . -7.60 -12.41 -10.89
HM82 FMN B . -6.81 -13.79 -11.70
HM83 FMN B . -5.89 -12.27 -11.35
H9 FMN B . -7.33 -11.87 -8.80
H1'1 FMN B . -8.73 -11.64 -7.27
H1'2 FMN B . -8.77 -11.31 -5.60
H2' FMN B . -7.12 -9.64 -5.67
HO2' FMN B . -5.58 -10.62 -6.86
H3' FMN B . -9.29 -9.62 -7.63
HO3' FMN B . -9.52 -7.55 -6.70
H4' FMN B . -7.81 -8.66 -9.26
HO4' FMN B . -8.80 -6.51 -9.16
H5'1 FMN B . -5.89 -7.78 -8.01
H5'2 FMN B . -6.94 -6.67 -7.09
N ILE A 12 4.16 12.80 0.52
CA ILE A 12 3.44 11.55 0.71
C ILE A 12 3.75 10.66 -0.51
N THR A 13 3.78 9.35 -0.26
CA THR A 13 4.09 8.35 -1.27
C THR A 13 2.97 7.30 -1.34
N ILE A 14 2.29 7.21 -2.50
CA ILE A 14 1.24 6.21 -2.73
C ILE A 14 1.88 5.22 -3.71
N ILE A 15 1.96 3.94 -3.31
CA ILE A 15 2.52 2.88 -4.15
C ILE A 15 1.33 2.03 -4.58
N SER A 16 1.25 1.67 -5.87
CA SER A 16 0.16 0.87 -6.39
C SER A 16 0.70 -0.41 -7.00
N ALA A 17 0.11 -1.55 -6.62
CA ALA A 17 0.49 -2.82 -7.20
C ALA A 17 -0.80 -3.47 -7.70
N SER A 18 -0.96 -3.46 -9.02
CA SER A 18 -2.16 -3.96 -9.68
C SER A 18 -1.82 -4.90 -10.81
N GLN A 19 -2.57 -5.99 -10.94
CA GLN A 19 -2.38 -6.93 -12.02
C GLN A 19 -3.26 -6.41 -13.16
N THR A 20 -4.47 -5.95 -12.81
CA THR A 20 -5.30 -5.50 -13.90
C THR A 20 -5.33 -3.99 -14.11
N GLY A 21 -5.40 -3.16 -13.01
CA GLY A 21 -5.23 -1.71 -12.95
C GLY A 21 -6.19 -1.07 -11.92
N ASN A 22 -6.79 -1.87 -11.03
CA ASN A 22 -7.76 -1.38 -10.06
C ASN A 22 -7.11 -0.68 -8.85
N ALA A 23 -6.04 -1.20 -8.24
CA ALA A 23 -5.38 -0.48 -7.15
C ALA A 23 -4.82 0.85 -7.69
N ARG A 24 -4.43 0.86 -8.96
CA ARG A 24 -3.92 2.05 -9.62
C ARG A 24 -5.01 3.12 -9.66
N ARG A 25 -6.24 2.72 -10.03
CA ARG A 25 -7.40 3.59 -10.08
C ARG A 25 -7.66 4.17 -8.70
N VAL A 26 -7.60 3.35 -7.65
CA VAL A 26 -7.82 3.81 -6.29
C VAL A 26 -6.70 4.77 -5.91
N ALA A 27 -5.47 4.44 -6.29
CA ALA A 27 -4.32 5.26 -6.00
C ALA A 27 -4.46 6.65 -6.62
N GLU A 28 -4.94 6.67 -7.88
CA GLU A 28 -5.16 7.90 -8.62
C GLU A 28 -6.20 8.77 -7.92
N ALA A 29 -7.25 8.14 -7.39
CA ALA A 29 -8.27 8.85 -6.64
C ALA A 29 -7.67 9.40 -5.35
N LEU A 30 -6.81 8.59 -4.72
CA LEU A 30 -6.16 8.92 -3.46
C LEU A 30 -5.17 10.06 -3.65
N ARG A 31 -4.30 9.94 -4.66
CA ARG A 31 -3.32 10.99 -4.89
C ARG A 31 -4.00 12.28 -5.30
N ASP A 32 -5.21 12.19 -5.86
CA ASP A 32 -5.96 13.37 -6.25
C ASP A 32 -6.60 14.01 -5.04
N ASP A 33 -7.05 13.21 -4.07
CA ASP A 33 -7.68 13.78 -2.88
C ASP A 33 -6.66 14.60 -2.09
N LEU A 34 -5.39 14.13 -2.09
CA LEU A 34 -4.31 14.77 -1.36
C LEU A 34 -3.81 15.98 -2.13
N LEU A 35 -3.73 15.87 -3.46
CA LEU A 35 -3.41 17.02 -4.30
C LEU A 35 -4.55 18.02 -4.10
N ALA A 36 -5.81 17.54 -4.08
CA ALA A 36 -6.95 18.41 -3.83
C ALA A 36 -6.84 19.06 -2.44
N ALA A 37 -6.18 18.39 -1.49
CA ALA A 37 -5.96 18.92 -0.14
C ALA A 37 -4.69 19.78 -0.07
N LYS A 38 -4.04 19.96 -1.22
CA LYS A 38 -2.83 20.78 -1.36
C LYS A 38 -1.62 20.14 -0.67
N LEU A 39 -1.55 18.81 -0.74
CA LEU A 39 -0.48 18.05 -0.13
C LEU A 39 0.47 17.54 -1.22
N ASN A 40 1.75 17.39 -0.88
CA ASN A 40 2.76 16.90 -1.80
C ASN A 40 2.69 15.38 -1.77
N VAL A 41 2.06 14.81 -2.80
CA VAL A 41 1.88 13.37 -2.92
C VAL A 41 2.59 12.87 -4.17
N LYS A 42 3.29 11.75 -3.99
CA LYS A 42 4.05 11.10 -5.05
C LYS A 42 3.37 9.76 -5.34
N LEU A 43 2.99 9.49 -6.60
CA LEU A 43 2.33 8.27 -7.00
C LEU A 43 3.31 7.49 -7.87
N VAL A 44 3.71 6.29 -7.46
CA VAL A 44 4.59 5.43 -8.24
C VAL A 44 4.09 4.00 -8.23
N ASN A 45 4.34 3.30 -9.34
CA ASN A 45 4.03 1.87 -9.43
C ASN A 45 5.21 1.13 -8.80
N ALA A 46 4.96 0.03 -8.10
CA ALA A 46 6.03 -0.75 -7.47
C ALA A 46 7.12 -1.12 -8.48
N GLY A 47 6.79 -1.28 -9.76
CA GLY A 47 7.73 -1.64 -10.81
C GLY A 47 8.66 -0.50 -11.19
N ASP A 48 8.24 0.75 -10.98
CA ASP A 48 9.01 1.96 -11.29
C ASP A 48 9.76 2.39 -10.02
N TYR A 49 9.38 1.85 -8.87
CA TYR A 49 10.00 2.25 -7.63
C TYR A 49 11.34 1.51 -7.45
N LYS A 50 12.40 2.30 -7.36
CA LYS A 50 13.73 1.75 -7.06
C LYS A 50 13.59 1.21 -5.63
N PHE A 51 13.18 2.16 -4.79
CA PHE A 51 12.79 1.93 -3.40
C PHE A 51 13.95 1.66 -2.44
N LYS A 52 15.19 1.67 -2.93
CA LYS A 52 16.36 1.52 -2.04
C LYS A 52 16.43 2.73 -1.09
N GLN A 53 15.66 3.78 -1.41
CA GLN A 53 15.57 4.99 -0.60
C GLN A 53 14.23 5.13 0.11
N ILE A 54 13.31 4.16 -0.04
CA ILE A 54 11.99 4.21 0.59
C ILE A 54 12.06 4.70 2.05
N ALA A 55 13.20 4.44 2.71
CA ALA A 55 13.50 4.88 4.07
C ALA A 55 13.37 6.41 4.23
N SER A 56 13.56 7.10 3.11
CA SER A 56 13.56 8.54 3.01
C SER A 56 12.14 9.12 3.04
N GLU A 57 11.13 8.24 3.03
CA GLU A 57 9.72 8.63 3.05
C GLU A 57 9.22 8.81 4.48
N LYS A 58 8.24 9.70 4.65
CA LYS A 58 7.60 9.95 5.95
C LYS A 58 6.19 9.38 5.99
N LEU A 59 5.49 9.37 4.85
CA LEU A 59 4.09 8.94 4.75
C LEU A 59 4.03 8.09 3.48
N LEU A 60 3.70 6.82 3.67
CA LEU A 60 3.72 5.82 2.61
C LEU A 60 2.39 5.06 2.51
N ILE A 61 1.73 5.03 1.34
CA ILE A 61 0.48 4.29 1.16
C ILE A 61 0.67 3.14 0.17
N VAL A 62 0.22 1.94 0.52
CA VAL A 62 0.32 0.77 -0.36
C VAL A 62 -1.07 0.25 -0.73
N VAL A 63 -1.35 0.12 -2.03
CA VAL A 63 -2.57 -0.48 -2.53
C VAL A 63 -2.09 -1.68 -3.36
N THR A 64 -2.40 -2.90 -2.91
CA THR A 64 -1.86 -4.13 -3.50
C THR A 64 -2.95 -5.19 -3.63
N SER A 65 -2.93 -5.90 -4.76
CA SER A 65 -3.81 -7.03 -5.01
C SER A 65 -3.06 -8.32 -4.68
N THR A 66 -3.77 -9.45 -4.64
CA THR A 66 -3.20 -10.75 -4.34
C THR A 66 -3.31 -11.59 -5.61
N GLN A 67 -2.26 -12.31 -6.00
CA GLN A 67 -2.18 -13.10 -7.21
C GLN A 67 -2.04 -14.62 -7.02
N GLY A 68 -2.25 -15.33 -8.12
CA GLY A 68 -2.17 -16.80 -8.16
C GLY A 68 -2.73 -17.43 -6.87
N GLU A 69 -2.01 -18.34 -6.22
CA GLU A 69 -2.36 -18.87 -4.91
C GLU A 69 -1.85 -17.96 -3.79
N GLY A 70 -2.46 -16.78 -3.64
CA GLY A 70 -2.13 -15.88 -2.55
C GLY A 70 -0.78 -15.14 -2.65
N GLU A 71 -0.19 -15.16 -3.84
CA GLU A 71 1.15 -14.64 -4.09
C GLU A 71 1.16 -13.11 -4.24
N PRO A 72 2.29 -12.45 -3.91
CA PRO A 72 2.40 -11.00 -4.01
C PRO A 72 2.27 -10.55 -5.47
N PRO A 73 1.81 -9.32 -5.70
CA PRO A 73 1.65 -8.77 -7.04
C PRO A 73 3.05 -8.61 -7.65
N GLU A 74 3.15 -8.94 -8.94
CA GLU A 74 4.40 -9.01 -9.68
C GLU A 74 5.26 -7.77 -9.53
N GLU A 75 4.70 -6.58 -9.73
CA GLU A 75 5.49 -5.38 -9.67
C GLU A 75 6.14 -5.09 -8.32
N ALA A 76 5.67 -5.78 -7.27
CA ALA A 76 6.14 -5.60 -5.90
C ALA A 76 6.97 -6.78 -5.41
N VAL A 77 7.27 -7.77 -6.27
CA VAL A 77 8.02 -8.96 -5.87
C VAL A 77 9.42 -8.58 -5.37
N ALA A 78 10.16 -7.76 -6.13
CA ALA A 78 11.51 -7.37 -5.76
C ALA A 78 11.47 -6.61 -4.44
N LEU A 79 10.49 -5.71 -4.31
CA LEU A 79 10.28 -4.95 -3.09
C LEU A 79 9.98 -5.91 -1.95
N HIS A 80 9.06 -6.85 -2.15
CA HIS A 80 8.73 -7.76 -1.06
C HIS A 80 9.92 -8.65 -0.72
N LYS A 81 10.65 -9.17 -1.73
CA LYS A 81 11.83 -9.99 -1.52
C LYS A 81 12.95 -9.18 -0.86
N PHE A 82 13.17 -7.94 -1.34
CA PHE A 82 14.23 -7.08 -0.83
C PHE A 82 13.99 -6.87 0.67
N LEU A 83 12.73 -6.57 0.96
CA LEU A 83 12.30 -6.34 2.33
C LEU A 83 12.55 -7.57 3.22
N PHE A 84 12.83 -8.74 2.64
CA PHE A 84 13.14 -9.92 3.39
C PHE A 84 14.57 -9.93 4.03
N SER A 85 14.50 -10.78 5.06
CA SER A 85 15.65 -11.08 5.93
C SER A 85 16.24 -9.89 6.77
N LYS A 86 17.58 -9.91 7.00
CA LYS A 86 18.32 -9.00 7.90
C LYS A 86 18.58 -7.51 7.55
N LYS A 87 18.97 -7.16 6.32
CA LYS A 87 19.16 -5.76 5.90
C LYS A 87 17.90 -5.68 5.06
N ALA A 88 16.85 -4.93 5.40
CA ALA A 88 15.60 -4.79 4.65
C ALA A 88 15.04 -3.51 5.31
N PRO A 89 14.99 -2.36 4.63
CA PRO A 89 14.67 -1.11 5.23
C PRO A 89 13.63 -1.09 6.34
N LYS A 90 14.07 -0.63 7.50
CA LYS A 90 13.22 -0.48 8.66
C LYS A 90 12.46 0.82 8.43
N LEU A 91 11.18 0.84 8.81
CA LEU A 91 10.35 2.02 8.66
C LEU A 91 10.26 2.71 10.02
N GLU A 92 11.33 2.57 10.83
CA GLU A 92 11.41 3.10 12.18
C GLU A 92 10.96 4.56 12.27
N ASN A 93 11.09 5.30 11.17
CA ASN A 93 10.68 6.69 11.08
C ASN A 93 10.01 6.90 9.71
N THR A 94 9.13 5.98 9.30
CA THR A 94 8.35 6.05 8.09
C THR A 94 6.97 5.55 8.55
N ALA A 95 5.87 6.17 8.16
CA ALA A 95 4.55 5.66 8.54
C ALA A 95 3.89 5.07 7.32
N PHE A 96 3.05 4.05 7.55
CA PHE A 96 2.41 3.37 6.46
C PHE A 96 0.97 2.95 6.67
N ALA A 97 0.27 2.70 5.58
CA ALA A 97 -1.09 2.19 5.57
C ALA A 97 -1.22 1.32 4.32
N VAL A 98 -1.83 0.15 4.50
CA VAL A 98 -2.01 -0.79 3.41
C VAL A 98 -3.49 -1.12 3.22
N PHE A 99 -3.91 -1.16 1.95
CA PHE A 99 -5.27 -1.46 1.54
C PHE A 99 -5.15 -2.61 0.58
N SER A 100 -5.92 -3.68 0.79
CA SER A 100 -5.78 -4.87 -0.05
C SER A 100 -7.04 -5.22 -0.83
N LEU A 101 -6.87 -5.50 -2.12
CA LEU A 101 -7.96 -5.88 -3.01
C LEU A 101 -7.88 -7.38 -3.25
N GLY A 102 -8.98 -8.10 -3.04
CA GLY A 102 -8.99 -9.53 -3.27
C GLY A 102 -10.35 -10.07 -3.73
N ASP A 103 -10.36 -11.38 -3.92
CA ASP A 103 -11.53 -12.11 -4.37
C ASP A 103 -11.71 -13.31 -3.44
N THR A 104 -12.77 -13.27 -2.63
CA THR A 104 -13.07 -14.32 -1.68
C THR A 104 -13.10 -15.70 -2.32
N SER A 105 -13.43 -15.81 -3.61
CA SER A 105 -13.46 -17.11 -4.29
C SER A 105 -12.09 -17.77 -4.28
N TYR A 106 -11.01 -16.98 -4.30
CA TYR A 106 -9.64 -17.48 -4.29
C TYR A 106 -9.32 -17.76 -2.83
N GLU A 107 -8.49 -18.77 -2.53
CA GLU A 107 -8.46 -19.12 -1.11
C GLU A 107 -7.81 -18.11 -0.15
N PHE A 108 -6.51 -18.20 0.07
CA PHE A 108 -5.68 -17.11 0.56
C PHE A 108 -6.29 -15.73 0.32
N PHE A 109 -7.38 -15.40 1.01
CA PHE A 109 -8.03 -14.12 0.80
C PHE A 109 -7.14 -12.97 1.30
N CYS A 110 -6.79 -12.06 0.38
CA CYS A 110 -5.97 -10.86 0.63
C CYS A 110 -4.61 -11.14 1.28
N GLN A 111 -3.95 -12.24 0.93
CA GLN A 111 -2.66 -12.60 1.53
C GLN A 111 -1.52 -11.60 1.32
N SER A 112 -1.47 -10.95 0.15
CA SER A 112 -0.37 -10.02 -0.15
C SER A 112 -0.39 -8.86 0.83
N GLY A 113 -1.61 -8.43 1.15
CA GLY A 113 -1.80 -7.36 2.10
C GLY A 113 -1.28 -7.79 3.46
N LYS A 114 -1.65 -9.01 3.88
CA LYS A 114 -1.18 -9.56 5.15
C LYS A 114 0.35 -9.51 5.17
N ASP A 115 1.00 -9.85 4.06
CA ASP A 115 2.45 -9.83 3.92
C ASP A 115 3.01 -8.42 4.09
N PHE A 116 2.46 -7.45 3.36
CA PHE A 116 2.91 -6.09 3.49
C PHE A 116 2.62 -5.51 4.87
N ASP A 117 1.39 -5.71 5.36
CA ASP A 117 0.97 -5.18 6.66
C ASP A 117 1.83 -5.71 7.80
N SER A 118 2.16 -7.00 7.74
CA SER A 118 2.92 -7.63 8.80
C SER A 118 4.36 -7.18 8.77
N LYS A 119 5.00 -7.38 7.62
CA LYS A 119 6.39 -7.06 7.41
C LYS A 119 6.65 -5.59 7.77
N LEU A 120 5.80 -4.65 7.34
CA LEU A 120 5.96 -3.25 7.65
C LEU A 120 6.04 -3.02 9.14
N ALA A 121 5.09 -3.58 9.87
CA ALA A 121 5.02 -3.43 11.31
C ALA A 121 6.19 -4.19 11.93
N GLU A 122 6.51 -5.37 11.39
CA GLU A 122 7.64 -6.16 11.88
C GLU A 122 8.93 -5.34 11.68
N LEU A 123 9.03 -4.62 10.56
CA LEU A 123 10.18 -3.78 10.28
C LEU A 123 10.17 -2.49 11.08
N GLY A 124 9.12 -2.24 11.86
CA GLY A 124 9.04 -1.06 12.71
C GLY A 124 8.22 0.11 12.18
N GLY A 125 7.54 -0.03 11.03
CA GLY A 125 6.72 1.04 10.48
C GLY A 125 5.56 1.35 11.39
N GLU A 126 5.03 2.58 11.31
CA GLU A 126 3.87 2.99 12.08
C GLU A 126 2.62 2.80 11.21
N ARG A 127 1.74 1.89 11.65
CA ARG A 127 0.52 1.59 10.93
C ARG A 127 -0.46 2.75 11.08
N LEU A 128 -0.80 3.43 9.99
CA LEU A 128 -1.71 4.56 9.97
C LEU A 128 -3.16 4.08 10.04
N LEU A 129 -3.50 3.02 9.29
CA LEU A 129 -4.83 2.44 9.22
C LEU A 129 -4.69 0.93 9.30
N ASP A 130 -5.62 0.24 9.96
CA ASP A 130 -5.63 -1.22 10.00
C ASP A 130 -5.75 -1.66 8.54
N ARG A 131 -5.09 -2.75 8.15
CA ARG A 131 -5.12 -3.24 6.79
C ARG A 131 -6.55 -3.65 6.44
N VAL A 132 -6.89 -3.51 5.17
CA VAL A 132 -8.18 -3.94 4.68
C VAL A 132 -8.01 -5.02 3.67
N ASP A 133 -8.85 -6.03 3.80
CA ASP A 133 -8.94 -7.11 2.85
C ASP A 133 -10.26 -6.77 2.17
N ALA A 134 -10.21 -6.18 0.98
CA ALA A 134 -11.40 -5.77 0.26
C ALA A 134 -11.79 -6.85 -0.71
N ASP A 135 -13.09 -7.06 -0.91
CA ASP A 135 -13.60 -8.06 -1.82
C ASP A 135 -13.72 -7.47 -3.22
N VAL A 136 -14.25 -8.26 -4.14
CA VAL A 136 -14.41 -7.86 -5.52
C VAL A 136 -15.24 -6.56 -5.67
N GLU A 137 -16.24 -6.36 -4.80
CA GLU A 137 -17.08 -5.17 -4.65
C GLU A 137 -16.27 -4.16 -3.82
N TYR A 138 -15.03 -3.98 -4.23
CA TYR A 138 -14.08 -3.17 -3.48
C TYR A 138 -14.42 -1.67 -3.44
N GLN A 139 -15.29 -1.25 -4.36
CA GLN A 139 -15.63 0.15 -4.54
C GLN A 139 -16.02 0.85 -3.25
N ALA A 140 -16.70 0.34 -2.18
CA ALA A 140 -17.04 1.11 -0.99
C ALA A 140 -15.83 1.17 -0.05
N ALA A 141 -14.99 0.14 -0.11
CA ALA A 141 -13.79 0.04 0.70
C ALA A 141 -12.79 1.12 0.28
N ALA A 142 -12.49 1.23 -1.01
CA ALA A 142 -11.51 2.21 -1.48
C ALA A 142 -11.94 3.64 -1.13
N SER A 143 -13.22 3.96 -1.33
CA SER A 143 -13.77 5.27 -1.03
C SER A 143 -13.77 5.51 0.48
N GLU A 144 -14.32 4.61 1.33
CA GLU A 144 -14.31 4.81 2.77
C GLU A 144 -12.84 4.93 3.22
N TRP A 145 -11.99 4.05 2.69
CA TRP A 145 -10.58 4.07 3.01
C TRP A 145 -9.96 5.39 2.56
N ARG A 146 -10.26 5.83 1.35
CA ARG A 146 -9.79 7.09 0.83
C ARG A 146 -10.16 8.20 1.79
N ALA A 147 -11.44 8.26 2.19
CA ALA A 147 -11.95 9.24 3.13
C ALA A 147 -11.23 9.20 4.48
N ARG A 148 -10.71 8.04 4.90
CA ARG A 148 -10.06 7.87 6.20
C ARG A 148 -8.61 8.30 6.10
N VAL A 149 -7.96 7.96 5.01
CA VAL A 149 -6.59 8.33 4.77
C VAL A 149 -6.52 9.85 4.72
N VAL A 150 -7.43 10.51 4.01
CA VAL A 150 -7.45 11.96 3.94
C VAL A 150 -7.53 12.55 5.35
N ASP A 151 -8.53 12.14 6.13
CA ASP A 151 -8.72 12.60 7.49
C ASP A 151 -7.48 12.35 8.34
N ALA A 152 -6.85 11.18 8.18
CA ALA A 152 -5.67 10.81 8.96
C ALA A 152 -4.46 11.65 8.57
N LEU A 153 -4.24 11.83 7.27
CA LEU A 153 -3.11 12.60 6.77
C LEU A 153 -3.29 14.08 7.12
N LYS A 154 -4.52 14.58 7.05
CA LYS A 154 -4.78 15.95 7.49
C LYS A 154 -4.42 16.07 8.98
N SER A 155 -4.60 14.97 9.71
CA SER A 155 -4.27 14.88 11.13
C SER A 155 -2.82 14.46 11.36
N ARG A 156 -2.04 14.20 10.30
CA ARG A 156 -0.65 13.78 10.38
C ARG A 156 0.19 14.54 9.33
N ALA A 157 -0.21 15.79 9.09
CA ALA A 157 0.49 16.68 8.18
C ALA A 157 1.68 17.30 8.93
N1 FMN B . -7.68 -12.33 -4.28
C2 FMN B . -7.50 -12.87 -3.05
O2 FMN B . -8.06 -12.40 -2.07
N3 FMN B . -6.67 -13.96 -2.89
C4 FMN B . -5.99 -14.62 -3.88
O4 FMN B . -5.29 -15.59 -3.60
C4A FMN B . -6.18 -14.07 -5.20
N5 FMN B . -5.57 -14.65 -6.32
C5A FMN B . -5.82 -14.12 -7.55
C6 FMN B . -5.24 -14.79 -8.65
C7 FMN B . -5.49 -14.35 -9.96
C7M FMN B . -4.88 -15.10 -11.12
C8 FMN B . -6.32 -13.23 -10.16
C8M FMN B . -6.84 -12.79 -11.49
C9 FMN B . -6.78 -12.49 -9.07
C9A FMN B . -6.62 -12.95 -7.75
N10 FMN B . -7.23 -12.29 -6.69
C10 FMN B . -7.05 -12.87 -5.40
C1' FMN B . -8.03 -11.05 -6.86
C2' FMN B . -7.14 -9.79 -6.72
O2' FMN B . -6.05 -9.85 -7.61
C3' FMN B . -7.89 -8.45 -6.91
O3' FMN B . -7.15 -7.40 -6.34
C4' FMN B . -8.26 -8.07 -8.36
O4' FMN B . -9.37 -7.21 -8.32
C5' FMN B . -7.18 -7.34 -9.18
O5' FMN B . -7.05 -5.98 -8.75
P FMN B . -5.83 -5.05 -9.22
O1P FMN B . -6.25 -4.57 -10.55
O2P FMN B . -4.69 -5.99 -9.24
O3P FMN B . -5.78 -4.02 -8.17
HN3 FMN B . -6.53 -14.32 -1.95
H6 FMN B . -4.66 -15.69 -8.47
HM71 FMN B . -5.64 -15.71 -11.61
HM72 FMN B . -4.09 -15.76 -10.77
HM73 FMN B . -4.45 -14.40 -11.83
HM81 FMN B . -6.75 -13.57 -12.23
HM82 FMN B . -7.89 -12.51 -11.37
HM83 FMN B . -6.29 -11.89 -11.78
H9 FMN B . -7.30 -11.58 -9.29
H1'1 FMN B . -8.58 -11.02 -7.79
H1'2 FMN B . -8.82 -11.02 -6.12
H2' FMN B . -6.74 -9.79 -5.70
HO2' FMN B . -5.41 -10.47 -7.26
H3' FMN B . -8.83 -8.51 -6.36
HO3' FMN B . -6.83 -7.70 -5.47
H4' FMN B . -8.53 -8.97 -8.91
HO4' FMN B . -9.02 -6.37 -7.98
H5'1 FMN B . -6.23 -7.87 -9.09
H5'2 FMN B . -7.47 -7.34 -10.23
N ILE A 12 3.01 12.91 0.75
CA ILE A 12 2.51 11.54 0.86
C ILE A 12 2.93 10.74 -0.38
N THR A 13 3.39 9.50 -0.20
CA THR A 13 3.77 8.62 -1.30
C THR A 13 2.72 7.50 -1.40
N ILE A 14 2.13 7.33 -2.58
CA ILE A 14 1.15 6.27 -2.82
C ILE A 14 1.79 5.29 -3.81
N ILE A 15 1.84 4.01 -3.45
CA ILE A 15 2.36 2.94 -4.29
C ILE A 15 1.17 2.10 -4.70
N SER A 16 1.06 1.76 -5.98
CA SER A 16 -0.04 0.96 -6.49
C SER A 16 0.54 -0.32 -7.09
N ALA A 17 -0.03 -1.47 -6.74
CA ALA A 17 0.36 -2.74 -7.33
C ALA A 17 -0.92 -3.38 -7.85
N SER A 18 -1.05 -3.33 -9.17
CA SER A 18 -2.25 -3.76 -9.86
C SER A 18 -1.86 -4.71 -10.95
N GLN A 19 -2.60 -5.81 -11.07
CA GLN A 19 -2.38 -6.77 -12.14
C GLN A 19 -3.32 -6.35 -13.26
N THR A 20 -4.53 -5.91 -12.90
CA THR A 20 -5.42 -5.53 -13.98
C THR A 20 -5.42 -4.02 -14.25
N GLY A 21 -5.48 -3.15 -13.18
CA GLY A 21 -5.33 -1.68 -13.18
C GLY A 21 -6.27 -1.02 -12.15
N ASN A 22 -6.87 -1.82 -11.27
CA ASN A 22 -7.82 -1.33 -10.28
C ASN A 22 -7.16 -0.67 -9.08
N ALA A 23 -6.07 -1.19 -8.49
CA ALA A 23 -5.40 -0.45 -7.41
C ALA A 23 -4.93 0.89 -7.95
N ARG A 24 -4.67 0.97 -9.26
CA ARG A 24 -4.27 2.22 -9.88
C ARG A 24 -5.40 3.25 -9.77
N ARG A 25 -6.65 2.82 -10.08
CA ARG A 25 -7.84 3.64 -10.03
C ARG A 25 -8.12 4.21 -8.64
N VAL A 26 -8.06 3.39 -7.59
CA VAL A 26 -8.27 3.89 -6.24
C VAL A 26 -7.14 4.86 -5.88
N ALA A 27 -5.91 4.53 -6.30
CA ALA A 27 -4.74 5.33 -6.03
C ALA A 27 -4.85 6.73 -6.64
N GLU A 28 -5.29 6.79 -7.91
CA GLU A 28 -5.40 8.07 -8.59
C GLU A 28 -6.51 8.94 -7.96
N ALA A 29 -7.59 8.31 -7.51
CA ALA A 29 -8.68 9.02 -6.85
C ALA A 29 -8.17 9.58 -5.53
N LEU A 30 -7.33 8.81 -4.86
CA LEU A 30 -6.76 9.20 -3.58
C LEU A 30 -5.76 10.33 -3.77
N ARG A 31 -4.89 10.24 -4.78
CA ARG A 31 -3.95 11.34 -5.01
C ARG A 31 -4.77 12.59 -5.31
N ASP A 32 -5.86 12.42 -6.07
CA ASP A 32 -6.74 13.51 -6.41
C ASP A 32 -7.38 14.10 -5.15
N ASP A 33 -7.77 13.27 -4.19
CA ASP A 33 -8.36 13.80 -2.96
C ASP A 33 -7.32 14.63 -2.21
N LEU A 34 -6.06 14.18 -2.28
CA LEU A 34 -4.95 14.84 -1.60
C LEU A 34 -4.55 16.09 -2.38
N LEU A 35 -4.63 16.01 -3.71
CA LEU A 35 -4.41 17.16 -4.59
C LEU A 35 -5.51 18.15 -4.24
N ALA A 36 -6.76 17.66 -4.22
CA ALA A 36 -7.90 18.50 -3.89
C ALA A 36 -7.74 19.13 -2.50
N ALA A 37 -7.05 18.43 -1.59
CA ALA A 37 -6.81 18.92 -0.24
C ALA A 37 -5.57 19.80 -0.13
N LYS A 38 -4.78 19.92 -1.20
CA LYS A 38 -3.57 20.78 -1.21
C LYS A 38 -2.45 20.45 -2.20
N LEU A 39 -2.08 19.19 -2.46
CA LEU A 39 -0.92 18.77 -3.26
C LEU A 39 0.19 18.28 -2.32
N ASN A 40 1.20 17.63 -2.88
CA ASN A 40 2.37 17.04 -2.21
C ASN A 40 2.22 15.53 -2.13
N VAL A 41 1.58 14.96 -3.15
CA VAL A 41 1.34 13.53 -3.23
C VAL A 41 2.09 12.99 -4.45
N LYS A 42 2.77 11.86 -4.24
CA LYS A 42 3.58 11.19 -5.26
C LYS A 42 2.96 9.80 -5.50
N LEU A 43 2.72 9.44 -6.76
CA LEU A 43 2.16 8.16 -7.15
C LEU A 43 3.16 7.43 -8.05
N VAL A 44 3.59 6.24 -7.64
CA VAL A 44 4.50 5.40 -8.42
C VAL A 44 4.04 3.96 -8.42
N ASN A 45 4.32 3.28 -9.53
CA ASN A 45 4.02 1.87 -9.67
C ASN A 45 5.18 1.09 -9.03
N ALA A 46 4.89 -0.01 -8.35
CA ALA A 46 5.93 -0.83 -7.73
C ALA A 46 7.00 -1.27 -8.74
N GLY A 47 6.66 -1.44 -10.02
CA GLY A 47 7.61 -1.85 -11.05
C GLY A 47 8.56 -0.71 -11.42
N ASP A 48 8.15 0.54 -11.21
CA ASP A 48 8.96 1.72 -11.51
C ASP A 48 9.70 2.11 -10.24
N TYR A 49 9.31 1.56 -9.09
CA TYR A 49 9.97 1.92 -7.86
C TYR A 49 11.32 1.19 -7.79
N LYS A 50 12.37 2.03 -7.78
CA LYS A 50 13.74 1.52 -7.60
C LYS A 50 13.69 1.01 -6.15
N PHE A 51 13.33 1.98 -5.32
CA PHE A 51 12.95 1.77 -3.92
C PHE A 51 14.08 1.39 -2.96
N LYS A 52 15.33 1.28 -3.44
CA LYS A 52 16.48 1.06 -2.54
C LYS A 52 16.64 2.24 -1.55
N GLN A 53 15.93 3.34 -1.86
CA GLN A 53 15.90 4.56 -1.07
C GLN A 53 14.58 4.80 -0.36
N ILE A 54 13.60 3.89 -0.53
CA ILE A 54 12.27 3.99 0.09
C ILE A 54 12.38 4.43 1.56
N ALA A 55 13.50 4.12 2.20
CA ALA A 55 13.84 4.52 3.56
C ALA A 55 13.68 6.04 3.73
N SER A 56 13.85 6.76 2.63
CA SER A 56 13.78 8.21 2.62
C SER A 56 12.33 8.70 2.69
N GLU A 57 11.35 7.78 2.68
CA GLU A 57 9.94 8.13 2.74
C GLU A 57 9.53 8.29 4.21
N LYS A 58 8.73 9.32 4.47
CA LYS A 58 8.23 9.61 5.80
C LYS A 58 6.82 9.01 5.91
N LEU A 59 6.10 9.02 4.79
CA LEU A 59 4.71 8.59 4.72
C LEU A 59 4.56 7.84 3.41
N LEU A 60 4.09 6.60 3.50
CA LEU A 60 3.86 5.83 2.29
C LEU A 60 2.57 5.00 2.33
N ILE A 61 1.85 5.04 1.22
CA ILE A 61 0.59 4.33 1.07
C ILE A 61 0.81 3.20 0.07
N VAL A 62 0.40 1.98 0.39
CA VAL A 62 0.55 0.85 -0.52
C VAL A 62 -0.82 0.30 -0.87
N VAL A 63 -1.07 0.14 -2.17
CA VAL A 63 -2.28 -0.48 -2.66
C VAL A 63 -1.80 -1.68 -3.47
N THR A 64 -2.14 -2.90 -3.06
CA THR A 64 -1.62 -4.11 -3.68
C THR A 64 -2.70 -5.16 -3.85
N SER A 65 -2.65 -5.83 -4.99
CA SER A 65 -3.51 -6.94 -5.34
C SER A 65 -2.74 -8.21 -5.01
N THR A 66 -3.46 -9.33 -5.04
CA THR A 66 -2.91 -10.65 -4.77
C THR A 66 -3.07 -11.45 -6.06
N GLN A 67 -2.03 -12.16 -6.48
CA GLN A 67 -2.00 -12.92 -7.73
C GLN A 67 -2.29 -14.40 -7.57
N GLY A 68 -2.46 -15.09 -8.70
CA GLY A 68 -2.74 -16.53 -8.75
C GLY A 68 -1.88 -17.29 -7.72
N GLU A 69 -2.52 -18.20 -7.00
CA GLU A 69 -1.88 -18.99 -5.95
C GLU A 69 -1.37 -18.09 -4.82
N GLY A 70 -1.98 -16.90 -4.70
CA GLY A 70 -1.68 -15.88 -3.69
C GLY A 70 -0.22 -15.75 -3.27
N GLU A 71 0.59 -15.26 -4.21
CA GLU A 71 2.05 -15.20 -4.07
C GLU A 71 2.34 -13.67 -4.07
N PRO A 72 3.50 -13.18 -3.62
CA PRO A 72 3.79 -11.75 -3.62
C PRO A 72 3.48 -11.10 -5.01
N PRO A 73 2.96 -9.85 -5.05
CA PRO A 73 2.69 -9.13 -6.29
C PRO A 73 4.01 -9.11 -7.04
N GLU A 74 3.96 -9.36 -8.36
CA GLU A 74 5.14 -9.48 -9.20
C GLU A 74 5.99 -8.23 -9.03
N GLU A 75 5.38 -7.06 -9.18
CA GLU A 75 6.04 -5.80 -9.05
C GLU A 75 6.76 -5.55 -7.71
N ALA A 76 6.28 -6.25 -6.68
CA ALA A 76 6.76 -6.10 -5.32
C ALA A 76 7.55 -7.31 -4.81
N VAL A 77 7.86 -8.29 -5.67
CA VAL A 77 8.58 -9.48 -5.21
C VAL A 77 9.93 -9.09 -4.61
N ALA A 78 10.68 -8.24 -5.29
CA ALA A 78 11.98 -7.81 -4.80
C ALA A 78 11.82 -7.06 -3.49
N LEU A 79 10.81 -6.18 -3.42
CA LEU A 79 10.47 -5.39 -2.25
C LEU A 79 10.02 -6.30 -1.12
N HIS A 80 9.08 -7.20 -1.35
CA HIS A 80 8.62 -8.04 -0.26
C HIS A 80 9.73 -8.94 0.26
N LYS A 81 10.50 -9.54 -0.65
CA LYS A 81 11.61 -10.39 -0.25
C LYS A 81 12.63 -9.58 0.54
N PHE A 82 12.79 -8.32 0.16
CA PHE A 82 13.75 -7.41 0.77
C PHE A 82 13.26 -7.17 2.17
N LEU A 83 12.01 -6.79 2.28
CA LEU A 83 11.41 -6.52 3.56
C LEU A 83 11.41 -7.79 4.43
N PHE A 84 11.43 -8.97 3.81
CA PHE A 84 11.52 -10.24 4.55
C PHE A 84 12.99 -10.64 4.85
N SER A 85 13.96 -9.85 4.37
CA SER A 85 15.38 -10.09 4.53
C SER A 85 16.06 -8.89 3.85
N LYS A 86 16.37 -7.80 4.59
CA LYS A 86 16.80 -6.59 3.90
C LYS A 86 18.21 -6.66 3.32
N LYS A 87 19.26 -6.83 4.15
CA LYS A 87 20.63 -6.80 3.54
C LYS A 87 20.88 -5.39 2.90
N ALA A 88 19.92 -5.04 2.07
CA ALA A 88 19.69 -3.71 1.53
C ALA A 88 18.99 -2.89 2.65
N PRO A 89 18.91 -1.56 2.54
CA PRO A 89 18.43 -0.66 3.58
C PRO A 89 17.26 -0.97 4.55
N LYS A 90 17.51 -0.57 5.80
CA LYS A 90 16.48 -0.66 6.85
C LYS A 90 15.61 0.60 6.80
N LEU A 91 14.36 0.53 7.29
CA LEU A 91 13.42 1.64 7.33
C LEU A 91 14.00 2.69 8.28
N GLU A 92 14.15 3.93 7.81
CA GLU A 92 14.73 5.00 8.60
C GLU A 92 13.70 5.61 9.57
N ASN A 93 12.66 6.24 9.00
CA ASN A 93 11.60 6.89 9.75
C ASN A 93 10.37 6.84 8.84
N THR A 94 9.81 5.64 8.71
CA THR A 94 8.72 5.39 7.78
C THR A 94 7.40 4.90 8.41
N ALA A 95 6.30 5.58 8.07
CA ALA A 95 4.95 5.20 8.51
C ALA A 95 4.20 4.69 7.31
N PHE A 96 3.29 3.72 7.50
CA PHE A 96 2.60 3.12 6.38
C PHE A 96 1.14 2.68 6.55
N ALA A 97 0.45 2.44 5.43
CA ALA A 97 -0.91 1.93 5.41
C ALA A 97 -1.08 1.11 4.13
N VAL A 98 -1.75 -0.03 4.27
CA VAL A 98 -1.95 -0.99 3.17
C VAL A 98 -3.42 -1.21 2.83
N PHE A 99 -3.76 -1.21 1.53
CA PHE A 99 -5.12 -1.49 1.05
C PHE A 99 -5.00 -2.60 0.01
N SER A 100 -5.82 -3.65 0.13
CA SER A 100 -5.74 -4.76 -0.82
C SER A 100 -7.02 -5.15 -1.54
N LEU A 101 -6.86 -5.49 -2.82
CA LEU A 101 -7.99 -5.89 -3.67
C LEU A 101 -7.92 -7.36 -4.00
N GLY A 102 -9.02 -8.09 -3.78
CA GLY A 102 -9.06 -9.51 -4.06
C GLY A 102 -10.47 -10.09 -4.18
N ASP A 103 -10.60 -11.41 -3.99
CA ASP A 103 -11.90 -12.07 -4.01
C ASP A 103 -11.96 -13.24 -3.05
N THR A 104 -12.97 -13.21 -2.18
CA THR A 104 -13.21 -14.22 -1.17
C THR A 104 -13.24 -15.63 -1.76
N SER A 105 -13.63 -15.77 -3.04
CA SER A 105 -13.69 -17.07 -3.70
C SER A 105 -12.32 -17.77 -3.72
N TYR A 106 -11.24 -17.00 -3.76
CA TYR A 106 -9.89 -17.54 -3.80
C TYR A 106 -9.50 -17.98 -2.39
N GLU A 107 -8.65 -19.01 -2.29
CA GLU A 107 -8.17 -19.50 -1.01
C GLU A 107 -7.31 -18.47 -0.26
N PHE A 108 -6.40 -17.84 -1.01
CA PHE A 108 -5.49 -16.83 -0.51
C PHE A 108 -6.11 -15.46 -0.76
N PHE A 109 -7.22 -15.18 -0.07
CA PHE A 109 -7.88 -13.91 -0.25
C PHE A 109 -7.07 -12.80 0.44
N CYS A 110 -6.43 -11.95 -0.36
CA CYS A 110 -5.69 -10.80 0.17
C CYS A 110 -4.34 -11.16 0.81
N GLN A 111 -3.73 -12.28 0.41
CA GLN A 111 -2.44 -12.72 0.96
C GLN A 111 -1.33 -11.67 0.91
N SER A 112 -1.32 -10.85 -0.14
CA SER A 112 -0.29 -9.84 -0.29
C SER A 112 -0.39 -8.73 0.74
N GLY A 113 -1.63 -8.35 1.04
CA GLY A 113 -1.89 -7.29 2.00
C GLY A 113 -1.40 -7.68 3.39
N LYS A 114 -1.81 -8.86 3.88
CA LYS A 114 -1.41 -9.30 5.20
C LYS A 114 0.12 -9.40 5.30
N ASP A 115 0.80 -9.75 4.20
CA ASP A 115 2.27 -9.85 4.18
C ASP A 115 2.93 -8.49 4.24
N PHE A 116 2.49 -7.54 3.42
CA PHE A 116 3.06 -6.21 3.46
C PHE A 116 2.84 -5.61 4.85
N ASP A 117 1.63 -5.79 5.38
CA ASP A 117 1.29 -5.25 6.69
C ASP A 117 2.16 -5.82 7.81
N SER A 118 2.51 -7.10 7.70
CA SER A 118 3.27 -7.76 8.75
C SER A 118 4.75 -7.40 8.74
N LYS A 119 5.42 -7.65 7.61
CA LYS A 119 6.85 -7.41 7.48
C LYS A 119 7.20 -5.97 7.84
N LEU A 120 6.40 -5.02 7.38
CA LEU A 120 6.57 -3.60 7.66
C LEU A 120 6.58 -3.33 9.14
N ALA A 121 5.60 -3.88 9.83
CA ALA A 121 5.47 -3.73 11.26
C ALA A 121 6.63 -4.50 11.92
N GLU A 122 6.97 -5.69 11.40
CA GLU A 122 8.09 -6.45 11.92
C GLU A 122 9.39 -5.65 11.75
N LEU A 123 9.51 -4.94 10.63
CA LEU A 123 10.68 -4.10 10.35
C LEU A 123 10.66 -2.80 11.15
N GLY A 124 9.58 -2.54 11.89
CA GLY A 124 9.50 -1.34 12.71
C GLY A 124 8.75 -0.15 12.11
N GLY A 125 8.17 -0.26 10.91
CA GLY A 125 7.44 0.85 10.31
C GLY A 125 6.25 1.18 11.21
N GLU A 126 5.74 2.43 11.18
CA GLU A 126 4.58 2.81 11.97
C GLU A 126 3.31 2.69 11.14
N ARG A 127 2.39 1.83 11.57
CA ARG A 127 1.14 1.62 10.85
C ARG A 127 0.18 2.81 11.06
N LEU A 128 -0.14 3.53 9.98
CA LEU A 128 -1.05 4.65 9.97
C LEU A 128 -2.48 4.16 10.11
N LEU A 129 -2.83 3.10 9.37
CA LEU A 129 -4.17 2.55 9.31
C LEU A 129 -4.06 1.03 9.26
N ASP A 130 -5.02 0.33 9.88
CA ASP A 130 -5.07 -1.12 9.84
C ASP A 130 -5.24 -1.49 8.37
N ARG A 131 -4.58 -2.58 7.93
CA ARG A 131 -4.65 -3.01 6.56
C ARG A 131 -6.09 -3.29 6.18
N VAL A 132 -6.47 -2.90 4.96
CA VAL A 132 -7.83 -3.08 4.48
C VAL A 132 -7.80 -4.08 3.35
N ASP A 133 -8.64 -5.11 3.47
CA ASP A 133 -8.83 -6.15 2.48
C ASP A 133 -10.14 -5.75 1.80
N ALA A 134 -10.14 -5.72 0.48
CA ALA A 134 -11.30 -5.34 -0.29
C ALA A 134 -11.65 -6.46 -1.23
N ASP A 135 -12.94 -6.75 -1.37
CA ASP A 135 -13.43 -7.79 -2.24
C ASP A 135 -13.59 -7.19 -3.63
N VAL A 136 -14.14 -7.96 -4.56
CA VAL A 136 -14.32 -7.49 -5.93
C VAL A 136 -15.16 -6.19 -5.98
N GLU A 137 -16.15 -6.04 -5.10
CA GLU A 137 -17.00 -4.87 -4.87
C GLU A 137 -16.18 -3.87 -4.03
N TYR A 138 -14.94 -3.67 -4.44
CA TYR A 138 -14.00 -2.87 -3.67
C TYR A 138 -14.34 -1.38 -3.60
N GLN A 139 -15.17 -0.93 -4.53
CA GLN A 139 -15.47 0.49 -4.68
C GLN A 139 -15.89 1.16 -3.38
N ALA A 140 -16.61 0.65 -2.35
CA ALA A 140 -16.96 1.41 -1.15
C ALA A 140 -15.78 1.43 -0.18
N ALA A 141 -14.95 0.37 -0.21
CA ALA A 141 -13.79 0.23 0.65
C ALA A 141 -12.74 1.27 0.27
N ALA A 142 -12.43 1.36 -1.02
CA ALA A 142 -11.46 2.33 -1.53
C ALA A 142 -11.88 3.74 -1.12
N SER A 143 -13.14 4.06 -1.34
CA SER A 143 -13.69 5.36 -1.00
C SER A 143 -13.62 5.57 0.51
N GLU A 144 -14.14 4.65 1.34
CA GLU A 144 -14.09 4.81 2.79
C GLU A 144 -12.62 4.90 3.25
N TRP A 145 -11.77 4.03 2.72
CA TRP A 145 -10.35 4.02 3.05
C TRP A 145 -9.72 5.33 2.63
N ARG A 146 -9.99 5.77 1.41
CA ARG A 146 -9.50 7.04 0.89
C ARG A 146 -9.85 8.14 1.89
N ALA A 147 -11.11 8.16 2.35
CA ALA A 147 -11.58 9.12 3.32
C ALA A 147 -10.81 9.07 4.66
N ARG A 148 -10.23 7.92 5.03
CA ARG A 148 -9.52 7.77 6.30
C ARG A 148 -8.08 8.24 6.18
N VAL A 149 -7.39 7.89 5.09
CA VAL A 149 -6.01 8.31 4.96
C VAL A 149 -6.02 9.82 4.87
N VAL A 150 -6.93 10.43 4.12
CA VAL A 150 -6.99 11.86 4.00
C VAL A 150 -7.09 12.45 5.42
N ASP A 151 -8.11 12.01 6.19
CA ASP A 151 -8.31 12.46 7.55
C ASP A 151 -7.11 12.16 8.45
N ALA A 152 -6.48 10.99 8.31
CA ALA A 152 -5.35 10.60 9.15
C ALA A 152 -4.11 11.42 8.80
N LEU A 153 -3.87 11.59 7.51
CA LEU A 153 -2.73 12.33 7.01
C LEU A 153 -2.84 13.80 7.46
N LYS A 154 -4.06 14.35 7.45
CA LYS A 154 -4.24 15.72 7.97
C LYS A 154 -3.66 15.81 9.38
N SER A 155 -3.89 14.79 10.21
CA SER A 155 -3.39 14.74 11.57
C SER A 155 -1.95 14.23 11.67
N ARG A 156 -1.32 13.86 10.54
CA ARG A 156 0.05 13.34 10.51
C ARG A 156 0.92 14.09 9.50
N ALA A 157 0.48 15.28 9.06
CA ALA A 157 1.21 16.11 8.11
C ALA A 157 1.44 17.48 8.78
N1 FMN B . -7.01 -11.94 -5.28
C2 FMN B . -6.91 -12.62 -4.10
O2 FMN B . -7.23 -12.10 -3.04
N3 FMN B . -6.43 -13.90 -4.10
C4 FMN B . -6.03 -14.64 -5.20
O4 FMN B . -5.62 -15.79 -5.02
C4A FMN B . -6.12 -13.93 -6.46
N5 FMN B . -5.73 -14.52 -7.67
C5A FMN B . -5.76 -13.80 -8.81
C6 FMN B . -5.36 -14.46 -9.98
C7 FMN B . -5.38 -13.82 -11.22
C7M FMN B . -5.09 -14.60 -12.48
C8 FMN B . -5.69 -12.45 -11.28
C8M FMN B . -5.70 -11.69 -12.60
C9 FMN B . -6.07 -11.76 -10.11
C9A FMN B . -6.16 -12.43 -8.86
N10 FMN B . -6.59 -11.78 -7.71
C10 FMN B . -6.61 -12.52 -6.49
C1' FMN B . -6.85 -10.31 -7.67
C2' FMN B . -8.16 -9.96 -8.38
O2' FMN B . -9.25 -10.14 -7.49
C3' FMN B . -8.19 -8.53 -8.95
O3' FMN B . -9.52 -8.43 -9.42
C4' FMN B . -7.93 -7.40 -7.92
O4' FMN B . -6.63 -7.46 -7.35
C5' FMN B . -8.19 -6.02 -8.54
O5' FMN B . -7.34 -5.67 -9.63
P FMN B . -5.84 -5.08 -9.45
O1P FMN B . -5.71 -4.16 -10.59
O2P FMN B . -4.99 -6.27 -9.55
O3P FMN B . -5.87 -4.40 -8.13
HN3 FMN B . -6.27 -14.31 -3.18
H6 FMN B . -5.05 -15.49 -9.91
HM71 FMN B . -4.13 -14.31 -12.89
HM72 FMN B . -5.87 -14.42 -13.22
HM73 FMN B . -5.07 -15.67 -12.27
HM81 FMN B . -6.70 -11.73 -13.03
HM82 FMN B . -5.43 -10.65 -12.45
HM83 FMN B . -4.98 -12.12 -13.30
H9 FMN B . -6.29 -10.71 -10.20
H1'1 FMN B . -6.85 -9.91 -6.67
H1'2 FMN B . -6.02 -9.82 -8.20
H2' FMN B . -8.32 -10.65 -9.22
HO2' FMN B . -8.98 -10.82 -6.85
H3' FMN B . -7.49 -8.44 -9.77
HO3' FMN B . -10.05 -8.92 -8.77
H4' FMN B . -8.64 -7.57 -7.10
HO4' FMN B . -6.70 -7.67 -6.42
H5'1 FMN B . -8.14 -5.25 -7.77
H5'2 FMN B . -9.21 -6.00 -8.92
#